data_3ML6
#
_entry.id   3ML6
#
_cell.length_a   292.371
_cell.length_b   98.137
_cell.length_c   171.322
_cell.angle_alpha   90.00
_cell.angle_beta   121.97
_cell.angle_gamma   90.00
#
_symmetry.space_group_name_H-M   'C 1 2 1'
#
_entity_poly.entity_id   1
_entity_poly.type   'polypeptide(L)'
_entity_poly.pdbx_seq_one_letter_code
;GALSVHMDMASVTKAMAAPESGLEVRDRMWLKITIPNAFLGSDVVDWLYHHVEGFPERREARKYASGLLKAGLIRHTVNK
ITFSEQCYYVFGDLSGGPRPYSPQPPPYHELEFGGSGGSRNELFLDVLESVNLLMSPQGQVLSAHVSGRVVMKSYLSGMP
ECKFGMNDKIVIEKQGKGTADETSKSGKQSIAIDDCTFHQCVRLSKFDSERSISFIPPDGEFELMRYRTTKDIILPFRVI
PLVREVGRTKLEVKVVIKSNFKPSLLAQKIEVRIPTPLNTSGVQVICMKGKAKYKASENAIVWKIKRMAGMKESQISAEI
ELLPTNDKKKWARPPISMNFEVPFAPSGLKVRYLKVFEPKLNYSDHDVIKWVRYIGRSGIYETRC
;
_entity_poly.pdbx_strand_id   A,B,C,D,E,F
#
# COMPACT_ATOMS: atom_id res chain seq x y z
N MET A 7 10.71 30.84 -43.43
CA MET A 7 11.40 30.35 -42.19
C MET A 7 11.86 28.90 -42.43
N ASP A 8 12.58 28.32 -41.48
CA ASP A 8 13.09 26.92 -41.59
C ASP A 8 12.03 25.91 -41.10
N MET A 9 12.09 24.69 -41.65
CA MET A 9 11.13 23.66 -41.27
C MET A 9 11.15 23.37 -39.79
N ALA A 10 12.35 23.19 -39.25
CA ALA A 10 12.53 22.91 -37.82
C ALA A 10 11.82 23.91 -36.93
N SER A 11 11.96 25.20 -37.23
CA SER A 11 11.32 26.23 -36.43
C SER A 11 9.79 26.16 -36.54
N VAL A 12 9.30 25.89 -37.75
CA VAL A 12 7.86 25.79 -37.99
C VAL A 12 7.23 24.76 -37.07
N THR A 13 7.74 23.54 -37.10
CA THR A 13 7.20 22.48 -36.27
C THR A 13 7.27 22.91 -34.81
N LYS A 14 8.42 23.46 -34.44
CA LYS A 14 8.66 23.94 -33.08
C LYS A 14 7.55 24.88 -32.64
N ALA A 15 6.84 25.43 -33.61
CA ALA A 15 5.73 26.34 -33.34
C ALA A 15 4.55 25.58 -32.78
N MET A 16 4.18 24.49 -33.47
CA MET A 16 3.07 23.66 -33.04
C MET A 16 3.41 23.13 -31.65
N ALA A 17 4.72 22.90 -31.45
CA ALA A 17 5.27 22.41 -30.20
C ALA A 17 4.74 23.11 -28.94
N ALA A 18 4.88 24.43 -28.89
CA ALA A 18 4.40 25.19 -27.74
C ALA A 18 3.01 24.65 -27.36
N PRO A 19 2.83 24.24 -26.10
CA PRO A 19 1.56 23.69 -25.63
C PRO A 19 0.35 24.62 -25.82
N GLU A 20 0.66 25.89 -26.03
CA GLU A 20 -0.36 26.91 -26.21
C GLU A 20 -0.77 27.06 -27.68
N SER A 21 0.12 26.66 -28.59
CA SER A 21 -0.16 26.76 -30.03
C SER A 21 -1.52 26.13 -30.39
N GLY A 22 -1.98 26.38 -31.62
CA GLY A 22 -3.25 25.84 -32.06
C GLY A 22 -3.38 24.33 -32.06
N LEU A 23 -2.46 23.65 -32.74
CA LEU A 23 -2.45 22.19 -32.85
C LEU A 23 -2.75 21.41 -31.57
N GLU A 24 -3.78 20.57 -31.64
CA GLU A 24 -4.17 19.75 -30.50
C GLU A 24 -3.28 18.52 -30.45
N VAL A 25 -2.66 18.27 -29.30
CA VAL A 25 -1.78 17.12 -29.14
C VAL A 25 -2.04 16.43 -27.81
N ARG A 26 -2.61 15.23 -27.86
CA ARG A 26 -2.94 14.51 -26.63
C ARG A 26 -2.66 13.01 -26.77
N ASP A 27 -2.69 12.31 -25.65
CA ASP A 27 -2.44 10.88 -25.64
C ASP A 27 -3.64 10.16 -26.22
N ARG A 28 -3.43 9.45 -27.33
CA ARG A 28 -4.49 8.72 -27.99
C ARG A 28 -4.30 7.22 -27.79
N MET A 29 -5.40 6.48 -27.81
CA MET A 29 -5.31 5.05 -27.57
C MET A 29 -5.76 4.22 -28.76
N TRP A 30 -4.83 3.46 -29.32
CA TRP A 30 -5.06 2.61 -30.49
C TRP A 30 -4.89 1.13 -30.11
N LEU A 31 -5.91 0.32 -30.35
CA LEU A 31 -5.85 -1.09 -30.00
C LEU A 31 -5.61 -1.12 -28.50
N LYS A 32 -4.68 -1.97 -28.06
CA LYS A 32 -4.38 -2.04 -26.63
C LYS A 32 -3.48 -0.87 -26.25
N ILE A 33 -2.51 -0.57 -27.11
CA ILE A 33 -1.55 0.50 -26.90
C ILE A 33 -2.18 1.85 -26.61
N THR A 34 -1.34 2.81 -26.22
CA THR A 34 -1.75 4.19 -25.91
C THR A 34 -0.66 5.13 -26.37
N ILE A 35 -0.82 5.71 -27.56
CA ILE A 35 0.19 6.60 -28.09
C ILE A 35 0.28 7.92 -27.36
N PRO A 36 1.49 8.25 -26.87
CA PRO A 36 1.80 9.47 -26.14
C PRO A 36 1.91 10.73 -27.00
N ASN A 37 1.27 11.80 -26.55
CA ASN A 37 1.32 13.07 -27.25
C ASN A 37 1.31 12.90 -28.76
N ALA A 38 0.14 12.53 -29.28
CA ALA A 38 -0.08 12.30 -30.69
C ALA A 38 -1.18 13.22 -31.21
N PHE A 39 -1.10 13.54 -32.49
CA PHE A 39 -2.06 14.43 -33.12
C PHE A 39 -2.50 13.87 -34.48
N LEU A 40 -3.68 14.28 -34.94
CA LEU A 40 -4.18 13.78 -36.22
C LEU A 40 -3.50 14.46 -37.39
N GLY A 41 -3.22 13.68 -38.43
CA GLY A 41 -2.57 14.22 -39.60
C GLY A 41 -3.33 15.34 -40.30
N SER A 42 -4.59 15.53 -39.91
CA SER A 42 -5.43 16.56 -40.49
C SER A 42 -5.15 17.87 -39.80
N ASP A 43 -5.30 17.87 -38.48
CA ASP A 43 -5.08 19.05 -37.67
C ASP A 43 -3.76 19.70 -38.00
N VAL A 44 -2.83 18.92 -38.56
CA VAL A 44 -1.54 19.45 -38.94
C VAL A 44 -1.64 20.32 -40.19
N VAL A 45 -2.42 19.88 -41.16
CA VAL A 45 -2.60 20.65 -42.39
C VAL A 45 -3.43 21.87 -42.06
N ASP A 46 -4.36 21.72 -41.11
CA ASP A 46 -5.19 22.85 -40.69
C ASP A 46 -4.27 23.91 -40.12
N TRP A 47 -3.75 23.65 -38.94
CA TRP A 47 -2.83 24.56 -38.24
C TRP A 47 -1.69 25.02 -39.17
N LEU A 48 -1.37 24.18 -40.15
CA LEU A 48 -0.33 24.47 -41.13
C LEU A 48 -0.63 25.76 -41.89
N TYR A 49 -1.85 25.90 -42.40
CA TYR A 49 -2.21 27.08 -43.18
C TYR A 49 -2.87 28.15 -42.34
N HIS A 50 -3.72 27.73 -41.40
CA HIS A 50 -4.45 28.64 -40.54
C HIS A 50 -3.52 29.60 -39.79
N HIS A 51 -2.38 29.09 -39.36
CA HIS A 51 -1.41 29.89 -38.60
C HIS A 51 -0.08 30.07 -39.33
N VAL A 52 0.19 29.23 -40.33
CA VAL A 52 1.43 29.33 -41.10
C VAL A 52 1.15 30.05 -42.41
N GLU A 53 1.76 31.23 -42.61
CA GLU A 53 1.53 31.97 -43.85
C GLU A 53 2.58 31.74 -44.92
N GLY A 54 2.13 31.89 -46.16
CA GLY A 54 2.98 31.67 -47.32
C GLY A 54 2.36 30.51 -48.09
N PHE A 55 1.13 30.16 -47.67
CA PHE A 55 0.39 29.07 -48.27
C PHE A 55 -0.80 29.56 -49.09
N PRO A 56 -0.81 29.25 -50.41
CA PRO A 56 -1.92 29.66 -51.29
C PRO A 56 -3.22 28.91 -50.94
N GLU A 57 -3.17 27.59 -51.03
CA GLU A 57 -4.33 26.78 -50.72
C GLU A 57 -4.00 25.71 -49.68
N ARG A 58 -5.04 25.05 -49.16
CA ARG A 58 -4.87 24.00 -48.17
C ARG A 58 -4.23 22.78 -48.82
N ARG A 59 -4.09 22.85 -50.14
CA ARG A 59 -3.48 21.77 -50.91
C ARG A 59 -1.96 21.93 -50.83
N GLU A 60 -1.54 23.13 -50.42
CA GLU A 60 -0.12 23.43 -50.29
C GLU A 60 0.32 23.20 -48.85
N ALA A 61 -0.61 23.42 -47.92
CA ALA A 61 -0.36 23.23 -46.51
C ALA A 61 -0.16 21.75 -46.24
N ARG A 62 -0.73 20.92 -47.10
CA ARG A 62 -0.63 19.48 -46.96
C ARG A 62 0.64 18.98 -47.63
N LYS A 63 1.04 19.63 -48.72
CA LYS A 63 2.25 19.24 -49.43
C LYS A 63 3.43 19.47 -48.49
N TYR A 64 3.33 20.53 -47.68
CA TYR A 64 4.37 20.86 -46.73
C TYR A 64 4.39 19.82 -45.62
N ALA A 65 3.20 19.52 -45.10
CA ALA A 65 3.09 18.54 -44.04
C ALA A 65 3.77 17.25 -44.49
N SER A 66 3.55 16.88 -45.74
CA SER A 66 4.16 15.66 -46.27
C SER A 66 5.67 15.82 -46.28
N GLY A 67 6.11 17.07 -46.37
CA GLY A 67 7.54 17.34 -46.37
C GLY A 67 8.14 17.10 -45.01
N LEU A 68 7.41 17.49 -43.97
CA LEU A 68 7.85 17.30 -42.61
C LEU A 68 7.92 15.81 -42.26
N LEU A 69 7.08 15.00 -42.87
CA LEU A 69 7.08 13.56 -42.61
C LEU A 69 8.34 12.95 -43.19
N LYS A 70 8.71 13.37 -44.40
CA LYS A 70 9.91 12.84 -45.02
C LYS A 70 11.10 13.47 -44.31
N ALA A 71 10.88 14.69 -43.80
CA ALA A 71 11.91 15.44 -43.08
C ALA A 71 12.26 14.82 -41.74
N GLY A 72 11.28 14.21 -41.10
CA GLY A 72 11.53 13.61 -39.81
C GLY A 72 10.96 14.41 -38.67
N LEU A 73 10.74 15.70 -38.88
CA LEU A 73 10.21 16.54 -37.82
C LEU A 73 8.91 15.96 -37.28
N ILE A 74 8.28 15.11 -38.08
CA ILE A 74 7.03 14.45 -37.70
C ILE A 74 7.09 12.97 -38.08
N ARG A 75 6.94 12.10 -37.10
CA ARG A 75 7.04 10.68 -37.36
C ARG A 75 5.70 10.00 -37.43
N HIS A 76 5.64 8.99 -38.29
CA HIS A 76 4.44 8.21 -38.51
C HIS A 76 4.25 7.23 -37.37
N THR A 77 3.11 7.31 -36.69
CA THR A 77 2.81 6.42 -35.58
C THR A 77 3.07 4.96 -35.90
N VAL A 78 2.51 4.47 -37.01
CA VAL A 78 2.72 3.09 -37.42
C VAL A 78 3.32 3.08 -38.83
N ASN A 79 4.36 2.26 -39.01
CA ASN A 79 5.05 2.17 -40.29
C ASN A 79 4.24 2.40 -41.56
N LYS A 80 4.47 3.55 -42.17
CA LYS A 80 3.80 3.91 -43.41
C LYS A 80 4.66 4.95 -44.09
N ILE A 81 4.85 4.79 -45.39
CA ILE A 81 5.69 5.69 -46.18
C ILE A 81 4.98 6.98 -46.63
N THR A 82 3.79 6.83 -47.20
CA THR A 82 3.02 7.96 -47.70
C THR A 82 2.37 8.75 -46.56
N PHE A 83 2.31 10.06 -46.72
CA PHE A 83 1.71 10.90 -45.70
C PHE A 83 0.19 10.90 -45.75
N SER A 84 -0.45 10.17 -44.85
CA SER A 84 -1.91 10.13 -44.82
C SER A 84 -2.39 11.29 -43.96
N GLU A 85 -3.69 11.53 -43.94
CA GLU A 85 -4.21 12.63 -43.15
C GLU A 85 -5.18 12.10 -42.11
N GLN A 86 -5.51 10.82 -42.21
CA GLN A 86 -6.44 10.22 -41.29
C GLN A 86 -5.78 9.25 -40.32
N CYS A 87 -4.52 9.54 -39.99
CA CYS A 87 -3.76 8.72 -39.06
C CYS A 87 -2.94 9.61 -38.10
N TYR A 88 -2.73 9.14 -36.89
CA TYR A 88 -1.99 9.90 -35.89
C TYR A 88 -0.49 10.01 -36.11
N TYR A 89 0.11 11.05 -35.54
CA TYR A 89 1.55 11.28 -35.67
C TYR A 89 2.13 11.77 -34.37
N VAL A 90 3.45 11.66 -34.23
CA VAL A 90 4.15 12.12 -33.03
C VAL A 90 5.40 12.85 -33.49
N PHE A 91 5.80 13.86 -32.74
CA PHE A 91 6.96 14.65 -33.10
C PHE A 91 8.28 13.88 -33.15
N GLY A 92 9.27 14.49 -33.79
CA GLY A 92 10.59 13.88 -33.89
C GLY A 92 11.55 14.70 -33.05
N ASP A 93 12.85 14.59 -33.31
CA ASP A 93 13.81 15.35 -32.52
C ASP A 93 13.86 16.77 -33.04
N LEU A 94 13.22 17.67 -32.33
CA LEU A 94 13.20 19.07 -32.72
C LEU A 94 14.45 19.82 -32.27
N SER A 95 15.23 19.19 -31.40
CA SER A 95 16.46 19.81 -30.91
C SER A 95 17.57 19.64 -31.92
N GLY A 96 18.81 19.87 -31.49
CA GLY A 96 19.95 19.72 -32.39
C GLY A 96 20.27 18.26 -32.72
N PRO A 103 26.43 4.76 -33.89
CA PRO A 103 26.18 4.47 -32.44
C PRO A 103 25.10 3.39 -32.16
N GLN A 104 25.35 2.15 -32.63
CA GLN A 104 24.44 1.00 -32.48
C GLN A 104 25.05 -0.29 -31.83
N PRO A 105 25.03 -0.37 -30.47
CA PRO A 105 25.54 -1.52 -29.69
C PRO A 105 24.60 -2.73 -29.65
N PRO A 106 25.16 -3.96 -29.57
CA PRO A 106 24.38 -5.20 -29.55
C PRO A 106 23.49 -5.40 -28.32
N PRO A 107 22.16 -5.51 -28.53
CA PRO A 107 21.11 -5.68 -27.51
C PRO A 107 21.16 -6.96 -26.70
N TYR A 108 20.53 -6.93 -25.53
CA TYR A 108 20.47 -8.08 -24.66
C TYR A 108 19.31 -8.96 -25.06
N HIS A 109 18.95 -9.92 -24.20
CA HIS A 109 17.87 -10.84 -24.48
C HIS A 109 17.45 -11.57 -23.23
N GLU A 110 16.19 -11.85 -23.10
CA GLU A 110 15.71 -12.54 -21.93
C GLU A 110 16.27 -13.94 -21.94
N LEU A 111 16.83 -14.36 -20.81
CA LEU A 111 17.40 -15.69 -20.71
C LEU A 111 16.32 -16.77 -20.68
N GLU A 112 16.33 -17.63 -21.69
CA GLU A 112 15.38 -18.73 -21.76
C GLU A 112 16.15 -20.04 -21.68
N PHE A 113 15.44 -21.17 -21.79
CA PHE A 113 16.11 -22.45 -21.72
C PHE A 113 16.51 -22.84 -23.12
N GLY A 114 17.57 -22.23 -23.65
CA GLY A 114 17.77 -22.39 -25.08
C GLY A 114 16.64 -21.73 -25.87
N GLY A 115 16.53 -20.41 -25.76
CA GLY A 115 15.48 -19.70 -26.47
C GLY A 115 15.76 -18.20 -26.60
N SER A 116 15.10 -17.57 -27.56
CA SER A 116 15.27 -16.15 -27.80
C SER A 116 14.24 -15.30 -27.06
N GLY A 117 14.61 -14.86 -25.86
CA GLY A 117 13.75 -14.00 -25.06
C GLY A 117 13.73 -12.61 -25.68
N GLY A 118 12.59 -11.95 -25.61
CA GLY A 118 12.44 -10.66 -26.26
C GLY A 118 13.54 -9.67 -25.91
N SER A 119 13.97 -8.89 -26.90
CA SER A 119 14.98 -7.85 -26.65
C SER A 119 14.72 -7.09 -25.35
N ARG A 120 15.81 -6.64 -24.73
CA ARG A 120 15.76 -5.87 -23.50
C ARG A 120 15.42 -4.44 -23.76
N ASN A 121 14.55 -3.89 -22.92
CA ASN A 121 14.11 -2.51 -23.04
C ASN A 121 13.62 -1.99 -21.70
N GLU A 122 14.54 -1.48 -20.88
CA GLU A 122 14.23 -0.93 -19.56
C GLU A 122 14.86 0.43 -19.36
N LEU A 123 14.46 1.09 -18.29
CA LEU A 123 14.97 2.41 -18.00
C LEU A 123 15.03 2.60 -16.50
N PHE A 124 15.88 3.53 -16.05
CA PHE A 124 16.01 3.81 -14.64
C PHE A 124 15.82 5.27 -14.31
N LEU A 125 14.98 5.53 -13.31
CA LEU A 125 14.71 6.88 -12.88
C LEU A 125 15.23 7.11 -11.47
N ASP A 126 16.10 8.11 -11.30
CA ASP A 126 16.62 8.42 -9.99
C ASP A 126 16.25 9.85 -9.61
N VAL A 127 15.62 10.01 -8.47
CA VAL A 127 15.27 11.34 -7.99
C VAL A 127 16.21 11.65 -6.83
N LEU A 128 17.16 12.56 -7.04
CA LEU A 128 18.13 12.89 -6.01
C LEU A 128 17.98 14.28 -5.43
N GLU A 129 17.44 14.38 -4.24
CA GLU A 129 17.29 15.69 -3.63
C GLU A 129 18.18 15.81 -2.40
N SER A 130 18.46 17.04 -1.99
CA SER A 130 19.29 17.32 -0.81
C SER A 130 18.58 18.38 0.01
N VAL A 131 18.19 18.06 1.24
CA VAL A 131 17.49 19.01 2.09
C VAL A 131 18.43 19.84 2.92
N ASN A 132 18.12 21.13 3.02
CA ASN A 132 18.94 22.07 3.78
C ASN A 132 18.04 22.87 4.69
N LEU A 133 18.30 22.78 5.99
CA LEU A 133 17.51 23.49 6.98
C LEU A 133 18.38 24.16 8.02
N LEU A 134 17.77 25.06 8.79
CA LEU A 134 18.45 25.80 9.84
C LEU A 134 17.35 26.17 10.81
N MET A 135 16.89 25.17 11.56
CA MET A 135 15.82 25.35 12.52
C MET A 135 16.32 26.03 13.79
N SER A 136 15.43 26.74 14.49
CA SER A 136 15.79 27.44 15.73
C SER A 136 15.59 26.51 16.91
N PRO A 137 16.14 26.86 18.07
CA PRO A 137 16.02 26.05 19.27
C PRO A 137 14.63 25.47 19.58
N GLN A 138 13.58 26.22 19.26
CA GLN A 138 12.21 25.76 19.54
C GLN A 138 11.43 25.17 18.37
N GLY A 139 12.08 25.01 17.22
CA GLY A 139 11.39 24.45 16.07
C GLY A 139 11.19 25.48 14.96
N GLN A 140 11.30 26.75 15.32
CA GLN A 140 11.12 27.83 14.36
C GLN A 140 12.08 27.68 13.20
N VAL A 141 11.59 27.16 12.10
CA VAL A 141 12.40 26.97 10.90
C VAL A 141 12.79 28.31 10.32
N LEU A 142 14.08 28.50 10.14
CA LEU A 142 14.60 29.74 9.58
C LEU A 142 14.95 29.54 8.10
N SER A 143 16.00 28.78 7.82
CA SER A 143 16.39 28.51 6.45
C SER A 143 15.68 27.22 6.03
N ALA A 144 15.48 27.03 4.73
CA ALA A 144 14.81 25.83 4.26
C ALA A 144 14.66 25.78 2.74
N HIS A 145 15.23 24.76 2.12
CA HIS A 145 15.13 24.57 0.69
C HIS A 145 15.71 23.23 0.27
N VAL A 146 15.21 22.69 -0.85
CA VAL A 146 15.67 21.42 -1.38
C VAL A 146 16.27 21.59 -2.76
N SER A 147 17.46 21.03 -2.97
CA SER A 147 18.12 21.14 -4.26
C SER A 147 18.06 19.77 -4.89
N GLY A 148 17.20 19.60 -5.88
CA GLY A 148 17.06 18.29 -6.51
C GLY A 148 17.39 18.18 -8.00
N ARG A 149 17.40 16.95 -8.49
CA ARG A 149 17.72 16.66 -9.88
C ARG A 149 17.22 15.26 -10.19
N VAL A 150 16.65 15.07 -11.38
CA VAL A 150 16.14 13.76 -11.80
C VAL A 150 17.07 13.18 -12.86
N VAL A 151 17.77 12.11 -12.52
CA VAL A 151 18.69 11.50 -13.47
C VAL A 151 18.01 10.33 -14.14
N MET A 152 18.43 9.96 -15.34
CA MET A 152 17.82 8.83 -16.03
C MET A 152 18.77 8.01 -16.87
N LYS A 153 18.72 6.69 -16.68
CA LYS A 153 19.54 5.78 -17.46
C LYS A 153 18.57 5.23 -18.48
N SER A 154 18.85 5.43 -19.76
CA SER A 154 17.98 4.95 -20.81
C SER A 154 18.56 3.78 -21.57
N TYR A 155 17.79 2.71 -21.61
CA TYR A 155 18.18 1.52 -22.33
C TYR A 155 16.98 1.14 -23.16
N LEU A 156 16.59 2.07 -24.03
CA LEU A 156 15.45 1.90 -24.91
C LEU A 156 15.97 1.84 -26.35
N SER A 157 15.44 0.91 -27.13
CA SER A 157 15.87 0.72 -28.51
C SER A 157 15.33 1.75 -29.48
N GLY A 158 16.23 2.40 -30.21
CA GLY A 158 15.81 3.40 -31.18
C GLY A 158 15.67 4.82 -30.66
N MET A 159 14.50 5.40 -30.90
CA MET A 159 14.20 6.76 -30.46
C MET A 159 12.74 6.87 -30.05
N PRO A 160 12.34 6.12 -29.03
CA PRO A 160 10.96 6.15 -28.56
C PRO A 160 10.60 7.49 -27.95
N GLU A 161 9.40 7.96 -28.24
CA GLU A 161 8.93 9.22 -27.69
C GLU A 161 8.40 8.92 -26.29
N CYS A 162 8.83 9.70 -25.30
CA CYS A 162 8.42 9.50 -23.91
C CYS A 162 7.73 10.70 -23.26
N LYS A 163 6.85 10.40 -22.31
CA LYS A 163 6.12 11.45 -21.58
C LYS A 163 6.29 11.18 -20.07
N PHE A 164 7.03 12.06 -19.40
CA PHE A 164 7.31 11.95 -17.97
C PHE A 164 6.27 12.77 -17.20
N GLY A 165 5.68 12.17 -16.17
CA GLY A 165 4.69 12.89 -15.38
C GLY A 165 4.78 12.69 -13.89
N MET A 166 4.54 13.76 -13.13
CA MET A 166 4.58 13.68 -11.68
C MET A 166 3.39 14.40 -11.04
N ASN A 167 3.38 14.52 -9.72
CA ASN A 167 2.31 15.21 -9.01
C ASN A 167 2.48 16.72 -9.17
N ASP A 168 1.58 17.51 -8.59
CA ASP A 168 1.68 18.99 -8.68
C ASP A 168 0.46 19.67 -8.06
N ILE A 191 2.48 20.56 -4.92
CA ILE A 191 3.90 20.74 -5.20
C ILE A 191 4.16 22.07 -5.88
N ALA A 192 4.78 23.00 -5.17
CA ALA A 192 5.10 24.31 -5.69
C ALA A 192 6.56 24.43 -6.08
N ILE A 193 6.88 24.01 -7.30
CA ILE A 193 8.25 24.06 -7.79
C ILE A 193 8.67 25.50 -8.09
N ASP A 194 9.90 25.83 -7.69
CA ASP A 194 10.41 27.18 -7.83
C ASP A 194 10.98 27.49 -9.21
N ASP A 195 12.10 26.90 -9.58
CA ASP A 195 12.73 27.22 -10.86
C ASP A 195 13.36 25.97 -11.41
N CYS A 196 13.82 25.97 -12.67
CA CYS A 196 14.36 24.72 -13.13
C CYS A 196 14.87 24.75 -14.55
N THR A 197 15.72 23.78 -14.85
CA THR A 197 16.24 23.66 -16.19
C THR A 197 15.80 22.30 -16.74
N PHE A 198 16.04 22.05 -18.03
CA PHE A 198 15.64 20.79 -18.66
C PHE A 198 16.64 20.36 -19.72
N HIS A 199 16.86 19.07 -19.85
CA HIS A 199 17.81 18.60 -20.85
C HIS A 199 17.30 19.01 -22.22
N GLN A 200 18.23 19.44 -23.07
CA GLN A 200 17.87 19.90 -24.42
C GLN A 200 16.76 19.10 -25.08
N CYS A 201 16.90 17.78 -25.09
CA CYS A 201 15.91 16.92 -25.71
C CYS A 201 14.48 17.08 -25.20
N VAL A 202 14.26 17.96 -24.24
CA VAL A 202 12.91 18.14 -23.72
C VAL A 202 12.13 19.15 -24.52
N ARG A 203 11.01 18.68 -25.07
CA ARG A 203 10.12 19.52 -25.84
C ARG A 203 9.65 20.64 -24.93
N LEU A 204 9.00 21.62 -25.51
CA LEU A 204 8.54 22.78 -24.75
C LEU A 204 7.26 22.40 -24.03
N SER A 205 7.37 21.86 -22.81
CA SER A 205 6.19 21.35 -22.13
C SER A 205 5.76 22.21 -20.95
N LYS A 206 4.59 22.84 -21.06
CA LYS A 206 4.03 23.58 -19.94
C LYS A 206 3.95 22.68 -18.72
N PHE A 207 4.35 23.20 -17.57
CA PHE A 207 4.40 22.42 -16.35
C PHE A 207 3.34 22.76 -15.30
N ASP A 208 2.73 23.94 -15.42
CA ASP A 208 1.69 24.32 -14.45
C ASP A 208 0.36 23.67 -14.86
N SER A 209 0.23 23.32 -16.14
CA SER A 209 -1.01 22.69 -16.61
C SER A 209 -0.83 21.21 -16.97
N GLU A 210 0.38 20.84 -17.41
CA GLU A 210 0.62 19.46 -17.78
C GLU A 210 1.12 18.62 -16.61
N ARG A 211 2.03 19.17 -15.81
CA ARG A 211 2.60 18.40 -14.71
C ARG A 211 3.23 17.20 -15.42
N SER A 212 3.67 17.46 -16.66
CA SER A 212 4.30 16.48 -17.55
C SER A 212 4.97 17.12 -18.76
N ILE A 213 6.18 16.67 -19.04
CA ILE A 213 7.02 17.14 -20.14
C ILE A 213 7.23 15.99 -21.14
N SER A 214 7.51 16.32 -22.41
CA SER A 214 7.74 15.29 -23.42
C SER A 214 9.19 15.34 -23.89
N PHE A 215 9.64 14.29 -24.57
CA PHE A 215 11.02 14.25 -25.03
C PHE A 215 11.44 12.94 -25.71
N ILE A 216 12.56 12.98 -26.44
CA ILE A 216 13.14 11.80 -27.09
C ILE A 216 14.43 11.58 -26.32
N PRO A 217 14.44 10.62 -25.39
CA PRO A 217 15.56 10.25 -24.54
C PRO A 217 16.84 9.84 -25.22
N PRO A 218 17.94 10.56 -24.95
CA PRO A 218 19.23 10.21 -25.57
C PRO A 218 19.54 8.86 -24.95
N ASP A 219 20.36 8.05 -25.60
CA ASP A 219 20.66 6.76 -25.02
C ASP A 219 21.68 6.88 -23.89
N GLY A 220 21.58 5.98 -22.92
CA GLY A 220 22.50 6.01 -21.81
C GLY A 220 21.91 6.73 -20.61
N GLU A 221 22.75 7.45 -19.89
CA GLU A 221 22.31 8.18 -18.69
C GLU A 221 22.43 9.69 -18.86
N PHE A 222 21.47 10.44 -18.34
CA PHE A 222 21.52 11.88 -18.46
C PHE A 222 20.67 12.52 -17.42
N GLU A 223 20.88 13.81 -17.19
CA GLU A 223 20.09 14.54 -16.22
C GLU A 223 18.86 15.10 -16.92
N LEU A 224 17.76 14.37 -16.87
CA LEU A 224 16.52 14.79 -17.51
C LEU A 224 16.18 16.22 -17.14
N MET A 225 16.18 16.50 -15.84
CA MET A 225 15.86 17.84 -15.38
C MET A 225 16.48 18.13 -14.03
N ARG A 226 16.48 19.41 -13.67
CA ARG A 226 17.03 19.87 -12.42
C ARG A 226 15.97 20.80 -11.86
N TYR A 227 16.05 21.10 -10.57
CA TYR A 227 15.09 22.00 -9.96
C TYR A 227 15.49 22.34 -8.55
N ARG A 228 14.71 23.21 -7.92
CA ARG A 228 14.97 23.63 -6.57
C ARG A 228 13.70 24.21 -5.99
N THR A 229 13.29 23.70 -4.82
CA THR A 229 12.08 24.19 -4.19
C THR A 229 12.34 24.69 -2.80
N THR A 230 11.38 25.44 -2.27
CA THR A 230 11.50 26.01 -0.95
C THR A 230 10.18 25.96 -0.19
N LYS A 231 9.09 25.76 -0.90
CA LYS A 231 7.78 25.71 -0.25
C LYS A 231 7.31 24.29 0.07
N ASP A 232 6.63 24.15 1.20
CA ASP A 232 6.10 22.86 1.63
C ASP A 232 7.04 21.70 1.76
N ILE A 233 8.29 21.98 2.04
CA ILE A 233 9.26 20.92 2.18
C ILE A 233 9.01 20.06 3.39
N ILE A 234 9.25 18.77 3.24
CA ILE A 234 9.07 17.81 4.32
C ILE A 234 10.41 17.73 5.05
N LEU A 235 10.40 17.96 6.36
CA LEU A 235 11.63 17.88 7.11
C LEU A 235 11.72 16.51 7.74
N PRO A 236 12.59 15.65 7.21
CA PRO A 236 12.75 14.30 7.72
C PRO A 236 12.75 14.25 9.25
N PHE A 237 13.79 14.81 9.87
CA PHE A 237 13.92 14.82 11.32
C PHE A 237 13.72 16.22 11.88
N ARG A 238 13.42 16.27 13.18
CA ARG A 238 13.22 17.52 13.90
C ARG A 238 14.12 17.33 15.11
N VAL A 239 14.89 18.35 15.47
CA VAL A 239 15.78 18.21 16.60
C VAL A 239 15.39 19.09 17.78
N ILE A 240 15.19 18.45 18.93
CA ILE A 240 14.83 19.17 20.14
C ILE A 240 16.09 19.19 21.02
N PRO A 241 16.86 20.28 20.93
CA PRO A 241 18.10 20.44 21.70
C PRO A 241 17.84 21.09 23.06
N LEU A 242 18.43 20.53 24.11
CA LEU A 242 18.27 21.08 25.43
C LEU A 242 19.60 21.05 26.20
N VAL A 243 20.25 22.21 26.31
CA VAL A 243 21.51 22.34 27.01
C VAL A 243 21.36 23.24 28.22
N ARG A 244 21.79 22.74 29.38
CA ARG A 244 21.71 23.51 30.62
C ARG A 244 23.10 23.65 31.28
N GLU A 245 23.26 24.74 32.02
CA GLU A 245 24.53 25.04 32.72
C GLU A 245 24.39 24.85 34.23
N VAL A 246 25.31 24.06 34.79
CA VAL A 246 25.32 23.79 36.23
C VAL A 246 26.69 24.22 36.76
N GLY A 247 26.80 25.50 37.12
CA GLY A 247 28.06 26.02 37.63
C GLY A 247 29.01 26.25 36.47
N ARG A 248 30.27 25.89 36.63
CA ARG A 248 31.24 26.08 35.57
C ARG A 248 31.70 24.73 35.01
N THR A 249 32.00 23.79 35.89
CA THR A 249 32.45 22.47 35.46
C THR A 249 31.38 21.63 34.79
N LYS A 250 30.14 21.83 35.22
CA LYS A 250 29.01 21.07 34.68
C LYS A 250 28.22 21.79 33.58
N LEU A 251 27.89 20.99 32.57
CA LEU A 251 27.13 21.40 31.39
C LEU A 251 26.32 20.18 30.93
N GLU A 252 25.01 20.21 31.17
CA GLU A 252 24.12 19.11 30.80
C GLU A 252 23.60 19.22 29.38
N VAL A 253 23.37 18.08 28.73
CA VAL A 253 22.87 18.09 27.38
C VAL A 253 21.94 16.91 27.09
N LYS A 254 20.77 17.22 26.55
CA LYS A 254 19.79 16.20 26.21
C LYS A 254 19.18 16.59 24.88
N VAL A 255 19.52 15.84 23.84
CA VAL A 255 18.99 16.12 22.52
C VAL A 255 18.14 14.94 22.08
N VAL A 256 16.99 15.24 21.51
CA VAL A 256 16.07 14.21 21.05
C VAL A 256 15.71 14.48 19.61
N ILE A 257 15.73 13.44 18.77
CA ILE A 257 15.37 13.59 17.38
C ILE A 257 14.09 12.85 17.09
N LYS A 258 13.21 13.46 16.31
CA LYS A 258 11.95 12.84 15.96
C LYS A 258 11.93 12.55 14.47
N SER A 259 11.73 11.28 14.11
CA SER A 259 11.67 10.89 12.71
C SER A 259 10.32 11.36 12.20
N ASN A 260 10.28 11.94 11.02
CA ASN A 260 9.02 12.41 10.49
C ASN A 260 8.67 11.95 9.09
N PHE A 261 8.03 10.80 9.01
CA PHE A 261 7.59 10.20 7.75
C PHE A 261 6.91 8.85 7.98
N LYS A 262 6.18 8.37 6.98
CA LYS A 262 5.50 7.10 7.10
C LYS A 262 6.34 6.09 7.87
N PRO A 263 5.77 5.50 8.94
CA PRO A 263 6.45 4.52 9.79
C PRO A 263 7.07 3.38 9.00
N SER A 264 6.55 3.14 7.81
CA SER A 264 7.02 2.06 6.97
C SER A 264 8.40 2.29 6.36
N LEU A 265 8.77 3.55 6.20
CA LEU A 265 10.05 3.88 5.61
C LEU A 265 11.16 4.09 6.64
N LEU A 266 12.35 3.57 6.35
CA LEU A 266 13.46 3.70 7.26
C LEU A 266 14.58 4.54 6.69
N ALA A 267 14.98 5.57 7.40
CA ALA A 267 16.07 6.41 6.96
C ALA A 267 17.31 5.76 7.52
N GLN A 268 18.33 5.59 6.70
CA GLN A 268 19.56 4.98 7.20
C GLN A 268 20.72 5.94 7.17
N LYS A 269 21.90 5.42 7.52
CA LYS A 269 23.10 6.23 7.57
C LYS A 269 22.77 7.55 8.24
N ILE A 270 22.52 7.53 9.54
CA ILE A 270 22.21 8.75 10.26
C ILE A 270 23.41 9.21 11.09
N GLU A 271 23.60 10.51 11.16
CA GLU A 271 24.71 11.07 11.93
C GLU A 271 24.31 12.38 12.58
N VAL A 272 24.54 12.46 13.89
CA VAL A 272 24.23 13.66 14.66
C VAL A 272 25.54 14.19 15.20
N ARG A 273 25.75 15.50 15.06
CA ARG A 273 26.99 16.12 15.53
C ARG A 273 26.69 17.20 16.57
N ILE A 274 27.01 16.92 17.82
CA ILE A 274 26.80 17.89 18.90
C ILE A 274 28.14 18.51 19.32
N PRO A 275 28.28 19.83 19.15
CA PRO A 275 29.47 20.64 19.47
C PRO A 275 29.74 20.89 20.95
N THR A 276 30.90 20.45 21.42
CA THR A 276 31.29 20.64 22.81
C THR A 276 32.15 21.90 22.97
N PRO A 277 32.06 22.58 24.14
CA PRO A 277 32.88 23.79 24.33
C PRO A 277 34.36 23.43 24.13
N LEU A 278 35.22 24.45 24.05
CA LEU A 278 36.65 24.20 23.87
C LEU A 278 37.31 23.78 25.20
N ASN A 279 36.81 24.34 26.30
CA ASN A 279 37.29 24.07 27.64
C ASN A 279 36.79 22.73 28.20
N THR A 280 36.42 21.83 27.29
CA THR A 280 35.91 20.52 27.67
C THR A 280 37.03 19.71 28.34
N SER A 281 36.77 19.24 29.56
CA SER A 281 37.76 18.45 30.28
C SER A 281 37.41 16.97 30.20
N GLY A 282 36.12 16.66 30.38
CA GLY A 282 35.65 15.28 30.32
C GLY A 282 34.19 15.23 29.90
N VAL A 283 33.82 14.25 29.08
CA VAL A 283 32.44 14.12 28.61
C VAL A 283 31.90 12.71 28.73
N GLN A 284 30.69 12.59 29.27
CA GLN A 284 30.03 11.31 29.47
C GLN A 284 28.71 11.26 28.70
N VAL A 285 28.56 10.27 27.81
CA VAL A 285 27.34 10.14 26.99
C VAL A 285 26.50 8.92 27.26
N ILE A 286 25.22 9.05 26.97
CA ILE A 286 24.26 7.98 27.16
C ILE A 286 23.27 7.98 26.00
N CYS A 287 23.06 6.80 25.41
CA CYS A 287 22.14 6.64 24.29
C CYS A 287 21.70 5.19 24.23
N MET A 288 20.40 4.97 24.09
CA MET A 288 19.86 3.63 24.04
C MET A 288 19.96 3.03 22.64
N LYS A 289 19.95 3.90 21.64
CA LYS A 289 20.03 3.45 20.26
C LYS A 289 21.28 3.92 19.55
N GLY A 290 21.80 3.08 18.67
CA GLY A 290 23.02 3.43 17.94
C GLY A 290 24.20 3.55 18.89
N LYS A 291 25.23 4.28 18.46
CA LYS A 291 26.41 4.48 19.29
C LYS A 291 26.91 5.91 19.13
N ALA A 292 27.50 6.47 20.19
CA ALA A 292 28.01 7.85 20.15
C ALA A 292 29.35 8.05 20.88
N LYS A 293 30.34 8.55 20.15
CA LYS A 293 31.68 8.80 20.70
C LYS A 293 31.89 10.30 20.83
N TYR A 294 32.89 10.71 21.60
CA TYR A 294 33.20 12.12 21.74
C TYR A 294 34.57 12.39 21.13
N LYS A 295 34.59 12.68 19.84
CA LYS A 295 35.85 12.97 19.17
C LYS A 295 36.22 14.41 19.55
N ALA A 296 37.11 14.53 20.53
CA ALA A 296 37.53 15.84 21.03
C ALA A 296 38.36 16.58 19.96
N SER A 297 39.04 15.79 19.12
CA SER A 297 39.85 16.32 18.04
C SER A 297 39.01 17.23 17.15
N GLU A 298 37.69 17.15 17.32
CA GLU A 298 36.75 17.95 16.55
C GLU A 298 35.83 18.75 17.45
N ASN A 299 35.99 18.60 18.77
CA ASN A 299 35.17 19.31 19.75
C ASN A 299 33.68 19.09 19.49
N ALA A 300 33.30 17.81 19.43
CA ALA A 300 31.92 17.45 19.20
C ALA A 300 31.72 15.97 19.45
N ILE A 301 30.50 15.61 19.80
CA ILE A 301 30.15 14.23 20.06
C ILE A 301 29.45 13.73 18.80
N VAL A 302 29.94 12.62 18.25
CA VAL A 302 29.38 12.02 17.04
C VAL A 302 28.44 10.87 17.40
N TRP A 303 27.18 10.97 16.97
CA TRP A 303 26.18 9.94 17.23
C TRP A 303 25.78 9.25 15.93
N LYS A 304 26.12 7.98 15.79
CA LYS A 304 25.78 7.26 14.58
C LYS A 304 24.71 6.22 14.82
N ILE A 305 23.65 6.26 14.02
CA ILE A 305 22.53 5.33 14.16
C ILE A 305 22.30 4.56 12.87
N LYS A 306 22.51 3.25 12.94
CA LYS A 306 22.35 2.37 11.78
C LYS A 306 21.19 2.74 10.86
N ARG A 307 20.00 2.90 11.42
CA ARG A 307 18.82 3.26 10.66
C ARG A 307 17.69 3.56 11.61
N MET A 308 16.68 4.28 11.14
CA MET A 308 15.58 4.62 12.01
C MET A 308 14.26 4.69 11.25
N ALA A 309 13.23 4.09 11.82
CA ALA A 309 11.92 4.06 11.21
C ALA A 309 11.25 5.42 11.24
N GLY A 310 10.03 5.48 10.75
CA GLY A 310 9.30 6.74 10.74
C GLY A 310 8.54 6.93 12.03
N MET A 311 7.99 8.12 12.23
CA MET A 311 7.24 8.43 13.43
C MET A 311 7.84 7.71 14.63
N LYS A 312 8.97 8.23 15.10
CA LYS A 312 9.66 7.66 16.24
C LYS A 312 10.61 8.69 16.80
N GLU A 313 11.00 8.51 18.06
CA GLU A 313 11.92 9.43 18.70
C GLU A 313 13.06 8.63 19.28
N SER A 314 14.18 9.31 19.47
CA SER A 314 15.35 8.68 20.04
C SER A 314 16.06 9.76 20.82
N GLN A 315 16.77 9.38 21.87
CA GLN A 315 17.43 10.37 22.69
C GLN A 315 18.86 10.03 23.01
N ILE A 316 19.65 11.08 23.24
CA ILE A 316 21.04 10.96 23.61
C ILE A 316 21.27 12.08 24.61
N SER A 317 21.92 11.75 25.71
CA SER A 317 22.19 12.75 26.74
C SER A 317 23.66 12.61 27.20
N ALA A 318 24.23 13.72 27.66
CA ALA A 318 25.61 13.69 28.10
C ALA A 318 25.96 14.85 29.02
N GLU A 319 26.88 14.58 29.94
CA GLU A 319 27.37 15.59 30.89
C GLU A 319 28.78 16.00 30.45
N ILE A 320 28.97 17.31 30.28
CA ILE A 320 30.27 17.84 29.86
C ILE A 320 31.00 18.58 30.98
N GLU A 321 32.23 18.14 31.26
CA GLU A 321 33.05 18.74 32.29
C GLU A 321 33.83 19.90 31.71
N LEU A 322 33.90 20.99 32.47
CA LEU A 322 34.61 22.18 31.98
C LEU A 322 35.71 22.67 32.93
N LEU A 323 36.87 23.03 32.35
CA LEU A 323 38.01 23.57 33.11
C LEU A 323 37.76 25.08 33.17
N PRO A 324 37.89 25.69 34.37
CA PRO A 324 37.67 27.14 34.53
C PRO A 324 38.18 27.99 33.35
N THR A 325 37.25 28.69 32.70
CA THR A 325 37.55 29.50 31.51
C THR A 325 38.40 30.74 31.71
N ASN A 326 39.72 30.59 31.51
CA ASN A 326 40.60 31.75 31.66
C ASN A 326 40.70 32.43 30.29
N ASP A 327 39.88 33.46 30.08
CA ASP A 327 39.84 34.20 28.81
C ASP A 327 39.61 33.32 27.56
N LYS A 328 38.34 33.03 27.26
CA LYS A 328 37.96 32.21 26.11
C LYS A 328 37.61 33.08 24.89
N LYS A 329 37.87 32.55 23.70
CA LYS A 329 37.60 33.24 22.43
C LYS A 329 36.19 33.85 22.41
N LYS A 330 35.95 34.83 21.51
CA LYS A 330 34.61 35.44 21.37
C LYS A 330 33.71 34.37 20.69
N TRP A 331 32.53 34.08 21.27
CA TRP A 331 31.67 33.06 20.65
C TRP A 331 30.24 32.75 21.15
N ALA A 332 29.54 31.99 20.31
CA ALA A 332 28.17 31.49 20.51
C ALA A 332 28.07 30.07 19.89
N ARG A 333 27.39 29.17 20.61
CA ARG A 333 27.19 27.74 20.27
C ARG A 333 26.93 27.40 18.78
N PRO A 334 27.90 26.71 18.12
CA PRO A 334 27.73 26.32 16.70
C PRO A 334 26.50 25.41 16.62
N PRO A 335 25.63 25.64 15.63
CA PRO A 335 24.43 24.80 15.52
C PRO A 335 24.76 23.31 15.43
N ILE A 336 23.80 22.47 15.84
CA ILE A 336 23.97 21.02 15.79
C ILE A 336 23.69 20.53 14.38
N SER A 337 24.72 20.04 13.70
CA SER A 337 24.57 19.55 12.33
C SER A 337 24.00 18.14 12.32
N MET A 338 23.51 17.70 11.17
CA MET A 338 22.95 16.36 11.04
C MET A 338 23.07 15.89 9.60
N ASN A 339 23.40 14.62 9.43
CA ASN A 339 23.54 14.06 8.09
C ASN A 339 22.78 12.77 8.05
N PHE A 340 22.23 12.44 6.89
CA PHE A 340 21.46 11.22 6.74
C PHE A 340 21.17 10.82 5.29
N GLU A 341 20.09 10.08 5.10
CA GLU A 341 19.67 9.61 3.79
C GLU A 341 18.31 8.96 3.94
N VAL A 342 17.31 9.54 3.31
CA VAL A 342 15.96 9.00 3.38
C VAL A 342 15.50 8.54 2.00
N PRO A 343 14.85 7.37 1.95
CA PRO A 343 14.35 6.79 0.71
C PRO A 343 13.15 7.47 0.08
N PHE A 344 13.05 8.78 0.21
CA PHE A 344 11.94 9.47 -0.42
C PHE A 344 12.30 10.87 -0.86
N ALA A 345 11.38 11.52 -1.56
CA ALA A 345 11.63 12.87 -2.06
C ALA A 345 11.28 13.95 -1.04
N PRO A 346 12.28 14.51 -0.34
CA PRO A 346 12.05 15.55 0.66
C PRO A 346 11.22 16.72 0.18
N SER A 347 11.10 16.87 -1.14
CA SER A 347 10.34 17.98 -1.71
C SER A 347 8.88 17.62 -1.84
N GLY A 348 8.59 16.33 -1.86
CA GLY A 348 7.21 15.88 -2.02
C GLY A 348 6.97 15.39 -3.42
N LEU A 349 7.97 15.57 -4.27
CA LEU A 349 7.87 15.15 -5.65
C LEU A 349 7.80 13.64 -5.73
N LYS A 350 6.87 13.15 -6.52
CA LYS A 350 6.71 11.72 -6.70
C LYS A 350 6.49 11.46 -8.19
N VAL A 351 7.11 10.42 -8.74
CA VAL A 351 6.96 10.10 -10.15
C VAL A 351 5.69 9.34 -10.39
N ARG A 352 4.83 9.88 -11.24
CA ARG A 352 3.55 9.25 -11.56
C ARG A 352 3.59 8.28 -12.73
N TYR A 353 4.42 8.57 -13.71
CA TYR A 353 4.49 7.68 -14.87
C TYR A 353 5.52 8.11 -15.89
N LEU A 354 5.98 7.16 -16.69
CA LEU A 354 6.91 7.46 -17.76
C LEU A 354 6.55 6.63 -18.98
N LYS A 355 5.70 7.18 -19.83
CA LYS A 355 5.24 6.51 -21.03
C LYS A 355 6.35 6.43 -22.05
N VAL A 356 6.47 5.28 -22.69
CA VAL A 356 7.46 5.03 -23.71
C VAL A 356 6.80 4.46 -24.96
N PHE A 357 7.10 5.04 -26.12
CA PHE A 357 6.49 4.56 -27.35
C PHE A 357 7.41 4.64 -28.53
N GLU A 358 7.61 3.52 -29.22
CA GLU A 358 8.48 3.49 -30.40
C GLU A 358 7.65 3.27 -31.64
N PRO A 359 7.79 4.23 -32.55
CA PRO A 359 6.87 4.31 -33.69
C PRO A 359 7.28 3.32 -34.76
N LYS A 360 8.56 3.33 -35.03
CA LYS A 360 9.24 2.41 -35.96
C LYS A 360 9.14 0.96 -35.50
N LEU A 361 9.78 0.65 -34.38
CA LEU A 361 9.68 -0.69 -33.81
C LEU A 361 8.25 -0.92 -33.35
N ASN A 362 7.99 -2.06 -32.72
CA ASN A 362 6.64 -2.34 -32.25
C ASN A 362 6.31 -2.07 -30.76
N TYR A 363 7.30 -2.01 -29.87
CA TYR A 363 7.01 -1.90 -28.46
C TYR A 363 6.36 -0.64 -27.93
N SER A 364 5.55 -0.89 -26.90
CA SER A 364 4.81 0.13 -26.19
C SER A 364 5.16 -0.10 -24.72
N ASP A 365 4.62 0.72 -23.83
CA ASP A 365 4.90 0.58 -22.42
C ASP A 365 4.90 -0.89 -21.99
N HIS A 366 3.82 -1.59 -22.32
CA HIS A 366 3.67 -2.98 -21.95
C HIS A 366 4.96 -3.77 -22.10
N ASP A 367 5.82 -3.36 -23.02
CA ASP A 367 7.06 -4.09 -23.27
C ASP A 367 8.27 -3.56 -22.52
N VAL A 368 8.11 -2.43 -21.87
CA VAL A 368 9.23 -1.81 -21.14
C VAL A 368 9.19 -2.03 -19.63
N ILE A 369 10.37 -2.30 -19.07
CA ILE A 369 10.56 -2.52 -17.64
C ILE A 369 11.02 -1.22 -17.02
N LYS A 370 10.22 -0.67 -16.11
CA LYS A 370 10.58 0.60 -15.52
C LYS A 370 10.94 0.54 -14.04
N TRP A 371 12.12 1.09 -13.71
CA TRP A 371 12.62 1.10 -12.34
C TRP A 371 12.81 2.51 -11.79
N VAL A 372 12.27 2.78 -10.61
CA VAL A 372 12.42 4.10 -10.00
C VAL A 372 13.15 3.97 -8.68
N ARG A 373 13.53 5.10 -8.08
CA ARG A 373 14.22 5.11 -6.81
C ARG A 373 14.46 6.52 -6.32
N TYR A 374 13.97 6.84 -5.13
CA TYR A 374 14.19 8.18 -4.59
C TYR A 374 15.30 8.10 -3.57
N ILE A 375 16.25 9.02 -3.63
CA ILE A 375 17.37 9.02 -2.70
C ILE A 375 17.61 10.43 -2.16
N GLY A 376 16.87 10.79 -1.13
CA GLY A 376 17.03 12.10 -0.56
C GLY A 376 18.12 12.13 0.48
N ARG A 377 19.15 12.90 0.23
CA ARG A 377 20.26 13.00 1.17
C ARG A 377 20.16 14.34 1.91
N SER A 378 21.11 14.63 2.80
CA SER A 378 21.06 15.88 3.55
C SER A 378 22.32 16.68 3.38
N GLY A 379 22.14 17.99 3.26
CA GLY A 379 23.28 18.87 3.11
C GLY A 379 23.47 19.70 4.37
N ILE A 380 23.19 20.98 4.28
CA ILE A 380 23.31 21.86 5.42
C ILE A 380 22.05 21.72 6.26
N TYR A 381 22.03 20.71 7.12
CA TYR A 381 20.89 20.45 7.99
C TYR A 381 21.33 20.70 9.42
N GLU A 382 21.11 21.92 9.90
CA GLU A 382 21.53 22.29 11.25
C GLU A 382 20.44 22.91 12.09
N THR A 383 20.46 22.60 13.38
CA THR A 383 19.49 23.15 14.31
C THR A 383 20.20 24.05 15.32
N ARG A 384 19.73 25.29 15.44
CA ARG A 384 20.32 26.25 16.37
C ARG A 384 20.31 25.65 17.74
N CYS A 385 21.50 25.56 18.34
CA CYS A 385 21.64 25.01 19.67
C CYS A 385 20.80 25.80 20.69
N MET B 7 -55.52 -11.21 33.66
CA MET B 7 -54.17 -11.82 33.49
C MET B 7 -53.19 -11.19 34.50
N ASP B 8 -51.97 -11.74 34.58
CA ASP B 8 -50.94 -11.24 35.51
C ASP B 8 -50.19 -10.04 34.89
N MET B 9 -49.69 -9.15 35.76
CA MET B 9 -48.92 -7.97 35.31
C MET B 9 -47.71 -8.35 34.46
N ALA B 10 -46.91 -9.31 34.96
CA ALA B 10 -45.72 -9.78 34.27
C ALA B 10 -46.03 -10.16 32.81
N SER B 11 -47.09 -10.95 32.61
CA SER B 11 -47.46 -11.37 31.26
C SER B 11 -47.86 -10.18 30.39
N VAL B 12 -48.60 -9.25 30.98
CA VAL B 12 -49.06 -8.06 30.26
C VAL B 12 -47.88 -7.32 29.62
N THR B 13 -46.90 -6.98 30.45
CA THR B 13 -45.72 -6.27 29.98
C THR B 13 -45.04 -7.09 28.90
N LYS B 14 -44.88 -8.39 29.17
CA LYS B 14 -44.25 -9.33 28.26
C LYS B 14 -44.89 -9.23 26.86
N ALA B 15 -46.11 -8.69 26.84
CA ALA B 15 -46.87 -8.51 25.59
C ALA B 15 -46.25 -7.39 24.75
N MET B 16 -46.03 -6.24 25.39
CA MET B 16 -45.43 -5.09 24.73
C MET B 16 -44.05 -5.53 24.24
N ALA B 17 -43.44 -6.42 25.03
CA ALA B 17 -42.12 -6.97 24.78
C ALA B 17 -41.91 -7.44 23.33
N ALA B 18 -42.77 -8.35 22.86
CA ALA B 18 -42.67 -8.85 21.48
C ALA B 18 -42.37 -7.66 20.58
N PRO B 19 -41.27 -7.72 19.80
CA PRO B 19 -40.87 -6.63 18.90
C PRO B 19 -41.96 -6.26 17.87
N GLU B 20 -42.92 -7.17 17.71
CA GLU B 20 -44.04 -7.00 16.78
C GLU B 20 -45.22 -6.26 17.42
N SER B 21 -45.34 -6.36 18.74
CA SER B 21 -46.42 -5.68 19.48
C SER B 21 -46.54 -4.20 19.10
N GLY B 22 -47.65 -3.57 19.50
CA GLY B 22 -47.87 -2.18 19.18
C GLY B 22 -46.82 -1.18 19.69
N LEU B 23 -46.56 -1.20 21.00
CA LEU B 23 -45.60 -0.30 21.65
C LEU B 23 -44.29 -0.08 20.91
N GLU B 24 -44.00 1.19 20.60
CA GLU B 24 -42.76 1.53 19.92
C GLU B 24 -41.64 1.62 20.97
N VAL B 25 -40.55 0.90 20.72
CA VAL B 25 -39.43 0.89 21.66
C VAL B 25 -38.12 1.00 20.89
N ARG B 26 -37.43 2.12 21.03
CA ARG B 26 -36.18 2.32 20.33
C ARG B 26 -35.14 3.03 21.19
N ASP B 27 -33.92 3.10 20.68
CA ASP B 27 -32.82 3.75 21.37
C ASP B 27 -33.05 5.26 21.28
N ARG B 28 -33.22 5.91 22.43
CA ARG B 28 -33.39 7.36 22.45
C ARG B 28 -32.13 8.03 23.00
N MET B 29 -31.90 9.29 22.62
CA MET B 29 -30.73 10.00 23.08
C MET B 29 -31.06 11.25 23.92
N TRP B 30 -30.68 11.22 25.20
CA TRP B 30 -30.93 12.32 26.15
C TRP B 30 -29.59 12.90 26.59
N LEU B 31 -29.40 14.20 26.40
CA LEU B 31 -28.16 14.87 26.77
C LEU B 31 -27.07 14.18 25.93
N LYS B 32 -25.96 13.85 26.56
CA LYS B 32 -24.88 13.17 25.84
C LYS B 32 -25.23 11.67 25.71
N ILE B 33 -25.79 11.13 26.79
CA ILE B 33 -26.18 9.72 26.87
C ILE B 33 -27.10 9.28 25.73
N THR B 34 -27.32 7.96 25.65
CA THR B 34 -28.16 7.33 24.63
C THR B 34 -28.86 6.14 25.27
N ILE B 35 -30.08 6.35 25.73
CA ILE B 35 -30.82 5.26 26.36
C ILE B 35 -31.23 4.17 25.42
N PRO B 36 -30.86 2.92 25.75
CA PRO B 36 -31.16 1.71 24.98
C PRO B 36 -32.58 1.21 25.14
N ASN B 37 -33.21 0.87 24.00
CA ASN B 37 -34.55 0.34 23.98
C ASN B 37 -35.44 0.98 25.04
N ALA B 38 -35.80 2.24 24.77
CA ALA B 38 -36.64 3.02 25.66
C ALA B 38 -37.90 3.46 24.93
N PHE B 39 -38.95 3.67 25.70
CA PHE B 39 -40.25 4.09 25.14
C PHE B 39 -40.84 5.23 25.96
N LEU B 40 -41.73 6.02 25.35
CA LEU B 40 -42.37 7.13 26.05
C LEU B 40 -43.47 6.63 27.00
N GLY B 41 -43.54 7.27 28.18
CA GLY B 41 -44.53 6.89 29.17
C GLY B 41 -45.96 7.02 28.71
N SER B 42 -46.15 7.68 27.56
CA SER B 42 -47.47 7.90 26.97
C SER B 42 -47.85 6.66 26.18
N ASP B 43 -47.03 6.33 25.19
CA ASP B 43 -47.26 5.16 24.35
C ASP B 43 -47.63 3.95 25.17
N VAL B 44 -47.23 3.95 26.44
CA VAL B 44 -47.51 2.85 27.35
C VAL B 44 -48.99 2.83 27.73
N VAL B 45 -49.51 4.01 28.05
CA VAL B 45 -50.92 4.15 28.43
C VAL B 45 -51.79 3.88 27.18
N ASP B 46 -51.26 4.29 26.02
CA ASP B 46 -51.96 4.09 24.74
C ASP B 46 -52.13 2.59 24.57
N TRP B 47 -51.01 1.94 24.24
CA TRP B 47 -50.98 0.50 24.02
C TRP B 47 -51.63 -0.28 25.18
N LEU B 48 -51.68 0.33 26.36
CA LEU B 48 -52.38 -0.24 27.50
C LEU B 48 -53.88 -0.37 27.25
N TYR B 49 -54.56 0.75 27.00
CA TYR B 49 -55.98 0.76 26.79
C TYR B 49 -56.26 0.49 25.33
N HIS B 50 -55.23 0.58 24.49
CA HIS B 50 -55.39 0.34 23.06
C HIS B 50 -55.43 -1.16 22.73
N HIS B 51 -54.57 -1.93 23.37
CA HIS B 51 -54.47 -3.38 23.12
C HIS B 51 -54.83 -4.29 24.30
N VAL B 52 -54.91 -3.69 25.48
CA VAL B 52 -55.19 -4.38 26.74
C VAL B 52 -56.64 -4.12 27.13
N GLU B 53 -57.43 -5.18 27.19
CA GLU B 53 -58.83 -5.02 27.57
C GLU B 53 -59.13 -5.27 29.05
N GLY B 54 -60.16 -4.58 29.53
CA GLY B 54 -60.56 -4.67 30.92
C GLY B 54 -60.41 -3.26 31.47
N PHE B 55 -60.18 -2.32 30.56
CA PHE B 55 -60.01 -0.92 30.94
C PHE B 55 -61.23 -0.10 30.51
N PRO B 56 -61.82 0.63 31.45
CA PRO B 56 -63.00 1.45 31.17
C PRO B 56 -62.62 2.75 30.46
N GLU B 57 -61.59 3.43 30.95
CA GLU B 57 -61.15 4.68 30.37
C GLU B 57 -59.63 4.73 30.33
N ARG B 58 -59.09 5.67 29.57
CA ARG B 58 -57.66 5.83 29.46
C ARG B 58 -57.07 6.30 30.79
N ARG B 59 -57.97 6.67 31.69
CA ARG B 59 -57.60 7.14 33.01
C ARG B 59 -57.28 5.90 33.85
N GLU B 60 -57.77 4.75 33.40
CA GLU B 60 -57.55 3.47 34.09
C GLU B 60 -56.31 2.75 33.52
N ALA B 61 -56.06 2.98 32.24
CA ALA B 61 -54.92 2.40 31.54
C ALA B 61 -53.63 3.03 32.08
N ARG B 62 -53.77 4.26 32.58
CA ARG B 62 -52.65 5.00 33.14
C ARG B 62 -52.42 4.61 34.60
N LYS B 63 -53.51 4.34 35.31
CA LYS B 63 -53.42 3.92 36.72
C LYS B 63 -52.68 2.58 36.77
N TYR B 64 -52.88 1.77 35.74
CA TYR B 64 -52.24 0.45 35.66
C TYR B 64 -50.77 0.66 35.34
N ALA B 65 -50.50 1.52 34.37
CA ALA B 65 -49.11 1.83 33.98
C ALA B 65 -48.31 2.25 35.23
N SER B 66 -48.91 3.10 36.06
CA SER B 66 -48.27 3.55 37.28
C SER B 66 -48.03 2.34 38.21
N GLY B 67 -48.89 1.32 38.08
CA GLY B 67 -48.75 0.12 38.90
C GLY B 67 -47.53 -0.66 38.48
N LEU B 68 -47.28 -0.71 37.17
CA LEU B 68 -46.13 -1.40 36.61
C LEU B 68 -44.83 -0.72 36.99
N LEU B 69 -44.89 0.60 37.18
CA LEU B 69 -43.71 1.36 37.57
C LEU B 69 -43.34 1.02 39.01
N LYS B 70 -44.35 0.95 39.88
CA LYS B 70 -44.08 0.59 41.27
C LYS B 70 -43.76 -0.91 41.32
N ALA B 71 -44.34 -1.65 40.36
CA ALA B 71 -44.15 -3.10 40.26
C ALA B 71 -42.72 -3.48 39.84
N GLY B 72 -42.10 -2.63 39.03
CA GLY B 72 -40.75 -2.90 38.58
C GLY B 72 -40.69 -3.38 37.14
N LEU B 73 -41.80 -3.90 36.64
CA LEU B 73 -41.84 -4.39 35.26
C LEU B 73 -41.39 -3.28 34.31
N ILE B 74 -41.48 -2.04 34.77
CA ILE B 74 -41.04 -0.90 33.99
C ILE B 74 -40.25 0.04 34.87
N ARG B 75 -39.02 0.33 34.46
CA ARG B 75 -38.16 1.18 35.25
C ARG B 75 -38.05 2.60 34.72
N HIS B 76 -37.96 3.54 35.64
CA HIS B 76 -37.84 4.94 35.28
C HIS B 76 -36.44 5.28 34.81
N THR B 77 -36.33 5.79 33.60
CA THR B 77 -35.03 6.16 33.04
C THR B 77 -34.15 6.95 33.99
N VAL B 78 -34.68 8.02 34.54
CA VAL B 78 -33.93 8.84 35.49
C VAL B 78 -34.72 8.91 36.79
N ASN B 79 -34.02 8.67 37.90
CA ASN B 79 -34.60 8.67 39.24
C ASN B 79 -35.81 9.59 39.46
N LYS B 80 -36.99 8.99 39.57
CA LYS B 80 -38.24 9.73 39.81
C LYS B 80 -39.21 8.73 40.40
N ILE B 81 -39.91 9.16 41.45
CA ILE B 81 -40.86 8.29 42.14
C ILE B 81 -42.23 8.18 41.47
N THR B 82 -42.80 9.33 41.16
CA THR B 82 -44.11 9.39 40.53
C THR B 82 -44.06 9.00 39.05
N PHE B 83 -45.12 8.32 38.59
CA PHE B 83 -45.22 7.89 37.19
C PHE B 83 -45.63 9.03 36.24
N SER B 84 -44.65 9.61 35.54
CA SER B 84 -44.94 10.68 34.59
C SER B 84 -45.29 10.03 33.26
N GLU B 85 -45.81 10.82 32.34
CA GLU B 85 -46.16 10.27 31.05
C GLU B 85 -45.33 10.91 29.95
N GLN B 86 -44.60 11.97 30.29
CA GLN B 86 -43.78 12.64 29.30
C GLN B 86 -42.28 12.40 29.48
N CYS B 87 -41.96 11.22 29.99
CA CYS B 87 -40.57 10.80 30.21
C CYS B 87 -40.37 9.35 29.75
N TYR B 88 -39.19 9.04 29.25
CA TYR B 88 -38.87 7.68 28.75
C TYR B 88 -38.74 6.62 29.84
N TYR B 89 -38.96 5.37 29.45
CA TYR B 89 -38.86 4.24 30.36
C TYR B 89 -38.17 3.05 29.68
N VAL B 90 -37.68 2.11 30.48
CA VAL B 90 -37.02 0.91 29.97
C VAL B 90 -37.54 -0.27 30.80
N PHE B 91 -37.68 -1.42 30.14
CA PHE B 91 -38.18 -2.61 30.82
C PHE B 91 -37.34 -3.09 31.99
N GLY B 92 -37.95 -3.94 32.83
CA GLY B 92 -37.25 -4.50 33.97
C GLY B 92 -37.02 -5.99 33.72
N ASP B 93 -36.77 -6.77 34.76
CA ASP B 93 -36.56 -8.20 34.58
C ASP B 93 -37.90 -8.90 34.40
N LEU B 94 -38.23 -9.20 33.14
CA LEU B 94 -39.49 -9.86 32.83
C LEU B 94 -39.39 -11.37 33.04
N SER B 95 -38.18 -11.89 33.22
CA SER B 95 -37.98 -13.32 33.43
C SER B 95 -38.25 -13.66 34.90
N GLY B 96 -37.84 -14.86 35.33
CA GLY B 96 -38.04 -15.27 36.71
C GLY B 96 -37.15 -14.50 37.69
N PRO B 105 -20.33 -8.27 48.92
CA PRO B 105 -19.48 -8.08 47.71
C PRO B 105 -19.01 -6.62 47.38
N PRO B 106 -18.15 -6.03 48.25
CA PRO B 106 -17.55 -4.68 48.19
C PRO B 106 -16.77 -4.41 46.89
N PRO B 107 -17.20 -3.40 46.11
CA PRO B 107 -16.64 -2.94 44.82
C PRO B 107 -15.20 -2.48 44.80
N TYR B 108 -14.59 -2.53 43.62
CA TYR B 108 -13.21 -2.09 43.45
C TYR B 108 -13.18 -0.58 43.24
N HIS B 109 -12.04 -0.07 42.80
CA HIS B 109 -11.87 1.37 42.57
C HIS B 109 -10.64 1.61 41.75
N GLU B 110 -10.70 2.62 40.90
CA GLU B 110 -9.54 2.90 40.08
C GLU B 110 -8.42 3.41 40.98
N LEU B 111 -7.22 2.87 40.82
CA LEU B 111 -6.09 3.28 41.63
C LEU B 111 -5.59 4.66 41.23
N GLU B 112 -5.70 5.60 42.16
CA GLU B 112 -5.24 6.96 41.93
C GLU B 112 -4.13 7.26 42.94
N PHE B 113 -3.54 8.45 42.83
CA PHE B 113 -2.48 8.82 43.75
C PHE B 113 -3.09 9.33 45.03
N GLY B 114 -3.57 8.43 45.89
CA GLY B 114 -4.36 8.94 46.99
C GLY B 114 -5.64 9.58 46.48
N GLY B 115 -6.49 8.77 45.85
CA GLY B 115 -7.74 9.29 45.33
C GLY B 115 -8.78 8.22 45.04
N SER B 116 -10.04 8.63 44.97
CA SER B 116 -11.14 7.70 44.72
C SER B 116 -11.48 7.58 43.24
N GLY B 117 -10.88 6.60 42.58
CA GLY B 117 -11.16 6.31 41.18
C GLY B 117 -12.54 5.72 41.07
N GLY B 118 -13.24 6.00 39.98
CA GLY B 118 -14.61 5.54 39.83
C GLY B 118 -14.75 4.05 40.01
N SER B 119 -15.83 3.63 40.67
CA SER B 119 -16.08 2.20 40.88
C SER B 119 -15.87 1.41 39.59
N ARG B 120 -15.51 0.15 39.71
CA ARG B 120 -15.28 -0.69 38.56
C ARG B 120 -16.57 -0.94 37.82
N ASN B 121 -16.47 -0.95 36.50
CA ASN B 121 -17.60 -1.21 35.63
C ASN B 121 -17.13 -1.70 34.26
N GLU B 122 -16.72 -2.98 34.20
CA GLU B 122 -16.26 -3.58 32.94
C GLU B 122 -16.96 -4.91 32.69
N LEU B 123 -16.83 -5.41 31.47
CA LEU B 123 -17.44 -6.67 31.09
C LEU B 123 -16.58 -7.38 30.05
N PHE B 124 -16.72 -8.69 29.97
CA PHE B 124 -15.94 -9.44 29.01
C PHE B 124 -16.81 -10.26 28.08
N LEU B 125 -16.51 -10.19 26.80
CA LEU B 125 -17.26 -10.94 25.82
C LEU B 125 -16.37 -11.96 25.13
N ASP B 126 -16.77 -13.21 25.20
CA ASP B 126 -16.00 -14.26 24.55
C ASP B 126 -16.86 -14.98 23.51
N VAL B 127 -16.36 -15.04 22.28
CA VAL B 127 -17.06 -15.74 21.20
C VAL B 127 -16.28 -17.02 20.95
N LEU B 128 -16.85 -18.16 21.33
CA LEU B 128 -16.16 -19.44 21.16
C LEU B 128 -16.81 -20.36 20.15
N GLU B 129 -16.23 -20.45 18.96
CA GLU B 129 -16.80 -21.34 17.95
C GLU B 129 -15.84 -22.47 17.68
N SER B 130 -16.37 -23.56 17.12
CA SER B 130 -15.59 -24.75 16.75
C SER B 130 -15.97 -25.15 15.33
N VAL B 131 -15.02 -25.13 14.41
CA VAL B 131 -15.30 -25.48 13.03
C VAL B 131 -15.12 -26.97 12.77
N ASN B 132 -16.04 -27.55 12.02
CA ASN B 132 -16.00 -28.97 11.67
C ASN B 132 -16.17 -29.11 10.17
N LEU B 133 -15.20 -29.73 9.52
CA LEU B 133 -15.22 -29.89 8.08
C LEU B 133 -14.82 -31.31 7.70
N LEU B 134 -15.09 -31.66 6.44
CA LEU B 134 -14.76 -32.97 5.90
C LEU B 134 -14.65 -32.75 4.40
N MET B 135 -13.58 -32.09 4.00
CA MET B 135 -13.33 -31.76 2.62
C MET B 135 -12.85 -32.99 1.85
N SER B 136 -13.10 -33.03 0.54
CA SER B 136 -12.69 -34.15 -0.32
C SER B 136 -11.29 -33.89 -0.88
N PRO B 137 -10.65 -34.92 -1.43
CA PRO B 137 -9.31 -34.78 -1.99
C PRO B 137 -9.06 -33.56 -2.87
N GLN B 138 -10.07 -33.09 -3.60
CA GLN B 138 -9.90 -31.93 -4.50
C GLN B 138 -10.43 -30.60 -4.00
N GLY B 139 -10.92 -30.56 -2.77
CA GLY B 139 -11.45 -29.32 -2.25
C GLY B 139 -12.95 -29.37 -2.05
N GLN B 140 -13.58 -30.35 -2.68
CA GLN B 140 -15.03 -30.51 -2.60
C GLN B 140 -15.46 -30.67 -1.14
N VAL B 141 -15.95 -29.60 -0.56
CA VAL B 141 -16.40 -29.65 0.83
C VAL B 141 -17.64 -30.53 0.95
N LEU B 142 -17.56 -31.51 1.84
CA LEU B 142 -18.69 -32.42 2.05
C LEU B 142 -19.42 -32.01 3.32
N SER B 143 -18.80 -32.24 4.47
CA SER B 143 -19.42 -31.86 5.74
C SER B 143 -18.97 -30.44 6.06
N ALA B 144 -19.73 -29.73 6.88
CA ALA B 144 -19.38 -28.35 7.24
C ALA B 144 -20.38 -27.66 8.16
N HIS B 145 -19.91 -27.25 9.33
CA HIS B 145 -20.75 -26.54 10.28
C HIS B 145 -19.95 -26.03 11.46
N VAL B 146 -20.41 -24.94 12.07
CA VAL B 146 -19.75 -24.33 13.22
C VAL B 146 -20.65 -24.38 14.44
N SER B 147 -20.10 -24.82 15.56
CA SER B 147 -20.86 -24.90 16.80
C SER B 147 -20.31 -23.84 17.72
N GLY B 148 -21.05 -22.75 17.88
CA GLY B 148 -20.58 -21.67 18.73
C GLY B 148 -21.42 -21.31 19.95
N ARG B 149 -20.87 -20.42 20.76
CA ARG B 149 -21.52 -19.97 21.98
C ARG B 149 -20.85 -18.65 22.38
N VAL B 150 -21.65 -17.72 22.90
CA VAL B 150 -21.12 -16.43 23.35
C VAL B 150 -21.19 -16.36 24.87
N VAL B 151 -20.03 -16.36 25.51
CA VAL B 151 -19.98 -16.30 26.97
C VAL B 151 -19.72 -14.88 27.40
N MET B 152 -20.16 -14.56 28.61
CA MET B 152 -19.98 -13.21 29.14
C MET B 152 -19.71 -13.12 30.65
N LYS B 153 -18.67 -12.37 31.01
CA LYS B 153 -18.31 -12.12 32.41
C LYS B 153 -18.86 -10.73 32.68
N SER B 154 -19.78 -10.60 33.61
CA SER B 154 -20.33 -9.30 33.91
C SER B 154 -19.86 -8.77 35.22
N TYR B 155 -19.32 -7.57 35.17
CA TYR B 155 -18.85 -6.89 36.35
C TYR B 155 -19.44 -5.51 36.28
N LEU B 156 -20.78 -5.48 36.23
CA LEU B 156 -21.54 -4.24 36.15
C LEU B 156 -22.31 -4.05 37.47
N SER B 157 -22.30 -2.84 37.99
CA SER B 157 -22.95 -2.53 39.25
C SER B 157 -24.46 -2.39 39.14
N GLY B 158 -25.18 -3.18 39.93
CA GLY B 158 -26.63 -3.10 39.92
C GLY B 158 -27.32 -4.01 38.93
N MET B 159 -28.18 -3.43 38.10
CA MET B 159 -28.93 -4.17 37.09
C MET B 159 -29.08 -3.33 35.84
N PRO B 160 -27.97 -2.96 35.22
CA PRO B 160 -28.05 -2.15 34.00
C PRO B 160 -28.69 -2.89 32.85
N GLU B 161 -29.49 -2.19 32.08
CA GLU B 161 -30.13 -2.80 30.94
C GLU B 161 -29.12 -2.75 29.78
N CYS B 162 -28.93 -3.88 29.11
CA CYS B 162 -27.98 -3.98 27.99
C CYS B 162 -28.57 -4.43 26.66
N LYS B 163 -27.96 -3.95 25.57
CA LYS B 163 -28.40 -4.29 24.23
C LYS B 163 -27.19 -4.80 23.45
N PHE B 164 -27.19 -6.09 23.15
CA PHE B 164 -26.09 -6.71 22.40
C PHE B 164 -26.42 -6.74 20.91
N GLY B 165 -25.47 -6.31 20.09
CA GLY B 165 -25.70 -6.30 18.65
C GLY B 165 -24.54 -6.80 17.79
N MET B 166 -24.84 -7.53 16.73
CA MET B 166 -23.80 -8.05 15.85
C MET B 166 -24.15 -7.88 14.38
N ASN B 167 -23.34 -8.52 13.54
CA ASN B 167 -23.49 -8.53 12.07
C ASN B 167 -22.30 -9.30 11.47
N ASP B 195 -30.25 -21.91 13.97
CA ASP B 195 -30.95 -22.03 15.24
C ASP B 195 -30.04 -21.48 16.34
N CYS B 196 -30.60 -21.33 17.54
CA CYS B 196 -29.84 -20.80 18.66
C CYS B 196 -30.69 -20.63 19.91
N THR B 197 -30.04 -20.67 21.05
CA THR B 197 -30.71 -20.50 22.33
C THR B 197 -30.26 -19.17 22.95
N PHE B 198 -30.88 -18.77 24.05
CA PHE B 198 -30.52 -17.54 24.74
C PHE B 198 -30.67 -17.64 26.23
N HIS B 199 -29.79 -16.99 26.97
CA HIS B 199 -29.87 -17.02 28.42
C HIS B 199 -31.21 -16.44 28.85
N GLN B 200 -31.88 -17.09 29.79
CA GLN B 200 -33.18 -16.64 30.27
C GLN B 200 -33.35 -15.11 30.34
N CYS B 201 -32.39 -14.43 30.96
CA CYS B 201 -32.45 -12.98 31.12
C CYS B 201 -32.58 -12.20 29.80
N VAL B 202 -32.63 -12.90 28.67
CA VAL B 202 -32.73 -12.22 27.38
C VAL B 202 -34.17 -11.94 27.00
N ARG B 203 -34.48 -10.67 26.79
CA ARG B 203 -35.82 -10.28 26.40
C ARG B 203 -35.98 -10.77 24.97
N LEU B 204 -37.02 -11.57 24.74
CA LEU B 204 -37.30 -12.15 23.43
C LEU B 204 -37.51 -11.05 22.37
N SER B 205 -36.60 -10.99 21.40
CA SER B 205 -36.65 -10.00 20.30
C SER B 205 -35.63 -10.29 19.20
N ARG B 211 -29.13 -6.76 13.52
CA ARG B 211 -29.51 -7.76 14.56
C ARG B 211 -29.15 -7.18 15.91
N SER B 212 -29.88 -7.62 16.95
CA SER B 212 -29.66 -7.16 18.33
C SER B 212 -30.68 -7.67 19.37
N ILE B 213 -30.18 -8.10 20.52
CA ILE B 213 -31.03 -8.59 21.61
C ILE B 213 -30.83 -7.74 22.88
N SER B 214 -31.86 -7.66 23.72
CA SER B 214 -31.78 -6.88 24.96
C SER B 214 -31.80 -7.82 26.17
N PHE B 215 -31.39 -7.30 27.32
CA PHE B 215 -31.37 -8.13 28.53
C PHE B 215 -30.79 -7.45 29.77
N ILE B 216 -31.07 -8.04 30.94
CA ILE B 216 -30.54 -7.56 32.20
C ILE B 216 -29.59 -8.67 32.64
N PRO B 217 -28.28 -8.47 32.44
CA PRO B 217 -27.19 -9.39 32.76
C PRO B 217 -27.07 -9.86 34.20
N PRO B 218 -27.18 -11.19 34.42
CA PRO B 218 -27.07 -11.71 35.78
C PRO B 218 -25.64 -11.41 36.15
N ASP B 219 -25.33 -11.33 37.44
CA ASP B 219 -23.95 -11.02 37.78
C ASP B 219 -23.08 -12.24 37.64
N GLY B 220 -21.81 -12.01 37.33
CA GLY B 220 -20.90 -13.12 37.18
C GLY B 220 -20.74 -13.52 35.74
N GLU B 221 -20.58 -14.82 35.50
CA GLU B 221 -20.39 -15.33 34.16
C GLU B 221 -21.54 -16.23 33.74
N PHE B 222 -21.94 -16.14 32.48
CA PHE B 222 -23.03 -16.95 31.98
C PHE B 222 -22.96 -17.06 30.46
N GLU B 223 -23.69 -18.03 29.90
CA GLU B 223 -23.73 -18.21 28.45
C GLU B 223 -24.86 -17.35 27.94
N LEU B 224 -24.53 -16.14 27.50
CA LEU B 224 -25.55 -15.23 26.98
C LEU B 224 -26.40 -15.93 25.94
N MET B 225 -25.73 -16.58 25.00
CA MET B 225 -26.43 -17.29 23.94
C MET B 225 -25.58 -18.39 23.32
N ARG B 226 -26.25 -19.27 22.57
CA ARG B 226 -25.61 -20.38 21.88
C ARG B 226 -26.14 -20.33 20.47
N TYR B 227 -25.49 -21.02 19.55
CA TYR B 227 -25.93 -21.03 18.17
C TYR B 227 -25.17 -22.06 17.36
N ARG B 228 -25.54 -22.21 16.10
CA ARG B 228 -24.87 -23.16 15.22
C ARG B 228 -25.16 -22.73 13.78
N THR B 229 -24.11 -22.56 12.98
CA THR B 229 -24.29 -22.14 11.59
C THR B 229 -23.67 -23.14 10.65
N THR B 230 -24.03 -23.04 9.37
CA THR B 230 -23.54 -23.95 8.35
C THR B 230 -23.27 -23.22 7.04
N LYS B 231 -23.85 -22.04 6.90
CA LYS B 231 -23.67 -21.29 5.67
C LYS B 231 -22.53 -20.27 5.76
N ASP B 232 -21.83 -20.08 4.64
CA ASP B 232 -20.75 -19.09 4.54
C ASP B 232 -19.62 -19.19 5.55
N ILE B 233 -19.38 -20.39 6.06
CA ILE B 233 -18.33 -20.58 7.04
C ILE B 233 -16.95 -20.34 6.46
N ILE B 234 -16.07 -19.72 7.26
CA ILE B 234 -14.70 -19.44 6.84
C ILE B 234 -13.86 -20.65 7.24
N LEU B 235 -13.15 -21.24 6.29
CA LEU B 235 -12.33 -22.39 6.61
C LEU B 235 -10.91 -21.90 6.82
N PRO B 236 -10.46 -21.85 8.09
CA PRO B 236 -9.10 -21.39 8.40
C PRO B 236 -8.06 -21.93 7.45
N PHE B 237 -7.84 -23.25 7.49
CA PHE B 237 -6.86 -23.90 6.63
C PHE B 237 -7.52 -24.74 5.54
N ARG B 238 -6.74 -25.01 4.49
CA ARG B 238 -7.17 -25.83 3.37
C ARG B 238 -6.05 -26.82 3.24
N VAL B 239 -6.38 -28.11 3.11
CA VAL B 239 -5.35 -29.12 2.99
C VAL B 239 -5.26 -29.76 1.61
N ILE B 240 -4.07 -29.68 1.01
CA ILE B 240 -3.82 -30.25 -0.29
C ILE B 240 -3.00 -31.52 -0.09
N PRO B 241 -3.69 -32.67 0.05
CA PRO B 241 -3.03 -33.96 0.25
C PRO B 241 -2.65 -34.64 -1.06
N LEU B 242 -1.43 -35.15 -1.14
CA LEU B 242 -0.97 -35.85 -2.33
C LEU B 242 -0.16 -37.08 -1.96
N VAL B 243 -0.77 -38.25 -2.09
CA VAL B 243 -0.11 -39.51 -1.79
C VAL B 243 0.05 -40.36 -3.05
N ARG B 244 1.27 -40.83 -3.31
CA ARG B 244 1.52 -41.63 -4.49
C ARG B 244 2.14 -42.97 -4.09
N GLU B 245 1.92 -43.99 -4.93
CA GLU B 245 2.45 -45.32 -4.68
C GLU B 245 3.54 -45.69 -5.66
N VAL B 246 4.67 -46.12 -5.13
CA VAL B 246 5.81 -46.51 -5.96
C VAL B 246 6.18 -47.97 -5.61
N GLY B 247 5.54 -48.91 -6.31
CA GLY B 247 5.80 -50.32 -6.04
C GLY B 247 5.05 -50.75 -4.79
N ARG B 248 5.70 -51.52 -3.93
CA ARG B 248 5.03 -51.96 -2.72
C ARG B 248 5.73 -51.33 -1.51
N THR B 249 7.06 -51.33 -1.50
CA THR B 249 7.84 -50.76 -0.40
C THR B 249 7.75 -49.25 -0.29
N LYS B 250 7.61 -48.58 -1.43
CA LYS B 250 7.54 -47.13 -1.45
C LYS B 250 6.12 -46.55 -1.52
N LEU B 251 5.94 -45.47 -0.78
CA LEU B 251 4.68 -44.73 -0.67
C LEU B 251 5.08 -43.27 -0.38
N GLU B 252 4.96 -42.40 -1.39
CA GLU B 252 5.33 -40.99 -1.24
C GLU B 252 4.17 -40.15 -0.70
N VAL B 253 4.49 -39.10 0.04
CA VAL B 253 3.46 -38.24 0.59
C VAL B 253 3.89 -36.79 0.67
N LYS B 254 3.07 -35.90 0.14
CA LYS B 254 3.37 -34.48 0.16
C LYS B 254 2.08 -33.75 0.48
N VAL B 255 1.99 -33.23 1.69
CA VAL B 255 0.80 -32.48 2.10
C VAL B 255 1.16 -31.02 2.33
N VAL B 256 0.32 -30.13 1.81
CA VAL B 256 0.55 -28.70 1.96
C VAL B 256 -0.69 -28.05 2.53
N ILE B 257 -0.50 -27.17 3.51
CA ILE B 257 -1.62 -26.49 4.12
C ILE B 257 -1.55 -25.02 3.79
N LYS B 258 -2.71 -24.44 3.49
CA LYS B 258 -2.78 -23.02 3.16
C LYS B 258 -3.56 -22.29 4.24
N SER B 259 -2.94 -21.28 4.86
CA SER B 259 -3.60 -20.50 5.90
C SER B 259 -4.56 -19.57 5.17
N ASN B 260 -5.76 -19.45 5.69
CA ASN B 260 -6.75 -18.62 5.02
C ASN B 260 -7.42 -17.57 5.91
N PHE B 261 -6.79 -16.39 6.01
CA PHE B 261 -7.31 -15.28 6.79
C PHE B 261 -6.34 -14.11 6.75
N LYS B 262 -6.81 -12.93 7.17
CA LYS B 262 -5.97 -11.74 7.16
C LYS B 262 -4.56 -12.09 7.61
N PRO B 263 -3.56 -11.72 6.80
CA PRO B 263 -2.15 -11.98 7.09
C PRO B 263 -1.73 -11.52 8.48
N SER B 264 -2.46 -10.54 9.01
CA SER B 264 -2.16 -9.98 10.32
C SER B 264 -2.44 -10.91 11.51
N LEU B 265 -3.38 -11.84 11.33
CA LEU B 265 -3.72 -12.77 12.41
C LEU B 265 -2.93 -14.06 12.35
N LEU B 266 -2.49 -14.53 13.51
CA LEU B 266 -1.72 -15.77 13.57
C LEU B 266 -2.49 -16.86 14.30
N ALA B 267 -2.65 -18.01 13.67
CA ALA B 267 -3.33 -19.12 14.32
C ALA B 267 -2.22 -19.88 15.01
N GLN B 268 -2.42 -20.25 16.27
CA GLN B 268 -1.40 -21.00 16.97
C GLN B 268 -1.85 -22.39 17.35
N LYS B 269 -1.00 -23.10 18.07
CA LYS B 269 -1.28 -24.46 18.47
C LYS B 269 -1.85 -25.19 17.28
N ILE B 270 -1.00 -25.47 16.29
CA ILE B 270 -1.44 -26.18 15.09
C ILE B 270 -0.97 -27.63 15.14
N GLU B 271 -1.82 -28.54 14.69
CA GLU B 271 -1.48 -29.94 14.67
C GLU B 271 -2.06 -30.64 13.44
N VAL B 272 -1.19 -31.34 12.73
CA VAL B 272 -1.58 -32.07 11.52
C VAL B 272 -1.33 -33.56 11.78
N ARG B 273 -2.30 -34.39 11.47
CA ARG B 273 -2.18 -35.81 11.66
C ARG B 273 -2.34 -36.60 10.37
N ILE B 274 -1.24 -37.14 9.87
CA ILE B 274 -1.26 -37.93 8.64
C ILE B 274 -1.09 -39.43 8.95
N PRO B 275 -2.12 -40.22 8.64
CA PRO B 275 -2.23 -41.66 8.86
C PRO B 275 -1.36 -42.54 7.98
N THR B 276 -0.50 -43.34 8.60
CA THR B 276 0.38 -44.24 7.86
C THR B 276 -0.22 -45.64 7.79
N PRO B 277 0.06 -46.39 6.71
CA PRO B 277 -0.49 -47.75 6.60
C PRO B 277 -0.05 -48.56 7.81
N LEU B 278 -0.62 -49.74 7.98
CA LEU B 278 -0.28 -50.59 9.12
C LEU B 278 1.05 -51.31 8.85
N ASN B 279 1.28 -51.65 7.59
CA ASN B 279 2.48 -52.35 7.16
C ASN B 279 3.68 -51.42 7.03
N THR B 280 3.64 -50.30 7.74
CA THR B 280 4.74 -49.35 7.69
C THR B 280 5.98 -49.95 8.32
N SER B 281 7.09 -49.94 7.59
CA SER B 281 8.35 -50.50 8.10
C SER B 281 9.27 -49.37 8.51
N GLY B 282 9.30 -48.30 7.72
CA GLY B 282 10.14 -47.16 8.03
C GLY B 282 9.59 -45.90 7.38
N VAL B 283 9.69 -44.77 8.08
CA VAL B 283 9.17 -43.51 7.53
C VAL B 283 10.16 -42.36 7.70
N GLN B 284 10.34 -41.60 6.62
CA GLN B 284 11.24 -40.46 6.60
C GLN B 284 10.46 -39.18 6.29
N VAL B 285 10.55 -38.17 7.18
CA VAL B 285 9.82 -36.92 6.97
C VAL B 285 10.69 -35.71 6.76
N ILE B 286 10.12 -34.71 6.11
CA ILE B 286 10.82 -33.47 5.85
C ILE B 286 9.84 -32.33 5.95
N CYS B 287 10.24 -31.28 6.67
CA CYS B 287 9.40 -30.10 6.84
C CYS B 287 10.29 -28.94 7.22
N MET B 288 10.09 -27.79 6.57
CA MET B 288 10.92 -26.63 6.83
C MET B 288 10.44 -25.84 8.04
N LYS B 289 9.14 -25.95 8.34
CA LYS B 289 8.54 -25.24 9.46
C LYS B 289 8.02 -26.19 10.53
N GLY B 290 8.12 -25.78 11.78
CA GLY B 290 7.64 -26.61 12.87
C GLY B 290 8.42 -27.90 12.95
N LYS B 291 7.85 -28.91 13.60
CA LYS B 291 8.53 -30.19 13.73
C LYS B 291 7.51 -31.31 13.56
N ALA B 292 7.93 -32.45 13.04
CA ALA B 292 7.02 -33.58 12.82
C ALA B 292 7.64 -34.93 13.12
N LYS B 293 7.00 -35.69 13.99
CA LYS B 293 7.48 -37.02 14.37
C LYS B 293 6.54 -38.09 13.82
N TYR B 294 6.99 -39.33 13.78
CA TYR B 294 6.14 -40.41 13.30
C TYR B 294 5.84 -41.34 14.45
N LYS B 295 4.77 -41.07 15.18
CA LYS B 295 4.38 -41.92 16.30
C LYS B 295 3.68 -43.14 15.69
N ALA B 296 4.43 -44.23 15.55
CA ALA B 296 3.92 -45.48 14.99
C ALA B 296 2.88 -46.10 15.90
N SER B 297 3.03 -45.86 17.20
CA SER B 297 2.10 -46.37 18.20
C SER B 297 0.69 -45.93 17.84
N GLU B 298 0.60 -44.95 16.94
CA GLU B 298 -0.70 -44.42 16.52
C GLU B 298 -0.87 -44.51 15.00
N ASN B 299 0.14 -45.05 14.33
CA ASN B 299 0.12 -45.19 12.88
C ASN B 299 -0.21 -43.88 12.19
N ALA B 300 0.58 -42.87 12.52
CA ALA B 300 0.39 -41.56 11.94
C ALA B 300 1.57 -40.67 12.25
N ILE B 301 1.81 -39.69 11.38
CA ILE B 301 2.88 -38.74 11.56
C ILE B 301 2.27 -37.48 12.15
N VAL B 302 2.79 -37.01 13.27
CA VAL B 302 2.27 -35.82 13.92
C VAL B 302 3.13 -34.61 13.59
N TRP B 303 2.51 -33.59 13.03
CA TRP B 303 3.22 -32.38 12.65
C TRP B 303 2.74 -31.22 13.53
N LYS B 304 3.63 -30.69 14.35
CA LYS B 304 3.27 -29.58 15.23
C LYS B 304 3.95 -28.29 14.80
N ILE B 305 3.13 -27.25 14.63
CA ILE B 305 3.62 -25.93 14.22
C ILE B 305 3.28 -24.85 15.25
N LYS B 306 4.30 -24.28 15.87
CA LYS B 306 4.15 -23.26 16.90
C LYS B 306 3.00 -22.26 16.61
N ARG B 307 3.02 -21.67 15.42
CA ARG B 307 2.01 -20.71 15.00
C ARG B 307 2.18 -20.39 13.52
N MET B 308 1.14 -19.86 12.88
CA MET B 308 1.23 -19.57 11.47
C MET B 308 0.40 -18.37 11.10
N ALA B 309 1.00 -17.49 10.30
CA ALA B 309 0.32 -16.28 9.87
C ALA B 309 -0.78 -16.56 8.86
N GLY B 310 -1.43 -15.50 8.38
CA GLY B 310 -2.48 -15.65 7.40
C GLY B 310 -1.92 -15.67 6.00
N MET B 311 -2.75 -16.04 5.03
CA MET B 311 -2.31 -16.11 3.64
C MET B 311 -0.86 -16.58 3.55
N LYS B 312 -0.67 -17.89 3.75
CA LYS B 312 0.65 -18.49 3.68
C LYS B 312 0.48 -19.99 3.48
N GLU B 313 1.52 -20.63 2.99
CA GLU B 313 1.46 -22.07 2.79
C GLU B 313 2.65 -22.68 3.50
N SER B 314 2.55 -23.97 3.81
CA SER B 314 3.63 -24.68 4.45
C SER B 314 3.54 -26.08 3.94
N GLN B 315 4.68 -26.77 3.86
CA GLN B 315 4.67 -28.12 3.35
C GLN B 315 5.43 -29.11 4.20
N ILE B 316 5.00 -30.36 4.12
CA ILE B 316 5.62 -31.47 4.83
C ILE B 316 5.55 -32.64 3.87
N SER B 317 6.66 -33.34 3.70
CA SER B 317 6.70 -34.49 2.79
C SER B 317 7.40 -35.64 3.48
N ALA B 318 7.05 -36.86 3.10
CA ALA B 318 7.66 -38.04 3.70
C ALA B 318 7.52 -39.29 2.86
N GLU B 319 8.53 -40.16 2.96
CA GLU B 319 8.56 -41.43 2.25
C GLU B 319 8.27 -42.54 3.24
N ILE B 320 7.27 -43.36 2.95
CA ILE B 320 6.90 -44.47 3.82
C ILE B 320 7.26 -45.83 3.24
N GLU B 321 8.03 -46.59 4.02
CA GLU B 321 8.48 -47.91 3.61
C GLU B 321 7.41 -48.92 4.01
N LEU B 322 7.17 -49.90 3.14
CA LEU B 322 6.16 -50.89 3.42
C LEU B 322 6.67 -52.34 3.28
N LEU B 323 6.27 -53.19 4.23
CA LEU B 323 6.63 -54.61 4.21
C LEU B 323 5.54 -55.29 3.39
N PRO B 324 5.93 -56.14 2.43
CA PRO B 324 4.97 -56.86 1.59
C PRO B 324 3.68 -57.33 2.21
N THR B 325 2.61 -57.01 1.48
CA THR B 325 1.25 -57.38 1.83
C THR B 325 0.72 -58.32 0.76
N ASN B 326 -0.03 -59.32 1.24
CA ASN B 326 -0.61 -60.32 0.36
C ASN B 326 -2.01 -59.93 -0.07
N ASP B 327 -2.74 -59.25 0.81
CA ASP B 327 -4.11 -58.85 0.53
C ASP B 327 -4.41 -58.07 -0.74
N LYS B 328 -5.72 -57.94 -0.99
CA LYS B 328 -6.24 -57.24 -2.14
C LYS B 328 -6.93 -55.95 -1.68
N LYS B 329 -7.39 -55.95 -0.43
CA LYS B 329 -8.08 -54.80 0.15
C LYS B 329 -7.19 -53.55 0.17
N LYS B 330 -7.29 -52.71 -0.86
CA LYS B 330 -6.48 -51.49 -0.92
C LYS B 330 -6.69 -50.61 0.31
N TRP B 331 -5.59 -50.32 1.00
CA TRP B 331 -5.60 -49.50 2.23
C TRP B 331 -6.64 -48.40 2.25
N ALA B 332 -7.55 -48.49 3.23
CA ALA B 332 -8.61 -47.50 3.41
C ALA B 332 -7.94 -46.39 4.18
N ARG B 333 -7.59 -45.32 3.48
CA ARG B 333 -6.89 -44.19 4.10
C ARG B 333 -7.69 -43.30 5.02
N PRO B 334 -7.44 -43.37 6.34
CA PRO B 334 -8.16 -42.53 7.31
C PRO B 334 -7.86 -41.09 6.94
N PRO B 335 -8.88 -40.22 6.94
CA PRO B 335 -8.63 -38.82 6.59
C PRO B 335 -7.56 -38.13 7.45
N ILE B 336 -6.93 -37.10 6.89
CA ILE B 336 -5.91 -36.35 7.60
C ILE B 336 -6.57 -35.35 8.54
N SER B 337 -6.45 -35.58 9.84
CA SER B 337 -7.04 -34.69 10.84
C SER B 337 -6.20 -33.44 11.04
N MET B 338 -6.77 -32.43 11.65
CA MET B 338 -6.07 -31.19 11.90
C MET B 338 -6.66 -30.47 13.10
N ASN B 339 -5.80 -29.93 13.95
CA ASN B 339 -6.26 -29.20 15.12
C ASN B 339 -5.54 -27.86 15.18
N PHE B 340 -6.21 -26.85 15.73
CA PHE B 340 -5.62 -25.52 15.81
C PHE B 340 -6.37 -24.56 16.74
N GLU B 341 -6.23 -23.27 16.45
CA GLU B 341 -6.89 -22.23 17.19
C GLU B 341 -6.65 -20.92 16.50
N VAL B 342 -7.73 -20.28 16.03
CA VAL B 342 -7.61 -19.01 15.33
C VAL B 342 -8.33 -17.91 16.10
N PRO B 343 -7.69 -16.75 16.19
CA PRO B 343 -8.21 -15.59 16.90
C PRO B 343 -9.38 -14.91 16.24
N PHE B 344 -10.25 -15.65 15.58
CA PHE B 344 -11.40 -15.00 14.97
C PHE B 344 -12.60 -15.92 14.93
N ALA B 345 -13.74 -15.37 14.51
CA ALA B 345 -14.99 -16.13 14.44
C ALA B 345 -15.11 -16.87 13.12
N PRO B 346 -14.84 -18.19 13.11
CA PRO B 346 -14.93 -19.00 11.90
C PRO B 346 -16.27 -18.91 11.18
N SER B 347 -17.29 -18.45 11.90
CA SER B 347 -18.63 -18.32 11.32
C SER B 347 -18.79 -16.99 10.60
N GLY B 348 -17.95 -16.03 10.93
CA GLY B 348 -18.05 -14.72 10.31
C GLY B 348 -18.72 -13.74 11.25
N LEU B 349 -19.17 -14.27 12.38
CA LEU B 349 -19.83 -13.45 13.39
C LEU B 349 -18.83 -12.49 14.01
N LYS B 350 -19.22 -11.24 14.13
CA LYS B 350 -18.37 -10.23 14.73
C LYS B 350 -19.25 -9.38 15.63
N VAL B 351 -18.76 -9.01 16.81
CA VAL B 351 -19.54 -8.20 17.73
C VAL B 351 -19.44 -6.73 17.37
N ARG B 352 -20.59 -6.10 17.17
CA ARG B 352 -20.64 -4.70 16.78
C ARG B 352 -20.73 -3.75 17.96
N TYR B 353 -21.40 -4.17 19.03
CA TYR B 353 -21.55 -3.28 20.17
C TYR B 353 -22.33 -3.90 21.30
N LEU B 354 -22.10 -3.38 22.50
CA LEU B 354 -22.81 -3.86 23.67
C LEU B 354 -23.12 -2.67 24.57
N LYS B 355 -24.27 -2.05 24.30
CA LYS B 355 -24.70 -0.88 25.07
C LYS B 355 -25.08 -1.29 26.50
N VAL B 356 -24.66 -0.44 27.45
CA VAL B 356 -24.94 -0.67 28.87
C VAL B 356 -25.54 0.60 29.45
N PHE B 357 -26.66 0.47 30.16
CA PHE B 357 -27.28 1.63 30.76
C PHE B 357 -27.93 1.35 32.10
N GLU B 358 -27.54 2.11 33.12
CA GLU B 358 -28.10 1.95 34.46
C GLU B 358 -28.95 3.15 34.84
N PRO B 359 -30.27 2.98 34.81
CA PRO B 359 -31.20 4.06 35.13
C PRO B 359 -31.07 4.55 36.58
N LYS B 360 -30.97 3.63 37.52
CA LYS B 360 -30.90 4.00 38.93
C LYS B 360 -29.63 4.75 39.20
N LEU B 361 -28.51 4.06 38.97
CA LEU B 361 -27.19 4.69 39.08
C LEU B 361 -27.00 5.60 37.88
N ASN B 362 -25.94 6.41 37.92
CA ASN B 362 -25.69 7.34 36.81
C ASN B 362 -25.03 6.83 35.51
N TYR B 363 -24.18 5.79 35.58
CA TYR B 363 -23.37 5.43 34.43
C TYR B 363 -24.05 4.97 33.16
N SER B 364 -23.38 5.34 32.07
CA SER B 364 -23.78 5.03 30.69
C SER B 364 -22.55 4.37 30.09
N ASP B 365 -22.65 3.97 28.82
CA ASP B 365 -21.53 3.32 28.15
C ASP B 365 -20.20 4.00 28.45
N HIS B 366 -20.17 5.32 28.27
CA HIS B 366 -18.96 6.08 28.50
C HIS B 366 -18.20 5.72 29.76
N ASP B 367 -18.92 5.20 30.75
CA ASP B 367 -18.32 4.81 32.02
C ASP B 367 -17.90 3.32 32.09
N VAL B 368 -18.31 2.53 31.10
CA VAL B 368 -18.01 1.11 31.09
C VAL B 368 -16.84 0.72 30.20
N ILE B 369 -16.01 -0.20 30.70
CA ILE B 369 -14.85 -0.70 29.99
C ILE B 369 -15.24 -2.03 29.38
N LYS B 370 -15.21 -2.11 28.05
CA LYS B 370 -15.63 -3.34 27.40
C LYS B 370 -14.49 -4.10 26.71
N TRP B 371 -14.40 -5.39 27.03
CA TRP B 371 -13.36 -6.26 26.46
C TRP B 371 -13.96 -7.43 25.67
N VAL B 372 -13.47 -7.63 24.44
CA VAL B 372 -13.95 -8.72 23.59
C VAL B 372 -12.81 -9.66 23.27
N ARG B 373 -13.11 -10.81 22.68
CA ARG B 373 -12.09 -11.79 22.33
C ARG B 373 -12.71 -12.97 21.61
N TYR B 374 -12.25 -13.23 20.39
CA TYR B 374 -12.78 -14.35 19.64
C TYR B 374 -11.77 -15.49 19.73
N ILE B 375 -12.24 -16.69 20.02
CA ILE B 375 -11.38 -17.85 20.12
C ILE B 375 -11.96 -19.03 19.37
N GLY B 376 -11.66 -19.08 18.08
CA GLY B 376 -12.16 -20.16 17.24
C GLY B 376 -11.22 -21.34 17.28
N ARG B 377 -11.73 -22.47 17.78
CA ARG B 377 -10.94 -23.70 17.88
C ARG B 377 -11.38 -24.66 16.78
N SER B 378 -10.78 -25.84 16.72
CA SER B 378 -11.16 -26.80 15.71
C SER B 378 -11.56 -28.12 16.32
N GLY B 379 -12.61 -28.71 15.78
CA GLY B 379 -13.07 -30.00 16.26
C GLY B 379 -12.75 -31.06 15.24
N ILE B 380 -13.78 -31.58 14.57
CA ILE B 380 -13.59 -32.60 13.55
C ILE B 380 -13.24 -31.91 12.22
N TYR B 381 -11.96 -31.60 12.07
CA TYR B 381 -11.47 -30.94 10.87
C TYR B 381 -10.59 -31.93 10.14
N GLU B 382 -11.16 -32.66 9.18
CA GLU B 382 -10.41 -33.66 8.45
C GLU B 382 -10.52 -33.54 6.95
N THR B 383 -9.44 -33.83 6.25
CA THR B 383 -9.43 -33.80 4.80
C THR B 383 -9.21 -35.20 4.25
N ARG B 384 -10.10 -35.62 3.36
CA ARG B 384 -10.02 -36.94 2.75
C ARG B 384 -8.67 -37.09 2.10
N CYS B 385 -7.95 -38.14 2.50
CA CYS B 385 -6.61 -38.42 1.98
C CYS B 385 -6.64 -38.56 0.47
N MET C 7 -23.77 -57.79 -74.39
CA MET C 7 -23.68 -56.32 -74.09
C MET C 7 -22.57 -55.71 -74.96
N ASP C 8 -22.40 -54.38 -74.90
CA ASP C 8 -21.36 -53.70 -75.69
C ASP C 8 -20.00 -53.69 -74.98
N MET C 9 -18.92 -53.63 -75.76
CA MET C 9 -17.57 -53.63 -75.19
C MET C 9 -17.37 -52.50 -74.17
N ALA C 10 -17.73 -51.29 -74.59
CA ALA C 10 -17.60 -50.09 -73.75
C ALA C 10 -18.20 -50.30 -72.35
N SER C 11 -19.43 -50.82 -72.29
CA SER C 11 -20.08 -51.04 -71.01
C SER C 11 -19.35 -52.08 -70.18
N VAL C 12 -18.85 -53.13 -70.84
CA VAL C 12 -18.13 -54.20 -70.16
C VAL C 12 -16.94 -53.63 -69.35
N THR C 13 -16.07 -52.91 -70.04
CA THR C 13 -14.90 -52.31 -69.41
C THR C 13 -15.37 -51.41 -68.27
N LYS C 14 -16.38 -50.58 -68.56
CA LYS C 14 -16.96 -49.68 -67.58
C LYS C 14 -17.32 -50.42 -66.29
N ALA C 15 -17.48 -51.73 -66.40
CA ALA C 15 -17.83 -52.58 -65.26
C ALA C 15 -16.63 -52.70 -64.33
N MET C 16 -15.48 -53.04 -64.91
CA MET C 16 -14.24 -53.18 -64.15
C MET C 16 -13.95 -51.82 -63.50
N ALA C 17 -14.32 -50.77 -64.23
CA ALA C 17 -14.14 -49.38 -63.82
C ALA C 17 -14.58 -49.10 -62.37
N ALA C 18 -15.83 -49.44 -62.03
CA ALA C 18 -16.35 -49.23 -60.67
C ALA C 18 -15.26 -49.67 -59.69
N PRO C 19 -14.82 -48.77 -58.80
CA PRO C 19 -13.77 -49.07 -57.81
C PRO C 19 -14.07 -50.30 -56.93
N GLU C 20 -15.35 -50.68 -56.91
CA GLU C 20 -15.82 -51.81 -56.12
C GLU C 20 -15.73 -53.14 -56.87
N SER C 21 -15.75 -53.05 -58.21
CA SER C 21 -15.67 -54.23 -59.07
C SER C 21 -14.50 -55.15 -58.67
N GLY C 22 -14.50 -56.36 -59.21
CA GLY C 22 -13.45 -57.32 -58.90
C GLY C 22 -12.02 -56.89 -59.24
N LEU C 23 -11.80 -56.53 -60.50
CA LEU C 23 -10.51 -56.11 -61.01
C LEU C 23 -9.69 -55.17 -60.10
N GLU C 24 -8.48 -55.60 -59.73
CA GLU C 24 -7.61 -54.79 -58.89
C GLU C 24 -6.88 -53.78 -59.78
N VAL C 25 -6.98 -52.51 -59.40
CA VAL C 25 -6.35 -51.44 -60.17
C VAL C 25 -5.65 -50.44 -59.23
N ARG C 26 -4.31 -50.43 -59.24
CA ARG C 26 -3.57 -49.51 -58.38
C ARG C 26 -2.36 -48.92 -59.09
N ASP C 27 -1.72 -47.96 -58.44
CA ASP C 27 -0.55 -47.31 -58.99
C ASP C 27 0.63 -48.28 -58.87
N ARG C 28 1.21 -48.64 -60.01
CA ARG C 28 2.36 -49.54 -60.00
C ARG C 28 3.62 -48.76 -60.37
N MET C 29 4.78 -49.26 -59.95
CA MET C 29 6.01 -48.55 -60.26
C MET C 29 6.98 -49.39 -61.10
N TRP C 30 7.26 -48.92 -62.32
CA TRP C 30 8.17 -49.62 -63.25
C TRP C 30 9.40 -48.74 -63.50
N LEU C 31 10.58 -49.30 -63.25
CA LEU C 31 11.81 -48.53 -63.41
C LEU C 31 11.70 -47.31 -62.50
N LYS C 32 12.04 -46.13 -63.00
CA LYS C 32 11.94 -44.94 -62.17
C LYS C 32 10.47 -44.49 -62.11
N ILE C 33 9.81 -44.57 -63.27
CA ILE C 33 8.41 -44.17 -63.40
C ILE C 33 7.48 -44.86 -62.41
N THR C 34 6.24 -44.38 -62.39
CA THR C 34 5.19 -44.87 -61.53
C THR C 34 3.86 -44.78 -62.29
N ILE C 35 3.43 -45.90 -62.88
CA ILE C 35 2.18 -45.94 -63.64
C ILE C 35 0.94 -45.81 -62.79
N PRO C 36 0.11 -44.81 -63.11
CA PRO C 36 -1.14 -44.50 -62.41
C PRO C 36 -2.27 -45.45 -62.74
N ASN C 37 -2.99 -45.89 -61.71
CA ASN C 37 -4.14 -46.79 -61.86
C ASN C 37 -3.96 -47.78 -63.02
N ALA C 38 -3.07 -48.73 -62.77
CA ALA C 38 -2.73 -49.77 -63.73
C ALA C 38 -3.05 -51.14 -63.16
N PHE C 39 -3.37 -52.07 -64.06
CA PHE C 39 -3.72 -53.44 -63.66
C PHE C 39 -2.95 -54.45 -64.51
N LEU C 40 -2.81 -55.68 -64.00
CA LEU C 40 -2.09 -56.71 -64.74
C LEU C 40 -2.97 -57.32 -65.84
N GLY C 41 -2.36 -57.59 -67.00
CA GLY C 41 -3.08 -58.15 -68.13
C GLY C 41 -3.73 -59.50 -67.85
N SER C 42 -3.37 -60.09 -66.71
CA SER C 42 -3.92 -61.37 -66.31
C SER C 42 -5.24 -61.15 -65.59
N ASP C 43 -5.19 -60.34 -64.54
CA ASP C 43 -6.38 -60.04 -63.74
C ASP C 43 -7.54 -59.66 -64.63
N VAL C 44 -7.23 -59.18 -65.84
CA VAL C 44 -8.28 -58.78 -66.79
C VAL C 44 -8.98 -60.00 -67.38
N VAL C 45 -8.22 -61.02 -67.75
CA VAL C 45 -8.79 -62.24 -68.31
C VAL C 45 -9.54 -62.97 -67.19
N ASP C 46 -9.03 -62.85 -65.95
CA ASP C 46 -9.67 -63.46 -64.79
C ASP C 46 -11.05 -62.85 -64.65
N TRP C 47 -11.07 -61.59 -64.19
CA TRP C 47 -12.32 -60.86 -64.00
C TRP C 47 -13.22 -60.89 -65.26
N LEU C 48 -12.81 -60.88 -66.45
CA LEU C 48 -13.53 -61.02 -67.70
C LEU C 48 -14.54 -62.17 -67.66
N TYR C 49 -14.06 -63.36 -67.29
CA TYR C 49 -14.90 -64.55 -67.24
C TYR C 49 -15.51 -64.74 -65.85
N HIS C 50 -14.69 -64.64 -64.81
CA HIS C 50 -15.17 -64.82 -63.45
C HIS C 50 -16.44 -64.03 -63.17
N HIS C 51 -16.57 -62.87 -63.83
CA HIS C 51 -17.73 -62.02 -63.64
C HIS C 51 -18.49 -61.76 -64.95
N VAL C 52 -17.79 -61.91 -66.08
CA VAL C 52 -18.39 -61.67 -67.38
C VAL C 52 -18.87 -63.01 -67.95
N GLU C 53 -20.17 -63.14 -68.14
CA GLU C 53 -20.72 -64.39 -68.68
C GLU C 53 -20.96 -64.37 -70.17
N GLY C 54 -20.86 -65.56 -70.75
CA GLY C 54 -21.01 -65.73 -72.19
C GLY C 54 -19.68 -66.26 -72.69
N PHE C 55 -18.82 -66.61 -71.73
CA PHE C 55 -17.48 -67.14 -72.01
C PHE C 55 -17.39 -68.65 -71.75
N PRO C 56 -17.08 -69.42 -72.79
CA PRO C 56 -16.96 -70.87 -72.68
C PRO C 56 -15.73 -71.27 -71.86
N GLU C 57 -14.57 -70.77 -72.24
CA GLU C 57 -13.32 -71.06 -71.53
C GLU C 57 -12.53 -69.78 -71.27
N ARG C 58 -11.50 -69.89 -70.44
CA ARG C 58 -10.65 -68.76 -70.12
C ARG C 58 -9.83 -68.39 -71.35
N ARG C 59 -9.89 -69.25 -72.36
CA ARG C 59 -9.17 -69.01 -73.61
C ARG C 59 -10.00 -68.04 -74.44
N GLU C 60 -11.28 -67.90 -74.08
CA GLU C 60 -12.18 -66.98 -74.78
C GLU C 60 -12.23 -65.63 -74.07
N ALA C 61 -12.02 -65.68 -72.76
CA ALA C 61 -12.02 -64.46 -71.93
C ALA C 61 -10.77 -63.64 -72.28
N ARG C 62 -9.74 -64.33 -72.77
CA ARG C 62 -8.49 -63.69 -73.15
C ARG C 62 -8.57 -63.15 -74.59
N LYS C 63 -9.31 -63.86 -75.45
CA LYS C 63 -9.49 -63.44 -76.85
C LYS C 63 -10.27 -62.12 -76.85
N TYR C 64 -11.17 -61.98 -75.88
CA TYR C 64 -11.98 -60.78 -75.72
C TYR C 64 -11.07 -59.65 -75.21
N ALA C 65 -10.29 -59.95 -74.18
CA ALA C 65 -9.38 -58.96 -73.62
C ALA C 65 -8.52 -58.39 -74.74
N SER C 66 -8.02 -59.26 -75.63
CA SER C 66 -7.18 -58.82 -76.76
C SER C 66 -8.01 -57.91 -77.67
N GLY C 67 -9.32 -58.11 -77.67
CA GLY C 67 -10.20 -57.30 -78.49
C GLY C 67 -10.29 -55.89 -77.93
N LEU C 68 -10.33 -55.80 -76.59
CA LEU C 68 -10.40 -54.52 -75.89
C LEU C 68 -9.13 -53.70 -76.13
N LEU C 69 -8.02 -54.41 -76.28
CA LEU C 69 -6.73 -53.74 -76.51
C LEU C 69 -6.71 -53.14 -77.90
N LYS C 70 -7.22 -53.86 -78.89
CA LYS C 70 -7.25 -53.33 -80.24
C LYS C 70 -8.37 -52.30 -80.28
N ALA C 71 -9.36 -52.49 -79.43
CA ALA C 71 -10.52 -51.60 -79.33
C ALA C 71 -10.16 -50.21 -78.75
N GLY C 72 -9.19 -50.19 -77.84
CA GLY C 72 -8.77 -48.96 -77.23
C GLY C 72 -9.28 -48.81 -75.81
N LEU C 73 -10.34 -49.53 -75.47
CA LEU C 73 -10.89 -49.45 -74.12
C LEU C 73 -9.81 -49.73 -73.09
N ILE C 74 -8.75 -50.40 -73.52
CA ILE C 74 -7.62 -50.72 -72.65
C ILE C 74 -6.33 -50.43 -73.41
N ARG C 75 -5.49 -49.56 -72.83
CA ARG C 75 -4.24 -49.21 -73.49
C ARG C 75 -3.01 -49.88 -72.90
N HIS C 76 -2.08 -50.19 -73.79
CA HIS C 76 -0.84 -50.85 -73.44
C HIS C 76 0.10 -49.86 -72.76
N THR C 77 0.50 -50.15 -71.53
CA THR C 77 1.41 -49.28 -70.77
C THR C 77 2.62 -48.82 -71.59
N VAL C 78 3.31 -49.78 -72.18
CA VAL C 78 4.49 -49.49 -72.98
C VAL C 78 4.27 -50.05 -74.39
N ASN C 79 4.53 -49.22 -75.40
CA ASN C 79 4.36 -49.61 -76.81
C ASN C 79 4.55 -51.08 -77.16
N LYS C 80 3.45 -51.77 -77.44
CA LYS C 80 3.44 -53.18 -77.82
C LYS C 80 2.13 -53.42 -78.54
N ILE C 81 2.23 -54.15 -79.66
CA ILE C 81 1.06 -54.44 -80.48
C ILE C 81 0.23 -55.63 -80.02
N THR C 82 0.91 -56.74 -79.72
CA THR C 82 0.29 -57.97 -79.27
C THR C 82 -0.19 -57.87 -77.81
N PHE C 83 -1.35 -58.45 -77.51
CA PHE C 83 -1.90 -58.44 -76.16
C PHE C 83 -1.21 -59.46 -75.24
N SER C 84 -0.29 -59.00 -74.40
CA SER C 84 0.40 -59.90 -73.46
C SER C 84 -0.44 -60.00 -72.21
N GLU C 85 -0.12 -60.95 -71.35
CA GLU C 85 -0.88 -61.10 -70.13
C GLU C 85 -0.01 -60.82 -68.92
N GLN C 86 1.30 -60.70 -69.15
CA GLN C 86 2.23 -60.45 -68.05
C GLN C 86 2.76 -59.03 -68.04
N CYS C 87 1.95 -58.10 -68.53
CA CYS C 87 2.30 -56.68 -68.56
C CYS C 87 1.11 -55.81 -68.12
N TYR C 88 1.42 -54.67 -67.49
CA TYR C 88 0.38 -53.77 -66.99
C TYR C 88 -0.34 -53.01 -68.09
N TYR C 89 -1.56 -52.56 -67.76
CA TYR C 89 -2.40 -51.80 -68.67
C TYR C 89 -3.14 -50.69 -67.93
N VAL C 90 -3.64 -49.73 -68.69
CA VAL C 90 -4.39 -48.61 -68.12
C VAL C 90 -5.58 -48.35 -69.02
N PHE C 91 -6.70 -47.95 -68.42
CA PHE C 91 -7.92 -47.68 -69.18
C PHE C 91 -7.78 -46.60 -70.26
N GLY C 92 -8.75 -46.59 -71.18
CA GLY C 92 -8.76 -45.60 -72.23
C GLY C 92 -9.95 -44.68 -71.99
N ASP C 93 -10.40 -43.95 -73.01
CA ASP C 93 -11.55 -43.06 -72.83
C ASP C 93 -12.84 -43.87 -72.84
N LEU C 94 -13.38 -44.11 -71.65
CA LEU C 94 -14.61 -44.87 -71.50
C LEU C 94 -15.85 -44.01 -71.73
N SER C 95 -15.66 -42.69 -71.79
CA SER C 95 -16.77 -41.77 -72.02
C SER C 95 -17.07 -41.68 -73.52
N GLY C 96 -17.83 -40.67 -73.91
CA GLY C 96 -18.19 -40.49 -75.32
C GLY C 96 -17.00 -40.01 -76.14
N PRO C 103 -7.01 -31.71 -84.05
CA PRO C 103 -5.89 -32.04 -84.98
C PRO C 103 -4.46 -31.98 -84.37
N GLN C 104 -3.49 -31.45 -85.13
CA GLN C 104 -2.10 -31.36 -84.65
C GLN C 104 -1.40 -30.00 -84.70
N PRO C 105 -1.00 -29.47 -83.54
CA PRO C 105 -0.29 -28.18 -83.49
C PRO C 105 1.24 -28.41 -83.36
N PRO C 106 2.06 -27.93 -84.33
CA PRO C 106 3.50 -28.17 -84.15
C PRO C 106 3.95 -27.74 -82.74
N PRO C 107 4.47 -28.69 -81.93
CA PRO C 107 4.95 -28.54 -80.55
C PRO C 107 6.13 -27.60 -80.33
N TYR C 108 6.27 -27.13 -79.09
CA TYR C 108 7.36 -26.25 -78.71
C TYR C 108 8.59 -27.07 -78.37
N HIS C 109 9.57 -26.42 -77.77
CA HIS C 109 10.80 -27.09 -77.38
C HIS C 109 11.56 -26.24 -76.41
N GLU C 110 12.24 -26.90 -75.47
CA GLU C 110 13.03 -26.17 -74.49
C GLU C 110 14.20 -25.51 -75.21
N LEU C 111 14.39 -24.24 -74.94
CA LEU C 111 15.45 -23.51 -75.58
C LEU C 111 16.80 -23.90 -75.02
N GLU C 112 17.64 -24.46 -75.88
CA GLU C 112 18.99 -24.86 -75.49
C GLU C 112 19.98 -24.10 -76.35
N PHE C 113 21.25 -24.21 -76.03
CA PHE C 113 22.28 -23.49 -76.78
C PHE C 113 22.56 -24.27 -78.04
N GLY C 114 21.68 -24.15 -79.04
CA GLY C 114 21.83 -25.05 -80.17
C GLY C 114 21.56 -26.50 -79.76
N GLY C 115 20.34 -26.77 -79.30
CA GLY C 115 19.99 -28.11 -78.86
C GLY C 115 18.49 -28.36 -78.81
N SER C 116 18.12 -29.64 -78.85
CA SER C 116 16.71 -30.03 -78.82
C SER C 116 16.21 -30.31 -77.40
N GLY C 117 15.65 -29.29 -76.77
CA GLY C 117 15.08 -29.42 -75.45
C GLY C 117 13.78 -30.20 -75.54
N GLY C 118 13.51 -31.03 -74.54
CA GLY C 118 12.34 -31.89 -74.60
C GLY C 118 11.07 -31.14 -74.93
N SER C 119 10.20 -31.77 -75.72
CA SER C 119 8.91 -31.15 -76.06
C SER C 119 8.20 -30.61 -74.82
N ARG C 120 7.38 -29.58 -75.02
CA ARG C 120 6.62 -28.98 -73.92
C ARG C 120 5.48 -29.92 -73.51
N ASN C 121 5.12 -29.92 -72.23
CA ASN C 121 4.05 -30.77 -71.72
C ASN C 121 3.58 -30.28 -70.37
N GLU C 122 3.13 -29.05 -70.30
CA GLU C 122 2.73 -28.55 -69.01
C GLU C 122 1.22 -28.46 -68.81
N LEU C 123 0.84 -28.22 -67.57
CA LEU C 123 -0.57 -28.09 -67.24
C LEU C 123 -0.74 -27.08 -66.12
N PHE C 124 -1.93 -26.52 -66.00
CA PHE C 124 -2.18 -25.55 -64.95
C PHE C 124 -3.38 -25.93 -64.10
N LEU C 125 -3.21 -25.86 -62.79
CA LEU C 125 -4.27 -26.18 -61.84
C LEU C 125 -4.69 -24.96 -61.06
N ASP C 126 -5.96 -24.61 -61.13
CA ASP C 126 -6.46 -23.47 -60.40
C ASP C 126 -7.55 -23.89 -59.42
N VAL C 127 -7.38 -23.56 -58.15
CA VAL C 127 -8.37 -23.90 -57.15
C VAL C 127 -9.04 -22.60 -56.80
N LEU C 128 -10.30 -22.44 -57.20
CA LEU C 128 -11.03 -21.20 -56.93
C LEU C 128 -12.20 -21.35 -55.97
N GLU C 129 -12.00 -20.94 -54.74
CA GLU C 129 -13.08 -21.04 -53.77
C GLU C 129 -13.55 -19.66 -53.37
N SER C 130 -14.76 -19.60 -52.81
CA SER C 130 -15.36 -18.36 -52.35
C SER C 130 -15.96 -18.60 -50.96
N VAL C 131 -15.47 -17.89 -49.95
CA VAL C 131 -15.97 -18.07 -48.60
C VAL C 131 -17.12 -17.14 -48.29
N ASN C 132 -18.12 -17.68 -47.60
CA ASN C 132 -19.30 -16.92 -47.22
C ASN C 132 -19.58 -17.14 -45.75
N LEU C 133 -19.59 -16.05 -45.00
CA LEU C 133 -19.82 -16.12 -43.57
C LEU C 133 -20.80 -15.05 -43.12
N LEU C 134 -21.30 -15.23 -41.90
CA LEU C 134 -22.25 -14.31 -41.28
C LEU C 134 -22.03 -14.49 -39.79
N MET C 135 -20.92 -13.97 -39.29
CA MET C 135 -20.56 -14.06 -37.89
C MET C 135 -21.39 -13.08 -37.05
N SER C 136 -21.61 -13.41 -35.77
CA SER C 136 -22.37 -12.54 -34.88
C SER C 136 -21.41 -11.55 -34.20
N PRO C 137 -21.96 -10.51 -33.55
CA PRO C 137 -21.14 -9.51 -32.87
C PRO C 137 -19.97 -10.02 -32.00
N GLN C 138 -20.14 -11.18 -31.35
CA GLN C 138 -19.09 -11.72 -30.47
C GLN C 138 -18.24 -12.83 -31.05
N GLY C 139 -18.41 -13.14 -32.33
CA GLY C 139 -17.63 -14.20 -32.93
C GLY C 139 -18.45 -15.42 -33.28
N GLN C 140 -19.64 -15.51 -32.69
CA GLN C 140 -20.53 -16.62 -32.92
C GLN C 140 -20.89 -16.75 -34.39
N VAL C 141 -20.23 -17.67 -35.06
CA VAL C 141 -20.46 -17.90 -36.48
C VAL C 141 -21.83 -18.49 -36.69
N LEU C 142 -22.62 -17.82 -37.54
CA LEU C 142 -23.97 -18.27 -37.85
C LEU C 142 -23.98 -18.98 -39.20
N SER C 143 -23.80 -18.23 -40.29
CA SER C 143 -23.76 -18.83 -41.61
C SER C 143 -22.30 -19.17 -41.92
N ALA C 144 -22.07 -20.12 -42.82
CA ALA C 144 -20.71 -20.51 -43.15
C ALA C 144 -20.62 -21.63 -44.18
N HIS C 145 -19.99 -21.35 -45.31
CA HIS C 145 -19.82 -22.35 -46.36
C HIS C 145 -18.91 -21.83 -47.47
N VAL C 146 -18.23 -22.74 -48.17
CA VAL C 146 -17.33 -22.38 -49.25
C VAL C 146 -17.80 -23.00 -50.56
N SER C 147 -17.87 -22.20 -51.61
CA SER C 147 -18.29 -22.69 -52.93
C SER C 147 -17.08 -22.71 -53.82
N GLY C 148 -16.53 -23.89 -54.05
CA GLY C 148 -15.34 -23.99 -54.88
C GLY C 148 -15.43 -24.76 -56.17
N ARG C 149 -14.35 -24.68 -56.94
CA ARG C 149 -14.26 -25.33 -58.24
C ARG C 149 -12.79 -25.42 -58.63
N VAL C 150 -12.38 -26.54 -59.22
CA VAL C 150 -11.01 -26.75 -59.65
C VAL C 150 -10.93 -26.69 -61.16
N VAL C 151 -10.35 -25.65 -61.70
CA VAL C 151 -10.23 -25.54 -63.16
C VAL C 151 -8.87 -26.03 -63.62
N MET C 152 -8.77 -26.45 -64.87
CA MET C 152 -7.51 -26.95 -65.37
C MET C 152 -7.24 -26.64 -66.84
N LYS C 153 -6.04 -26.14 -67.12
CA LYS C 153 -5.64 -25.85 -68.49
C LYS C 153 -4.73 -27.00 -68.83
N SER C 154 -5.08 -27.75 -69.86
CA SER C 154 -4.27 -28.89 -70.26
C SER C 154 -3.50 -28.65 -71.51
N TYR C 155 -2.19 -28.83 -71.43
CA TYR C 155 -1.33 -28.65 -72.58
C TYR C 155 -0.47 -29.92 -72.61
N LEU C 156 -1.14 -31.06 -72.67
CA LEU C 156 -0.49 -32.35 -72.72
C LEU C 156 -0.71 -32.98 -74.09
N SER C 157 0.35 -33.55 -74.65
CA SER C 157 0.30 -34.17 -75.97
C SER C 157 -0.38 -35.54 -76.02
N GLY C 158 -1.40 -35.65 -76.86
CA GLY C 158 -2.11 -36.91 -77.01
C GLY C 158 -3.28 -37.10 -76.08
N MET C 159 -3.26 -38.23 -75.36
CA MET C 159 -4.30 -38.56 -74.40
C MET C 159 -3.73 -39.25 -73.16
N PRO C 160 -2.80 -38.59 -72.45
CA PRO C 160 -2.21 -39.18 -71.26
C PRO C 160 -3.22 -39.41 -70.15
N GLU C 161 -3.08 -40.55 -69.47
CA GLU C 161 -3.99 -40.84 -68.39
C GLU C 161 -3.44 -40.13 -67.16
N CYS C 162 -4.32 -39.44 -66.43
CA CYS C 162 -3.93 -38.69 -65.24
C CYS C 162 -4.66 -39.07 -63.95
N LYS C 163 -3.96 -38.92 -62.82
CA LYS C 163 -4.53 -39.22 -61.51
C LYS C 163 -4.34 -38.01 -60.60
N PHE C 164 -5.43 -37.35 -60.27
CA PHE C 164 -5.39 -36.17 -59.41
C PHE C 164 -5.64 -36.59 -57.96
N GLY C 165 -4.82 -36.08 -57.04
CA GLY C 165 -4.98 -36.42 -55.64
C GLY C 165 -4.81 -35.26 -54.68
N MET C 166 -5.63 -35.24 -53.63
CA MET C 166 -5.57 -34.18 -52.63
C MET C 166 -5.65 -34.75 -51.22
N ASN C 167 -5.88 -33.88 -50.23
CA ASN C 167 -5.96 -34.29 -48.82
C ASN C 167 -7.39 -34.56 -48.33
N ILE C 191 -11.40 -30.85 -44.89
CA ILE C 191 -11.26 -31.64 -46.10
C ILE C 191 -12.54 -32.43 -46.39
N ALA C 192 -13.59 -32.12 -45.65
CA ALA C 192 -14.88 -32.79 -45.83
C ALA C 192 -15.77 -32.02 -46.80
N ILE C 193 -15.92 -32.57 -48.01
CA ILE C 193 -16.76 -31.97 -49.03
C ILE C 193 -18.18 -32.49 -48.94
N ASP C 194 -19.13 -31.63 -49.26
CA ASP C 194 -20.54 -31.97 -49.21
C ASP C 194 -21.11 -32.53 -50.52
N ASP C 195 -20.91 -31.87 -51.64
CA ASP C 195 -21.59 -32.32 -52.85
C ASP C 195 -20.82 -31.79 -54.02
N CYS C 196 -20.83 -32.49 -55.14
CA CYS C 196 -19.93 -32.01 -56.18
C CYS C 196 -20.16 -32.70 -57.52
N THR C 197 -19.81 -32.02 -58.60
CA THR C 197 -19.96 -32.55 -59.94
C THR C 197 -18.55 -32.82 -60.51
N PHE C 198 -18.47 -33.43 -61.68
CA PHE C 198 -17.17 -33.70 -62.30
C PHE C 198 -17.28 -33.62 -63.81
N HIS C 199 -16.23 -33.15 -64.48
CA HIS C 199 -16.24 -33.06 -65.94
C HIS C 199 -16.39 -34.47 -66.48
N GLN C 200 -17.22 -34.61 -67.51
CA GLN C 200 -17.48 -35.92 -68.13
C GLN C 200 -16.27 -36.86 -68.18
N CYS C 201 -15.17 -36.35 -68.74
CA CYS C 201 -13.94 -37.11 -68.88
C CYS C 201 -13.40 -37.74 -67.59
N VAL C 202 -14.08 -37.51 -66.47
CA VAL C 202 -13.63 -38.06 -65.20
C VAL C 202 -14.14 -39.48 -64.98
N ARG C 203 -13.21 -40.42 -64.80
CA ARG C 203 -13.58 -41.80 -64.55
C ARG C 203 -14.10 -41.93 -63.14
N LEU C 204 -15.10 -42.80 -62.98
CA LEU C 204 -15.73 -43.06 -61.69
C LEU C 204 -14.86 -43.92 -60.78
N SER C 205 -14.00 -43.23 -60.05
CA SER C 205 -13.16 -43.84 -59.04
C SER C 205 -13.53 -43.27 -57.68
N LYS C 206 -12.92 -43.83 -56.64
CA LYS C 206 -13.25 -43.46 -55.27
C LYS C 206 -12.91 -42.00 -54.96
N PHE C 207 -13.92 -41.24 -54.57
CA PHE C 207 -13.72 -39.85 -54.17
C PHE C 207 -13.72 -39.91 -52.64
N ASP C 208 -13.50 -41.13 -52.14
CA ASP C 208 -13.50 -41.46 -50.72
C ASP C 208 -12.39 -42.50 -50.46
N SER C 209 -12.54 -43.68 -51.05
CA SER C 209 -11.60 -44.82 -50.90
C SER C 209 -10.21 -44.58 -51.51
N GLU C 210 -9.98 -43.32 -51.92
CA GLU C 210 -8.70 -42.91 -52.50
C GLU C 210 -8.45 -41.42 -52.22
N ARG C 211 -9.48 -40.62 -52.48
CA ARG C 211 -9.47 -39.16 -52.35
C ARG C 211 -8.98 -38.63 -53.73
N SER C 212 -8.54 -39.55 -54.58
CA SER C 212 -8.05 -39.22 -55.92
C SER C 212 -8.96 -39.77 -57.02
N ILE C 213 -9.08 -39.00 -58.10
CA ILE C 213 -9.91 -39.33 -59.26
C ILE C 213 -9.05 -39.51 -60.52
N SER C 214 -9.51 -40.31 -61.47
CA SER C 214 -8.76 -40.54 -62.72
C SER C 214 -9.52 -39.94 -63.89
N PHE C 215 -8.84 -39.76 -65.02
CA PHE C 215 -9.49 -39.17 -66.20
C PHE C 215 -8.55 -38.92 -67.39
N ILE C 216 -9.18 -38.69 -68.54
CA ILE C 216 -8.47 -38.37 -69.76
C ILE C 216 -8.89 -36.94 -70.07
N PRO C 217 -8.01 -35.98 -69.75
CA PRO C 217 -8.19 -34.54 -69.92
C PRO C 217 -8.49 -34.03 -71.32
N PRO C 218 -9.65 -33.40 -71.50
CA PRO C 218 -10.00 -32.87 -72.82
C PRO C 218 -8.94 -31.80 -73.07
N ASP C 219 -8.67 -31.45 -74.31
CA ASP C 219 -7.67 -30.43 -74.52
C ASP C 219 -8.25 -29.04 -74.26
N GLY C 220 -7.39 -28.12 -73.83
CA GLY C 220 -7.84 -26.77 -73.55
C GLY C 220 -8.15 -26.60 -72.07
N GLU C 221 -9.17 -25.80 -71.79
CA GLU C 221 -9.54 -25.52 -70.41
C GLU C 221 -10.92 -26.04 -70.09
N PHE C 222 -11.08 -26.56 -68.87
CA PHE C 222 -12.35 -27.09 -68.45
C PHE C 222 -12.47 -27.14 -66.95
N GLU C 223 -13.69 -27.27 -66.46
CA GLU C 223 -13.91 -27.35 -65.03
C GLU C 223 -13.81 -28.80 -64.63
N LEU C 224 -12.63 -29.24 -64.22
CA LEU C 224 -12.42 -30.62 -63.80
C LEU C 224 -13.50 -31.07 -62.81
N MET C 225 -13.71 -30.27 -61.78
CA MET C 225 -14.72 -30.60 -60.78
C MET C 225 -15.23 -29.37 -60.07
N ARG C 226 -16.33 -29.55 -59.35
CA ARG C 226 -16.95 -28.49 -58.59
C ARG C 226 -17.23 -29.09 -57.24
N TYR C 227 -17.50 -28.25 -56.25
CA TYR C 227 -17.80 -28.75 -54.91
C TYR C 227 -18.25 -27.62 -53.99
N ARG C 228 -18.63 -28.00 -52.78
CA ARG C 228 -19.10 -27.04 -51.79
C ARG C 228 -18.94 -27.65 -50.41
N THR C 229 -18.25 -26.97 -49.51
CA THR C 229 -18.04 -27.49 -48.17
C THR C 229 -18.56 -26.53 -47.12
N THR C 230 -18.71 -27.04 -45.91
CA THR C 230 -19.23 -26.24 -44.81
C THR C 230 -18.52 -26.54 -43.51
N LYS C 231 -17.83 -27.67 -43.47
CA LYS C 231 -17.13 -28.04 -42.26
C LYS C 231 -15.66 -27.61 -42.27
N ASP C 232 -15.15 -27.27 -41.09
CA ASP C 232 -13.75 -26.89 -40.90
C ASP C 232 -13.23 -25.76 -41.77
N ILE C 233 -14.10 -24.87 -42.21
CA ILE C 233 -13.66 -23.78 -43.05
C ILE C 233 -12.72 -22.83 -42.33
N ILE C 234 -11.72 -22.34 -43.05
CA ILE C 234 -10.76 -21.36 -42.52
C ILE C 234 -11.32 -19.98 -42.81
N LEU C 235 -11.49 -19.17 -41.77
CA LEU C 235 -12.00 -17.82 -41.96
C LEU C 235 -10.83 -16.86 -42.05
N PRO C 236 -10.51 -16.39 -43.27
CA PRO C 236 -9.40 -15.47 -43.46
C PRO C 236 -9.33 -14.41 -42.38
N PHE C 237 -10.31 -13.51 -42.35
CA PHE C 237 -10.35 -12.44 -41.37
C PHE C 237 -11.43 -12.65 -40.34
N ARG C 238 -11.30 -11.96 -39.21
CA ARG C 238 -12.29 -12.02 -38.14
C ARG C 238 -12.53 -10.56 -37.85
N VAL C 239 -13.78 -10.16 -37.67
CA VAL C 239 -14.05 -8.76 -37.40
C VAL C 239 -14.60 -8.49 -36.01
N ILE C 240 -13.90 -7.61 -35.30
CA ILE C 240 -14.30 -7.23 -33.95
C ILE C 240 -14.91 -5.85 -34.03
N PRO C 241 -16.24 -5.79 -34.18
CA PRO C 241 -16.98 -4.53 -34.27
C PRO C 241 -17.38 -4.00 -32.92
N LEU C 242 -17.19 -2.70 -32.72
CA LEU C 242 -17.55 -2.07 -31.45
C LEU C 242 -18.13 -0.68 -31.69
N VAL C 243 -19.45 -0.57 -31.59
CA VAL C 243 -20.15 0.71 -31.77
C VAL C 243 -20.82 1.13 -30.49
N ARG C 244 -20.58 2.38 -30.09
CA ARG C 244 -21.14 2.91 -28.86
C ARG C 244 -21.94 4.19 -29.14
N GLU C 245 -22.96 4.44 -28.31
CA GLU C 245 -23.80 5.62 -28.45
C GLU C 245 -23.53 6.63 -27.35
N VAL C 246 -23.27 7.87 -27.77
CA VAL C 246 -23.01 8.97 -26.84
C VAL C 246 -24.04 10.10 -27.08
N GLY C 247 -25.21 9.97 -26.44
CA GLY C 247 -26.27 10.95 -26.61
C GLY C 247 -26.99 10.67 -27.91
N ARG C 248 -27.28 11.71 -28.67
CA ARG C 248 -27.97 11.55 -29.95
C ARG C 248 -27.03 11.91 -31.12
N THR C 249 -26.32 13.05 -30.99
CA THR C 249 -25.38 13.52 -32.03
C THR C 249 -24.12 12.65 -32.19
N LYS C 250 -23.68 12.05 -31.08
CA LYS C 250 -22.50 11.20 -31.12
C LYS C 250 -22.76 9.69 -31.19
N LEU C 251 -21.92 9.04 -31.99
CA LEU C 251 -21.96 7.61 -32.22
C LEU C 251 -20.53 7.19 -32.52
N GLU C 252 -19.90 6.50 -31.57
CA GLU C 252 -18.52 6.06 -31.72
C GLU C 252 -18.42 4.70 -32.39
N VAL C 253 -17.33 4.50 -33.15
CA VAL C 253 -17.11 3.23 -33.83
C VAL C 253 -15.64 2.85 -33.91
N LYS C 254 -15.34 1.63 -33.50
CA LYS C 254 -13.98 1.12 -33.53
C LYS C 254 -14.04 -0.31 -34.01
N VAL C 255 -13.61 -0.56 -35.24
CA VAL C 255 -13.62 -1.91 -35.78
C VAL C 255 -12.20 -2.35 -36.03
N VAL C 256 -11.93 -3.59 -35.66
CA VAL C 256 -10.59 -4.15 -35.83
C VAL C 256 -10.70 -5.49 -36.54
N ILE C 257 -9.81 -5.70 -37.51
CA ILE C 257 -9.80 -6.93 -38.25
C ILE C 257 -8.54 -7.69 -37.96
N LYS C 258 -8.65 -9.00 -37.80
CA LYS C 258 -7.50 -9.84 -37.52
C LYS C 258 -7.27 -10.79 -38.68
N SER C 259 -6.09 -10.72 -39.30
CA SER C 259 -5.75 -11.60 -40.42
C SER C 259 -5.50 -12.97 -39.83
N ASN C 260 -6.01 -14.00 -40.47
CA ASN C 260 -5.85 -15.33 -39.93
C ASN C 260 -5.31 -16.37 -40.90
N PHE C 261 -3.99 -16.46 -40.99
CA PHE C 261 -3.31 -17.41 -41.86
C PHE C 261 -1.80 -17.22 -41.77
N LYS C 262 -1.03 -18.20 -42.27
CA LYS C 262 0.44 -18.14 -42.23
C LYS C 262 0.90 -16.71 -42.50
N PRO C 263 1.73 -16.15 -41.61
CA PRO C 263 2.25 -14.79 -41.74
C PRO C 263 2.92 -14.53 -43.08
N SER C 264 3.36 -15.61 -43.71
CA SER C 264 4.03 -15.52 -45.00
C SER C 264 3.14 -15.14 -46.18
N LEU C 265 1.85 -15.43 -46.08
CA LEU C 265 0.91 -15.13 -47.15
C LEU C 265 0.23 -13.79 -46.97
N LEU C 266 0.08 -13.05 -48.06
CA LEU C 266 -0.56 -11.74 -48.00
C LEU C 266 -1.86 -11.71 -48.77
N ALA C 267 -2.93 -11.32 -48.12
CA ALA C 267 -4.22 -11.22 -48.79
C ALA C 267 -4.25 -9.83 -49.36
N GLN C 268 -4.63 -9.68 -50.62
CA GLN C 268 -4.68 -8.36 -51.21
C GLN C 268 -6.08 -7.93 -51.54
N LYS C 269 -6.20 -6.78 -52.18
CA LYS C 269 -7.49 -6.25 -52.56
C LYS C 269 -8.45 -6.44 -51.41
N ILE C 270 -8.28 -5.69 -50.33
CA ILE C 270 -9.18 -5.79 -49.19
C ILE C 270 -10.11 -4.63 -49.12
N GLU C 271 -11.35 -4.89 -48.72
CA GLU C 271 -12.34 -3.84 -48.63
C GLU C 271 -13.26 -4.09 -47.44
N VAL C 272 -13.41 -3.06 -46.61
CA VAL C 272 -14.28 -3.12 -45.46
C VAL C 272 -15.39 -2.09 -45.62
N ARG C 273 -16.62 -2.50 -45.37
CA ARG C 273 -17.76 -1.60 -45.53
C ARG C 273 -18.53 -1.46 -44.22
N ILE C 274 -18.41 -0.29 -43.59
CA ILE C 274 -19.11 -0.01 -42.33
C ILE C 274 -20.28 0.93 -42.58
N PRO C 275 -21.52 0.46 -42.33
CA PRO C 275 -22.80 1.16 -42.51
C PRO C 275 -23.13 2.27 -41.52
N THR C 276 -23.30 3.48 -42.03
CA THR C 276 -23.61 4.63 -41.17
C THR C 276 -25.12 4.88 -41.12
N PRO C 277 -25.64 5.41 -39.99
CA PRO C 277 -27.08 5.66 -39.90
C PRO C 277 -27.49 6.59 -41.03
N LEU C 278 -28.79 6.76 -41.23
CA LEU C 278 -29.30 7.60 -42.31
C LEU C 278 -29.23 9.08 -41.90
N ASN C 279 -29.43 9.32 -40.60
CA ASN C 279 -29.39 10.66 -40.02
C ASN C 279 -27.97 11.17 -39.80
N THR C 280 -27.02 10.60 -40.53
CA THR C 280 -25.63 11.00 -40.42
C THR C 280 -25.46 12.43 -40.90
N SER C 281 -24.88 13.28 -40.05
CA SER C 281 -24.64 14.69 -40.38
C SER C 281 -23.18 14.91 -40.75
N GLY C 282 -22.28 14.29 -40.00
CA GLY C 282 -20.86 14.41 -40.26
C GLY C 282 -20.12 13.18 -39.73
N VAL C 283 -19.09 12.73 -40.44
CA VAL C 283 -18.32 11.57 -40.00
C VAL C 283 -16.80 11.78 -40.11
N GLN C 284 -16.10 11.45 -39.02
CA GLN C 284 -14.64 11.58 -38.95
C GLN C 284 -14.02 10.22 -38.78
N VAL C 285 -13.11 9.85 -39.67
CA VAL C 285 -12.44 8.54 -39.60
C VAL C 285 -10.94 8.60 -39.34
N ILE C 286 -10.42 7.51 -38.77
CA ILE C 286 -9.00 7.43 -38.46
C ILE C 286 -8.55 6.00 -38.70
N CYS C 287 -7.44 5.85 -39.40
CA CYS C 287 -6.89 4.53 -39.72
C CYS C 287 -5.41 4.71 -40.01
N MET C 288 -4.58 3.86 -39.43
CA MET C 288 -3.15 3.95 -39.65
C MET C 288 -2.72 3.24 -40.91
N LYS C 289 -3.49 2.24 -41.32
CA LYS C 289 -3.18 1.48 -42.53
C LYS C 289 -4.24 1.65 -43.62
N GLY C 290 -3.79 1.66 -44.88
CA GLY C 290 -4.70 1.82 -46.00
C GLY C 290 -5.37 3.19 -45.96
N LYS C 291 -6.50 3.31 -46.63
CA LYS C 291 -7.25 4.57 -46.66
C LYS C 291 -8.76 4.29 -46.55
N ALA C 292 -9.49 5.22 -45.94
CA ALA C 292 -10.94 5.04 -45.78
C ALA C 292 -11.72 6.32 -45.98
N LYS C 293 -12.70 6.27 -46.88
CA LYS C 293 -13.55 7.41 -47.20
C LYS C 293 -14.96 7.13 -46.71
N TYR C 294 -15.77 8.18 -46.56
CA TYR C 294 -17.16 8.00 -46.14
C TYR C 294 -18.07 8.37 -47.29
N LYS C 295 -18.40 7.40 -48.14
CA LYS C 295 -19.29 7.65 -49.26
C LYS C 295 -20.70 7.66 -48.67
N ALA C 296 -21.23 8.86 -48.45
CA ALA C 296 -22.58 9.03 -47.88
C ALA C 296 -23.64 8.57 -48.88
N SER C 297 -23.31 8.74 -50.15
CA SER C 297 -24.20 8.33 -51.23
C SER C 297 -24.60 6.86 -51.02
N GLU C 298 -23.87 6.16 -50.16
CA GLU C 298 -24.11 4.75 -49.88
C GLU C 298 -24.33 4.48 -48.40
N ASN C 299 -24.28 5.55 -47.61
CA ASN C 299 -24.44 5.46 -46.16
C ASN C 299 -23.52 4.40 -45.55
N ALA C 300 -22.24 4.57 -45.81
CA ALA C 300 -21.24 3.64 -45.31
C ALA C 300 -19.85 4.18 -45.55
N ILE C 301 -18.92 3.75 -44.70
CA ILE C 301 -17.52 4.17 -44.79
C ILE C 301 -16.80 3.01 -45.48
N VAL C 302 -16.08 3.32 -46.55
CA VAL C 302 -15.34 2.31 -47.30
C VAL C 302 -13.87 2.35 -46.93
N TRP C 303 -13.33 1.23 -46.47
CA TRP C 303 -11.94 1.15 -46.06
C TRP C 303 -11.19 0.24 -47.00
N LYS C 304 -10.25 0.79 -47.74
CA LYS C 304 -9.49 -0.01 -48.68
C LYS C 304 -8.05 -0.19 -48.23
N ILE C 305 -7.60 -1.43 -48.17
CA ILE C 305 -6.24 -1.77 -47.75
C ILE C 305 -5.47 -2.52 -48.85
N LYS C 306 -4.45 -1.89 -49.39
CA LYS C 306 -3.64 -2.48 -50.45
C LYS C 306 -3.43 -3.99 -50.29
N ARG C 307 -2.94 -4.41 -49.13
CA ARG C 307 -2.71 -5.83 -48.86
C ARG C 307 -2.40 -6.00 -47.39
N MET C 308 -2.50 -7.21 -46.89
CA MET C 308 -2.23 -7.45 -45.49
C MET C 308 -1.68 -8.84 -45.22
N ALA C 309 -0.64 -8.89 -44.42
CA ALA C 309 0.01 -10.14 -44.10
C ALA C 309 -0.85 -11.02 -43.20
N GLY C 310 -0.31 -12.17 -42.81
CA GLY C 310 -1.02 -13.08 -41.95
C GLY C 310 -0.79 -12.73 -40.50
N MET C 311 -1.55 -13.34 -39.60
CA MET C 311 -1.41 -13.10 -38.16
C MET C 311 -1.07 -11.64 -37.91
N LYS C 312 -2.06 -10.77 -38.06
CA LYS C 312 -1.85 -9.35 -37.86
C LYS C 312 -3.21 -8.70 -37.62
N GLU C 313 -3.22 -7.53 -37.01
CA GLU C 313 -4.47 -6.82 -36.76
C GLU C 313 -4.33 -5.43 -37.31
N SER C 314 -5.46 -4.80 -37.57
CA SER C 314 -5.47 -3.46 -38.08
C SER C 314 -6.73 -2.84 -37.56
N GLN C 315 -6.72 -1.54 -37.35
CA GLN C 315 -7.89 -0.88 -36.79
C GLN C 315 -8.28 0.37 -37.52
N ILE C 316 -9.57 0.67 -37.44
CA ILE C 316 -10.14 1.87 -38.04
C ILE C 316 -11.19 2.32 -37.05
N SER C 317 -11.23 3.61 -36.76
CA SER C 317 -12.19 4.15 -35.83
C SER C 317 -12.75 5.44 -36.41
N ALA C 318 -13.98 5.78 -36.03
CA ALA C 318 -14.63 6.98 -36.53
C ALA C 318 -15.77 7.46 -35.66
N GLU C 319 -15.96 8.78 -35.62
CA GLU C 319 -17.03 9.38 -34.86
C GLU C 319 -18.08 9.86 -35.84
N ILE C 320 -19.34 9.43 -35.61
CA ILE C 320 -20.46 9.79 -36.47
C ILE C 320 -21.42 10.79 -35.82
N GLU C 321 -21.64 11.91 -36.49
CA GLU C 321 -22.52 12.96 -36.01
C GLU C 321 -23.94 12.65 -36.48
N LEU C 322 -24.93 12.86 -35.61
CA LEU C 322 -26.30 12.58 -35.95
C LEU C 322 -27.24 13.77 -35.73
N LEU C 323 -28.16 13.98 -36.66
CA LEU C 323 -29.15 15.05 -36.58
C LEU C 323 -30.32 14.42 -35.86
N PRO C 324 -30.88 15.10 -34.85
CA PRO C 324 -32.02 14.59 -34.08
C PRO C 324 -33.15 13.89 -34.85
N THR C 325 -33.59 12.75 -34.30
CA THR C 325 -34.70 12.02 -34.90
C THR C 325 -35.61 11.68 -33.73
N ASN C 326 -36.43 12.66 -33.34
CA ASN C 326 -37.36 12.47 -32.24
C ASN C 326 -38.68 11.81 -32.70
N ASP C 327 -38.61 11.06 -33.81
CA ASP C 327 -39.77 10.38 -34.37
C ASP C 327 -39.59 8.91 -34.78
N LYS C 328 -38.36 8.52 -35.15
CA LYS C 328 -38.08 7.13 -35.59
C LYS C 328 -37.58 6.19 -34.47
N LYS C 329 -37.29 4.93 -34.84
CA LYS C 329 -36.82 3.93 -33.87
C LYS C 329 -35.31 3.63 -33.88
N LYS C 330 -34.93 2.59 -33.13
CA LYS C 330 -33.54 2.16 -33.03
C LYS C 330 -33.04 1.64 -34.38
N TRP C 331 -32.30 2.50 -35.09
CA TRP C 331 -31.71 2.20 -36.39
C TRP C 331 -31.19 0.76 -36.50
N ALA C 332 -31.83 -0.05 -37.35
CA ALA C 332 -31.39 -1.43 -37.59
C ALA C 332 -30.05 -1.29 -38.29
N ARG C 333 -29.06 -2.07 -37.86
CA ARG C 333 -27.74 -1.94 -38.46
C ARG C 333 -27.36 -3.02 -39.48
N PRO C 334 -27.20 -2.63 -40.76
CA PRO C 334 -26.84 -3.57 -41.81
C PRO C 334 -25.47 -4.16 -41.42
N PRO C 335 -25.27 -5.48 -41.58
CA PRO C 335 -23.98 -6.06 -41.20
C PRO C 335 -22.82 -5.44 -41.96
N ILE C 336 -21.63 -5.51 -41.37
CA ILE C 336 -20.42 -4.97 -41.99
C ILE C 336 -19.87 -5.98 -43.01
N SER C 337 -19.94 -5.61 -44.29
CA SER C 337 -19.47 -6.48 -45.35
C SER C 337 -17.97 -6.39 -45.49
N MET C 338 -17.39 -7.36 -46.18
CA MET C 338 -15.96 -7.37 -46.39
C MET C 338 -15.62 -8.14 -47.66
N ASN C 339 -14.65 -7.62 -48.41
CA ASN C 339 -14.21 -8.27 -49.64
C ASN C 339 -12.71 -8.38 -49.64
N PHE C 340 -12.20 -9.43 -50.28
CA PHE C 340 -10.77 -9.63 -50.33
C PHE C 340 -10.31 -10.68 -51.32
N GLU C 341 -9.16 -11.29 -51.04
CA GLU C 341 -8.59 -12.30 -51.92
C GLU C 341 -7.38 -12.88 -51.21
N VAL C 342 -7.43 -14.16 -50.88
CA VAL C 342 -6.33 -14.79 -50.21
C VAL C 342 -5.74 -15.89 -51.07
N PRO C 343 -4.41 -15.98 -51.13
CA PRO C 343 -3.68 -16.98 -51.91
C PRO C 343 -3.73 -18.39 -51.39
N PHE C 344 -4.83 -18.80 -50.79
CA PHE C 344 -4.94 -20.17 -50.32
C PHE C 344 -6.36 -20.70 -50.40
N ALA C 345 -6.53 -21.98 -50.13
CA ALA C 345 -7.84 -22.62 -50.19
C ALA C 345 -8.61 -22.48 -48.88
N PRO C 346 -9.59 -21.53 -48.82
CA PRO C 346 -10.38 -21.32 -47.60
C PRO C 346 -11.03 -22.56 -47.05
N SER C 347 -11.13 -23.61 -47.86
CA SER C 347 -11.75 -24.86 -47.43
C SER C 347 -10.75 -25.78 -46.75
N GLY C 348 -9.47 -25.56 -47.03
CA GLY C 348 -8.45 -26.40 -46.44
C GLY C 348 -7.93 -27.37 -47.48
N LEU C 349 -8.57 -27.36 -48.65
CA LEU C 349 -8.17 -28.24 -49.72
C LEU C 349 -6.81 -27.84 -50.25
N LYS C 350 -5.94 -28.82 -50.41
CA LYS C 350 -4.61 -28.58 -50.93
C LYS C 350 -4.33 -29.67 -51.96
N VAL C 351 -3.72 -29.32 -53.09
CA VAL C 351 -3.41 -30.33 -54.10
C VAL C 351 -2.12 -31.06 -53.77
N ARG C 352 -2.21 -32.38 -53.70
CA ARG C 352 -1.05 -33.19 -53.35
C ARG C 352 -0.25 -33.68 -54.55
N TYR C 353 -0.91 -33.90 -55.68
CA TYR C 353 -0.20 -34.38 -56.84
C TYR C 353 -1.09 -34.57 -58.06
N LEU C 354 -0.48 -34.53 -59.23
CA LEU C 354 -1.19 -34.76 -60.48
C LEU C 354 -0.31 -35.56 -61.43
N LYS C 355 -0.40 -36.87 -61.31
CA LYS C 355 0.37 -37.79 -62.12
C LYS C 355 -0.10 -37.75 -63.57
N VAL C 356 0.86 -37.75 -64.48
CA VAL C 356 0.57 -37.73 -65.91
C VAL C 356 1.36 -38.85 -66.60
N PHE C 357 0.68 -39.64 -67.41
CA PHE C 357 1.35 -40.74 -68.09
C PHE C 357 0.82 -40.97 -69.50
N GLU C 358 1.72 -40.93 -70.48
CA GLU C 358 1.37 -41.15 -71.87
C GLU C 358 1.89 -42.52 -72.29
N PRO C 359 0.99 -43.42 -72.67
CA PRO C 359 1.37 -44.80 -72.97
C PRO C 359 2.02 -44.89 -74.34
N LYS C 360 1.34 -44.29 -75.31
CA LYS C 360 1.80 -44.21 -76.69
C LYS C 360 3.14 -43.49 -76.78
N LEU C 361 3.13 -42.19 -76.45
CA LEU C 361 4.35 -41.41 -76.42
C LEU C 361 5.23 -41.92 -75.28
N ASN C 362 6.42 -41.34 -75.14
CA ASN C 362 7.34 -41.77 -74.09
C ASN C 362 7.28 -41.08 -72.69
N TYR C 363 6.77 -39.85 -72.62
CA TYR C 363 6.83 -39.06 -71.38
C TYR C 363 6.02 -39.52 -70.19
N SER C 364 6.65 -39.30 -69.04
CA SER C 364 6.12 -39.61 -67.72
C SER C 364 6.18 -38.28 -66.95
N ASP C 365 5.73 -38.28 -65.69
CA ASP C 365 5.76 -37.06 -64.89
C ASP C 365 7.06 -36.27 -65.07
N HIS C 366 8.19 -36.95 -64.88
CA HIS C 366 9.48 -36.33 -65.01
C HIS C 366 9.60 -35.36 -66.17
N ASP C 367 8.81 -35.59 -67.22
CA ASP C 367 8.85 -34.75 -68.42
C ASP C 367 7.83 -33.61 -68.42
N VAL C 368 6.91 -33.62 -67.47
CA VAL C 368 5.88 -32.60 -67.39
C VAL C 368 6.14 -31.50 -66.36
N ILE C 369 5.82 -30.27 -66.76
CA ILE C 369 5.97 -29.08 -65.92
C ILE C 369 4.61 -28.77 -65.33
N LYS C 370 4.49 -28.86 -64.01
CA LYS C 370 3.20 -28.64 -63.39
C LYS C 370 3.12 -27.35 -62.56
N TRP C 371 2.11 -26.53 -62.84
CA TRP C 371 1.91 -25.27 -62.14
C TRP C 371 0.59 -25.20 -61.38
N VAL C 372 0.63 -24.82 -60.11
CA VAL C 372 -0.60 -24.73 -59.31
C VAL C 372 -0.82 -23.30 -58.87
N ARG C 373 -1.97 -23.03 -58.27
CA ARG C 373 -2.28 -21.69 -57.80
C ARG C 373 -3.63 -21.64 -57.11
N TYR C 374 -3.65 -21.25 -55.84
CA TYR C 374 -4.92 -21.16 -55.13
C TYR C 374 -5.34 -19.71 -55.10
N ILE C 375 -6.61 -19.46 -55.39
CA ILE C 375 -7.10 -18.10 -55.37
C ILE C 375 -8.45 -18.02 -54.68
N GLY C 376 -8.41 -17.91 -53.37
CA GLY C 376 -9.63 -17.83 -52.60
C GLY C 376 -10.14 -16.41 -52.51
N ARG C 377 -11.33 -16.17 -53.06
CA ARG C 377 -11.93 -14.84 -53.03
C ARG C 377 -13.03 -14.83 -51.98
N SER C 378 -13.72 -13.70 -51.82
CA SER C 378 -14.77 -13.61 -50.83
C SER C 378 -16.08 -13.16 -51.45
N GLY C 379 -17.17 -13.79 -51.01
CA GLY C 379 -18.48 -13.44 -51.52
C GLY C 379 -19.26 -12.72 -50.43
N ILE C 380 -20.27 -13.38 -49.88
CA ILE C 380 -21.06 -12.79 -48.82
C ILE C 380 -20.35 -13.01 -47.47
N TYR C 381 -19.42 -12.10 -47.18
CA TYR C 381 -18.65 -12.13 -45.94
C TYR C 381 -19.07 -10.93 -45.12
N GLU C 382 -20.01 -11.15 -44.22
CA GLU C 382 -20.50 -10.05 -43.39
C GLU C 382 -20.53 -10.38 -41.91
N THR C 383 -20.22 -9.38 -41.09
CA THR C 383 -20.25 -9.57 -39.65
C THR C 383 -21.33 -8.69 -39.05
N ARG C 384 -22.19 -9.30 -38.23
CA ARG C 384 -23.29 -8.59 -37.59
C ARG C 384 -22.74 -7.45 -36.78
N CYS C 385 -23.21 -6.24 -37.10
CA CYS C 385 -22.77 -5.02 -36.43
C CYS C 385 -23.03 -5.13 -34.93
N MET D 7 18.27 29.27 24.67
CA MET D 7 16.90 29.63 24.17
C MET D 7 17.10 30.30 22.78
N ASP D 8 16.02 30.56 22.03
CA ASP D 8 16.15 31.19 20.70
C ASP D 8 16.21 32.71 20.79
N MET D 9 16.84 33.34 19.81
CA MET D 9 16.98 34.79 19.80
C MET D 9 15.63 35.50 19.87
N ALA D 10 14.70 35.05 19.04
CA ALA D 10 13.37 35.65 18.98
C ALA D 10 12.70 35.72 20.34
N SER D 11 12.75 34.62 21.08
CA SER D 11 12.13 34.57 22.39
C SER D 11 12.82 35.53 23.36
N VAL D 12 14.16 35.59 23.29
CA VAL D 12 14.93 36.47 24.16
C VAL D 12 14.44 37.90 24.05
N THR D 13 14.42 38.42 22.83
CA THR D 13 13.97 39.78 22.58
C THR D 13 12.56 39.94 23.11
N LYS D 14 11.71 38.98 22.78
CA LYS D 14 10.31 38.98 23.22
C LYS D 14 10.22 39.17 24.74
N ALA D 15 11.32 38.89 25.44
CA ALA D 15 11.40 39.03 26.89
C ALA D 15 11.43 40.50 27.25
N MET D 16 12.34 41.24 26.63
CA MET D 16 12.45 42.67 26.88
C MET D 16 11.11 43.31 26.52
N ALA D 17 10.45 42.72 25.52
CA ALA D 17 9.15 43.17 25.02
C ALA D 17 8.09 43.45 26.10
N ALA D 18 7.83 42.46 26.97
CA ALA D 18 6.87 42.63 28.06
C ALA D 18 7.11 43.99 28.68
N PRO D 19 6.07 44.82 28.74
CA PRO D 19 6.18 46.17 29.32
C PRO D 19 6.70 46.19 30.77
N GLU D 20 6.62 45.03 31.42
CA GLU D 20 7.06 44.91 32.80
C GLU D 20 8.56 44.55 32.92
N SER D 21 9.11 43.96 31.86
CA SER D 21 10.52 43.57 31.83
C SER D 21 11.42 44.71 32.25
N GLY D 22 12.69 44.39 32.49
CA GLY D 22 13.63 45.41 32.91
C GLY D 22 13.87 46.56 31.93
N LEU D 23 14.20 46.21 30.69
CA LEU D 23 14.48 47.20 29.64
C LEU D 23 13.54 48.39 29.56
N GLU D 24 14.10 49.60 29.66
CA GLU D 24 13.28 50.81 29.56
C GLU D 24 13.06 51.15 28.11
N VAL D 25 11.81 51.33 27.73
CA VAL D 25 11.44 51.63 26.35
C VAL D 25 10.41 52.74 26.29
N ARG D 26 10.80 53.91 25.82
CA ARG D 26 9.87 55.04 25.72
C ARG D 26 10.06 55.86 24.44
N ASP D 27 9.14 56.80 24.21
CA ASP D 27 9.19 57.65 23.03
C ASP D 27 10.30 58.67 23.25
N ARG D 28 11.31 58.67 22.39
CA ARG D 28 12.39 59.63 22.50
C ARG D 28 12.31 60.64 21.36
N MET D 29 12.85 61.83 21.58
CA MET D 29 12.79 62.85 20.55
C MET D 29 14.16 63.31 20.04
N TRP D 30 14.43 63.04 18.76
CA TRP D 30 15.69 63.41 18.14
C TRP D 30 15.45 64.45 17.06
N LEU D 31 16.16 65.57 17.16
CA LEU D 31 15.96 66.64 16.18
C LEU D 31 14.49 67.02 16.26
N LYS D 32 13.85 67.19 15.11
CA LYS D 32 12.43 67.55 15.11
C LYS D 32 11.60 66.30 15.38
N ILE D 33 12.00 65.19 14.76
CA ILE D 33 11.30 63.93 14.91
C ILE D 33 11.11 63.45 16.35
N THR D 34 10.35 62.37 16.51
CA THR D 34 10.06 61.80 17.81
C THR D 34 9.93 60.29 17.64
N ILE D 35 11.02 59.58 17.92
CA ILE D 35 11.03 58.13 17.77
C ILE D 35 10.16 57.39 18.78
N PRO D 36 9.21 56.59 18.27
CA PRO D 36 8.27 55.79 19.07
C PRO D 36 8.87 54.54 19.70
N ASN D 37 8.56 54.34 20.98
CA ASN D 37 9.04 53.18 21.72
C ASN D 37 10.46 52.79 21.33
N ALA D 38 11.41 53.62 21.75
CA ALA D 38 12.83 53.42 21.47
C ALA D 38 13.61 53.28 22.76
N PHE D 39 14.72 52.56 22.68
CA PHE D 39 15.56 52.31 23.84
C PHE D 39 17.03 52.53 23.51
N LEU D 40 17.85 52.81 24.52
CA LEU D 40 19.27 53.03 24.28
C LEU D 40 20.02 51.72 24.08
N GLY D 41 20.97 51.73 23.15
CA GLY D 41 21.75 50.56 22.84
C GLY D 41 22.54 50.00 24.02
N SER D 42 22.61 50.78 25.09
CA SER D 42 23.34 50.36 26.28
C SER D 42 22.44 49.51 27.15
N ASP D 43 21.29 50.07 27.52
CA ASP D 43 20.33 49.37 28.36
C ASP D 43 20.06 47.96 27.84
N VAL D 44 20.32 47.75 26.55
CA VAL D 44 20.10 46.44 25.97
C VAL D 44 21.18 45.48 26.40
N VAL D 45 22.43 45.94 26.43
CA VAL D 45 23.52 45.07 26.86
C VAL D 45 23.38 44.85 28.37
N ASP D 46 22.88 45.85 29.07
CA ASP D 46 22.67 45.75 30.51
C ASP D 46 21.68 44.61 30.73
N TRP D 47 20.41 44.87 30.40
CA TRP D 47 19.33 43.90 30.55
C TRP D 47 19.68 42.55 29.92
N LEU D 48 20.49 42.58 28.88
CA LEU D 48 20.94 41.37 28.21
C LEU D 48 21.99 40.73 29.09
N TYR D 49 22.46 41.49 30.07
CA TYR D 49 23.43 40.98 31.03
C TYR D 49 22.80 40.61 32.37
N HIS D 50 22.06 41.54 32.96
CA HIS D 50 21.46 41.33 34.28
C HIS D 50 20.34 40.29 34.35
N HIS D 51 19.63 40.11 33.24
CA HIS D 51 18.47 39.20 33.23
C HIS D 51 18.68 37.94 32.40
N VAL D 52 19.54 38.03 31.40
CA VAL D 52 19.78 36.91 30.48
C VAL D 52 21.01 36.12 30.91
N GLU D 53 20.81 34.86 31.27
CA GLU D 53 21.93 34.06 31.73
C GLU D 53 22.55 33.22 30.64
N GLY D 54 23.84 32.91 30.81
CA GLY D 54 24.59 32.19 29.82
C GLY D 54 25.58 33.17 29.22
N PHE D 55 25.72 34.30 29.91
CA PHE D 55 26.57 35.39 29.45
C PHE D 55 27.70 35.62 30.44
N PRO D 56 28.86 35.03 30.13
CA PRO D 56 30.04 35.12 30.99
C PRO D 56 30.32 36.55 31.44
N GLU D 57 30.47 37.45 30.49
CA GLU D 57 30.80 38.85 30.83
C GLU D 57 29.89 39.87 30.12
N ARG D 58 30.13 41.15 30.36
CA ARG D 58 29.33 42.20 29.73
C ARG D 58 29.83 42.44 28.31
N ARG D 59 30.94 41.80 27.98
CA ARG D 59 31.55 41.90 26.66
C ARG D 59 30.87 40.87 25.75
N GLU D 60 30.22 39.88 26.36
CA GLU D 60 29.50 38.83 25.62
C GLU D 60 28.04 39.21 25.44
N ALA D 61 27.51 39.96 26.39
CA ALA D 61 26.13 40.42 26.35
C ALA D 61 25.98 41.43 25.23
N ARG D 62 27.09 42.08 24.89
CA ARG D 62 27.12 43.07 23.83
C ARG D 62 27.31 42.41 22.48
N LYS D 63 28.08 41.32 22.47
CA LYS D 63 28.31 40.60 21.22
C LYS D 63 27.00 40.02 20.75
N TYR D 64 26.15 39.63 21.72
CA TYR D 64 24.83 39.07 21.42
C TYR D 64 23.92 40.18 20.89
N ALA D 65 23.92 41.31 21.58
CA ALA D 65 23.11 42.43 21.16
C ALA D 65 23.44 42.75 19.71
N SER D 66 24.71 42.73 19.35
CA SER D 66 25.12 43.02 17.99
C SER D 66 24.54 41.95 17.07
N GLY D 67 24.31 40.77 17.61
CA GLY D 67 23.74 39.69 16.82
C GLY D 67 22.28 39.95 16.51
N LEU D 68 21.57 40.49 17.48
CA LEU D 68 20.17 40.80 17.32
C LEU D 68 20.00 41.90 16.30
N LEU D 69 21.00 42.78 16.18
CA LEU D 69 20.91 43.88 15.23
C LEU D 69 21.05 43.34 13.82
N LYS D 70 21.97 42.41 13.62
CA LYS D 70 22.15 41.81 12.31
C LYS D 70 20.97 40.87 12.08
N ALA D 71 20.44 40.35 13.18
CA ALA D 71 19.31 39.42 13.13
C ALA D 71 18.01 40.10 12.69
N GLY D 72 17.86 41.37 13.06
CA GLY D 72 16.66 42.09 12.70
C GLY D 72 15.72 42.27 13.88
N LEU D 73 15.85 41.44 14.89
CA LEU D 73 14.97 41.55 16.05
C LEU D 73 15.04 42.95 16.64
N ILE D 74 16.14 43.64 16.34
CA ILE D 74 16.35 45.02 16.81
C ILE D 74 16.82 45.88 15.64
N ARG D 75 16.08 46.93 15.31
CA ARG D 75 16.44 47.79 14.20
C ARG D 75 17.10 49.08 14.61
N HIS D 76 18.05 49.51 13.78
CA HIS D 76 18.80 50.74 14.03
C HIS D 76 17.96 51.95 13.68
N THR D 77 17.76 52.85 14.64
CA THR D 77 16.96 54.05 14.44
C THR D 77 17.31 54.80 13.19
N VAL D 78 18.59 55.10 13.01
CA VAL D 78 19.04 55.79 11.83
C VAL D 78 20.11 54.94 11.14
N ASN D 79 19.97 54.78 9.83
CA ASN D 79 20.89 53.96 9.04
C ASN D 79 22.34 53.85 9.51
N LYS D 80 22.70 52.68 10.05
CA LYS D 80 24.05 52.43 10.51
C LYS D 80 24.24 50.93 10.53
N ILE D 81 25.38 50.49 10.05
CA ILE D 81 25.68 49.08 9.96
C ILE D 81 26.19 48.46 11.25
N THR D 82 27.19 49.09 11.84
CA THR D 82 27.80 48.61 13.07
C THR D 82 26.90 48.86 14.28
N PHE D 83 26.91 47.92 15.23
CA PHE D 83 26.10 48.05 16.44
C PHE D 83 26.72 48.99 17.48
N SER D 84 26.21 50.20 17.58
CA SER D 84 26.72 51.16 18.56
C SER D 84 25.98 50.97 19.85
N GLU D 85 26.44 51.61 20.92
CA GLU D 85 25.76 51.42 22.17
C GLU D 85 25.23 52.75 22.66
N GLN D 86 25.62 53.82 21.99
CA GLN D 86 25.18 55.15 22.39
C GLN D 86 24.17 55.76 21.45
N CYS D 87 23.37 54.89 20.82
CA CYS D 87 22.32 55.29 19.88
C CYS D 87 21.03 54.49 20.14
N TYR D 88 19.89 55.12 19.91
CA TYR D 88 18.61 54.46 20.13
C TYR D 88 18.25 53.37 19.12
N TYR D 89 17.38 52.46 19.54
CA TYR D 89 16.93 51.36 18.71
C TYR D 89 15.43 51.11 18.89
N VAL D 90 14.83 50.41 17.94
CA VAL D 90 13.41 50.08 18.02
C VAL D 90 13.27 48.63 17.59
N PHE D 91 12.30 47.92 18.17
CA PHE D 91 12.09 46.53 17.86
C PHE D 91 11.71 46.22 16.42
N GLY D 92 11.89 44.95 16.04
CA GLY D 92 11.55 44.52 14.70
C GLY D 92 10.32 43.64 14.78
N ASP D 93 10.06 42.83 13.75
CA ASP D 93 8.89 41.97 13.79
C ASP D 93 9.18 40.75 14.66
N LEU D 94 8.65 40.78 15.87
CA LEU D 94 8.86 39.68 16.80
C LEU D 94 7.88 38.53 16.56
N SER D 95 6.86 38.78 15.74
CA SER D 95 5.86 37.74 15.43
C SER D 95 6.41 36.82 14.34
N GLY D 96 5.52 36.04 13.73
CA GLY D 96 5.94 35.14 12.66
C GLY D 96 6.29 35.84 11.35
N PRO D 103 6.42 42.04 -4.04
CA PRO D 103 5.08 42.37 -3.47
C PRO D 103 4.92 43.87 -3.07
N GLN D 104 5.73 44.73 -3.70
CA GLN D 104 5.72 46.17 -3.44
C GLN D 104 5.55 46.95 -4.75
N PRO D 105 4.30 47.32 -5.12
CA PRO D 105 4.01 48.05 -6.36
C PRO D 105 4.49 49.49 -6.38
N PRO D 106 5.02 49.93 -7.53
CA PRO D 106 5.54 51.28 -7.76
C PRO D 106 4.68 52.34 -7.04
N PRO D 107 5.29 53.13 -6.14
CA PRO D 107 4.69 54.19 -5.33
C PRO D 107 4.11 55.37 -6.07
N TYR D 108 3.21 56.09 -5.40
CA TYR D 108 2.59 57.27 -5.99
C TYR D 108 3.47 58.47 -5.76
N HIS D 109 2.93 59.66 -6.00
CA HIS D 109 3.67 60.89 -5.84
C HIS D 109 2.73 62.07 -5.82
N GLU D 110 3.05 63.07 -5.03
CA GLU D 110 2.22 64.26 -4.96
C GLU D 110 2.26 64.97 -6.32
N LEU D 111 1.08 65.29 -6.84
CA LEU D 111 1.03 65.97 -8.12
C LEU D 111 1.48 67.41 -8.00
N GLU D 112 2.54 67.75 -8.72
CA GLU D 112 3.08 69.10 -8.74
C GLU D 112 3.13 69.57 -10.18
N PHE D 113 3.27 70.88 -10.38
CA PHE D 113 3.27 71.42 -11.73
C PHE D 113 4.58 71.06 -12.39
N GLY D 114 4.68 69.84 -12.92
CA GLY D 114 5.98 69.40 -13.38
C GLY D 114 6.99 69.29 -12.23
N GLY D 115 6.71 68.42 -11.26
CA GLY D 115 7.59 68.26 -10.12
C GLY D 115 7.39 66.96 -9.38
N SER D 116 8.42 66.57 -8.62
CA SER D 116 8.38 65.32 -7.85
C SER D 116 7.88 65.54 -6.41
N GLY D 117 6.57 65.38 -6.22
CA GLY D 117 5.97 65.51 -4.91
C GLY D 117 6.32 64.29 -4.08
N GLY D 118 6.60 64.50 -2.80
CA GLY D 118 7.03 63.40 -1.94
C GLY D 118 6.20 62.15 -2.12
N SER D 119 6.85 60.99 -2.04
CA SER D 119 6.11 59.71 -2.14
C SER D 119 4.94 59.67 -1.16
N ARG D 120 3.91 58.90 -1.49
CA ARG D 120 2.74 58.80 -0.62
C ARG D 120 2.91 57.79 0.51
N ASN D 121 2.36 58.12 1.67
CA ASN D 121 2.39 57.23 2.83
C ASN D 121 1.29 57.57 3.82
N GLU D 122 0.08 57.09 3.55
CA GLU D 122 -1.07 57.39 4.39
C GLU D 122 -1.64 56.13 5.04
N LEU D 123 -2.60 56.33 5.94
CA LEU D 123 -3.24 55.23 6.65
C LEU D 123 -4.65 55.62 7.02
N PHE D 124 -5.50 54.63 7.23
CA PHE D 124 -6.89 54.92 7.59
C PHE D 124 -7.27 54.19 8.88
N LEU D 125 -7.89 54.93 9.79
CA LEU D 125 -8.32 54.35 11.05
C LEU D 125 -9.85 54.38 11.12
N ASP D 126 -10.46 53.23 11.35
CA ASP D 126 -11.92 53.17 11.47
C ASP D 126 -12.28 52.60 12.84
N VAL D 127 -13.11 53.32 13.58
CA VAL D 127 -13.55 52.85 14.89
C VAL D 127 -15.03 52.47 14.70
N LEU D 128 -15.31 51.17 14.72
CA LEU D 128 -16.68 50.68 14.51
C LEU D 128 -17.29 50.04 15.76
N GLU D 129 -18.17 50.78 16.42
CA GLU D 129 -18.81 50.26 17.62
C GLU D 129 -20.30 50.06 17.35
N SER D 130 -20.93 49.20 18.15
CA SER D 130 -22.36 48.92 18.02
C SER D 130 -22.95 48.99 19.43
N VAL D 131 -23.90 49.90 19.63
CA VAL D 131 -24.54 50.07 20.94
C VAL D 131 -25.78 49.19 21.08
N ASN D 132 -25.89 48.55 22.23
CA ASN D 132 -27.02 47.67 22.56
C ASN D 132 -27.59 48.08 23.91
N LEU D 133 -28.87 48.45 23.91
CA LEU D 133 -29.56 48.89 25.12
C LEU D 133 -30.93 48.24 25.24
N LEU D 134 -31.50 48.35 26.43
CA LEU D 134 -32.81 47.79 26.76
C LEU D 134 -33.29 48.62 27.93
N MET D 135 -33.67 49.86 27.62
CA MET D 135 -34.14 50.82 28.60
C MET D 135 -35.58 50.49 29.02
N SER D 136 -35.95 50.82 30.26
CA SER D 136 -37.31 50.59 30.79
C SER D 136 -38.19 51.78 30.44
N PRO D 137 -39.52 51.63 30.58
CA PRO D 137 -40.48 52.70 30.28
C PRO D 137 -40.14 54.10 30.80
N GLN D 138 -39.49 54.17 31.97
CA GLN D 138 -39.14 55.46 32.56
C GLN D 138 -37.68 55.94 32.43
N GLY D 139 -36.88 55.22 31.66
CA GLY D 139 -35.49 55.62 31.50
C GLY D 139 -34.53 54.66 32.19
N GLN D 140 -35.07 53.87 33.11
CA GLN D 140 -34.28 52.90 33.84
C GLN D 140 -33.60 51.95 32.88
N VAL D 141 -32.32 52.21 32.62
CA VAL D 141 -31.57 51.35 31.74
C VAL D 141 -31.31 49.99 32.38
N LEU D 142 -31.68 48.94 31.63
CA LEU D 142 -31.49 47.58 32.10
C LEU D 142 -30.27 46.96 31.47
N SER D 143 -30.36 46.66 30.17
CA SER D 143 -29.22 46.10 29.45
C SER D 143 -28.41 47.28 28.90
N ALA D 144 -27.12 47.05 28.65
CA ALA D 144 -26.26 48.12 28.13
C ALA D 144 -24.81 47.69 27.91
N HIS D 145 -24.35 47.76 26.66
CA HIS D 145 -22.97 47.39 26.34
C HIS D 145 -22.68 47.76 24.89
N VAL D 146 -21.40 47.99 24.60
CA VAL D 146 -20.95 48.34 23.26
C VAL D 146 -19.94 47.32 22.75
N SER D 147 -20.17 46.84 21.53
CA SER D 147 -19.27 45.87 20.92
C SER D 147 -18.51 46.57 19.81
N GLY D 148 -17.24 46.88 20.07
CA GLY D 148 -16.44 47.59 19.08
C GLY D 148 -15.21 46.89 18.54
N ARG D 149 -14.62 47.52 17.53
CA ARG D 149 -13.44 47.00 16.87
C ARG D 149 -12.78 48.15 16.10
N VAL D 150 -11.45 48.20 16.13
CA VAL D 150 -10.71 49.25 15.43
C VAL D 150 -10.02 48.66 14.19
N VAL D 151 -10.50 49.00 13.01
CA VAL D 151 -9.89 48.47 11.79
C VAL D 151 -8.89 49.46 11.24
N MET D 152 -7.93 48.98 10.45
CA MET D 152 -6.92 49.88 9.89
C MET D 152 -6.44 49.48 8.50
N LYS D 153 -6.41 50.46 7.61
CA LYS D 153 -5.93 50.25 6.26
C LYS D 153 -4.53 50.88 6.30
N SER D 154 -3.50 50.08 6.03
CA SER D 154 -2.14 50.59 6.06
C SER D 154 -1.55 50.73 4.69
N TYR D 155 -1.07 51.92 4.38
CA TYR D 155 -0.43 52.19 3.11
C TYR D 155 0.85 52.91 3.45
N LEU D 156 1.66 52.22 4.24
CA LEU D 156 2.96 52.73 4.68
C LEU D 156 4.06 51.89 4.04
N SER D 157 5.09 52.56 3.56
CA SER D 157 6.20 51.90 2.89
C SER D 157 7.18 51.20 3.83
N GLY D 158 7.39 49.91 3.59
CA GLY D 158 8.32 49.16 4.41
C GLY D 158 7.74 48.51 5.65
N MET D 159 8.35 48.77 6.80
CA MET D 159 7.90 48.24 8.08
C MET D 159 8.07 49.28 9.18
N PRO D 160 7.39 50.42 9.07
CA PRO D 160 7.51 51.46 10.08
C PRO D 160 6.93 51.04 11.41
N GLU D 161 7.61 51.41 12.49
CA GLU D 161 7.14 51.08 13.82
C GLU D 161 6.12 52.16 14.19
N CYS D 162 4.95 51.72 14.68
CA CYS D 162 3.87 52.64 15.04
C CYS D 162 3.39 52.52 16.49
N LYS D 163 2.91 53.63 17.03
CA LYS D 163 2.41 53.68 18.41
C LYS D 163 1.02 54.30 18.38
N PHE D 164 0.01 53.49 18.68
CA PHE D 164 -1.39 53.92 18.69
C PHE D 164 -1.78 54.32 20.10
N GLY D 165 -2.41 55.48 20.24
CA GLY D 165 -2.81 55.93 21.56
C GLY D 165 -4.19 56.57 21.63
N MET D 166 -4.92 56.29 22.70
CA MET D 166 -6.26 56.85 22.87
C MET D 166 -6.49 57.47 24.24
N ASN D 167 -7.72 57.98 24.44
CA ASN D 167 -8.13 58.65 25.68
C ASN D 167 -8.02 57.84 26.98
N ASP D 195 -12.07 44.05 28.67
CA ASP D 195 -11.26 43.04 28.02
C ASP D 195 -11.08 43.47 26.55
N CYS D 196 -10.25 42.74 25.82
CA CYS D 196 -9.97 43.02 24.41
C CYS D 196 -8.88 42.13 23.84
N THR D 197 -8.93 41.94 22.54
CA THR D 197 -7.96 41.12 21.84
C THR D 197 -7.13 42.05 20.95
N PHE D 198 -6.07 41.52 20.34
CA PHE D 198 -5.20 42.32 19.46
C PHE D 198 -4.68 41.48 18.29
N HIS D 199 -4.53 42.09 17.11
CA HIS D 199 -4.01 41.35 15.97
C HIS D 199 -2.60 40.88 16.32
N GLN D 200 -2.29 39.64 15.96
CA GLN D 200 -0.99 39.06 16.27
C GLN D 200 0.19 40.03 16.16
N CYS D 201 0.27 40.75 15.04
CA CYS D 201 1.35 41.71 14.81
C CYS D 201 1.52 42.78 15.88
N VAL D 202 0.67 42.76 16.92
CA VAL D 202 0.77 43.76 17.97
C VAL D 202 1.73 43.34 19.06
N ARG D 203 2.74 44.18 19.30
CA ARG D 203 3.71 43.89 20.34
C ARG D 203 3.08 44.14 21.68
N LEU D 204 3.33 43.24 22.62
CA LEU D 204 2.81 43.29 24.01
C LEU D 204 3.35 44.47 24.82
N SER D 205 3.03 45.70 24.41
CA SER D 205 3.49 46.89 25.11
C SER D 205 2.33 47.60 25.85
N ARG D 211 -4.31 54.01 27.38
CA ARG D 211 -3.15 53.16 26.98
C ARG D 211 -2.58 53.63 25.64
N SER D 212 -1.57 52.91 25.19
CA SER D 212 -0.91 53.20 23.94
C SER D 212 -0.15 51.95 23.59
N ILE D 213 -0.47 51.40 22.43
CA ILE D 213 0.16 50.16 22.00
C ILE D 213 1.09 50.40 20.82
N SER D 214 2.10 49.54 20.67
CA SER D 214 3.04 49.65 19.55
C SER D 214 2.88 48.46 18.63
N PHE D 215 3.42 48.55 17.42
CA PHE D 215 3.31 47.46 16.46
C PHE D 215 3.87 47.76 15.06
N ILE D 216 4.08 46.70 14.27
CA ILE D 216 4.55 46.83 12.90
C ILE D 216 3.36 46.36 12.08
N PRO D 217 2.63 47.30 11.49
CA PRO D 217 1.44 47.09 10.68
C PRO D 217 1.57 46.23 9.47
N PRO D 218 0.82 45.13 9.42
CA PRO D 218 0.89 44.25 8.25
C PRO D 218 0.32 45.09 7.14
N ASP D 219 0.66 44.80 5.89
CA ASP D 219 0.16 45.61 4.79
C ASP D 219 -1.30 45.25 4.48
N GLY D 220 -2.06 46.23 4.01
CA GLY D 220 -3.44 45.97 3.68
C GLY D 220 -4.35 46.38 4.83
N GLU D 221 -5.42 45.62 5.02
CA GLU D 221 -6.40 45.91 6.07
C GLU D 221 -6.43 44.81 7.11
N PHE D 222 -6.60 45.19 8.36
CA PHE D 222 -6.66 44.20 9.43
C PHE D 222 -7.35 44.77 10.65
N GLU D 223 -7.77 43.88 11.56
CA GLU D 223 -8.40 44.35 12.78
C GLU D 223 -7.31 44.58 13.83
N LEU D 224 -6.84 45.81 13.92
CA LEU D 224 -5.80 46.14 14.88
C LEU D 224 -6.14 45.59 16.25
N MET D 225 -7.35 45.89 16.71
CA MET D 225 -7.79 45.42 18.02
C MET D 225 -9.30 45.33 18.14
N ARG D 226 -9.74 44.64 19.17
CA ARG D 226 -11.16 44.46 19.43
C ARG D 226 -11.32 44.79 20.90
N TYR D 227 -12.56 45.01 21.32
CA TYR D 227 -12.82 45.33 22.72
C TYR D 227 -14.32 45.37 22.98
N ARG D 228 -14.66 45.58 24.25
CA ARG D 228 -16.04 45.65 24.67
C ARG D 228 -16.09 46.38 25.99
N THR D 229 -16.95 47.39 26.06
CA THR D 229 -17.10 48.17 27.29
C THR D 229 -18.56 48.19 27.77
N THR D 230 -18.73 48.56 29.04
CA THR D 230 -20.04 48.61 29.64
C THR D 230 -20.19 49.80 30.56
N LYS D 231 -19.08 50.42 30.94
CA LYS D 231 -19.12 51.59 31.82
C LYS D 231 -19.10 52.91 31.05
N ASP D 232 -19.82 53.91 31.58
CA ASP D 232 -19.86 55.26 31.01
C ASP D 232 -20.27 55.37 29.55
N ILE D 233 -21.05 54.41 29.07
CA ILE D 233 -21.49 54.43 27.69
C ILE D 233 -22.43 55.61 27.39
N ILE D 234 -22.24 56.21 26.21
CA ILE D 234 -23.08 57.32 25.78
C ILE D 234 -24.26 56.74 25.02
N LEU D 235 -25.46 57.08 25.45
CA LEU D 235 -26.63 56.56 24.78
C LEU D 235 -27.11 57.59 23.79
N PRO D 236 -26.91 57.31 22.50
CA PRO D 236 -27.32 58.24 21.45
C PRO D 236 -28.70 58.82 21.70
N PHE D 237 -29.73 57.98 21.58
CA PHE D 237 -31.11 58.42 21.78
C PHE D 237 -31.65 57.91 23.12
N ARG D 238 -32.73 58.55 23.58
CA ARG D 238 -33.42 58.15 24.81
C ARG D 238 -34.87 58.08 24.34
N VAL D 239 -35.59 57.02 24.72
CA VAL D 239 -36.97 56.94 24.28
C VAL D 239 -37.98 57.09 25.41
N ILE D 240 -38.89 58.05 25.23
CA ILE D 240 -39.94 58.31 26.19
C ILE D 240 -41.23 57.75 25.61
N PRO D 241 -41.55 56.50 26.00
CA PRO D 241 -42.76 55.80 25.54
C PRO D 241 -43.96 56.05 26.46
N LEU D 242 -45.10 56.37 25.84
CA LEU D 242 -46.32 56.62 26.60
C LEU D 242 -47.54 56.02 25.89
N VAL D 243 -48.00 54.88 26.41
CA VAL D 243 -49.16 54.20 25.86
C VAL D 243 -50.31 54.18 26.88
N ARG D 244 -51.48 54.62 26.44
CA ARG D 244 -52.63 54.64 27.32
C ARG D 244 -53.78 53.82 26.72
N GLU D 245 -54.63 53.29 27.60
CA GLU D 245 -55.80 52.47 27.21
C GLU D 245 -57.11 53.24 27.42
N VAL D 246 -57.91 53.34 26.35
CA VAL D 246 -59.21 54.02 26.39
C VAL D 246 -60.30 53.02 26.00
N GLY D 247 -60.78 52.25 26.98
CA GLY D 247 -61.79 51.24 26.71
C GLY D 247 -61.12 50.02 26.12
N ARG D 248 -61.74 49.45 25.09
CA ARG D 248 -61.17 48.28 24.46
C ARG D 248 -60.73 48.62 23.04
N THR D 249 -61.58 49.34 22.30
CA THR D 249 -61.28 49.71 20.91
C THR D 249 -60.15 50.72 20.79
N LYS D 250 -60.05 51.59 21.79
CA LYS D 250 -59.01 52.62 21.78
C LYS D 250 -57.75 52.31 22.62
N LEU D 251 -56.62 52.69 22.02
CA LEU D 251 -55.29 52.53 22.59
C LEU D 251 -54.44 53.69 22.04
N GLU D 252 -54.14 54.65 22.92
CA GLU D 252 -53.34 55.82 22.53
C GLU D 252 -51.84 55.57 22.68
N VAL D 253 -51.06 56.19 21.80
CA VAL D 253 -49.61 56.05 21.83
C VAL D 253 -48.86 57.31 21.42
N LYS D 254 -47.97 57.76 22.30
CA LYS D 254 -47.17 58.95 22.04
C LYS D 254 -45.73 58.65 22.46
N VAL D 255 -44.87 58.49 21.46
CA VAL D 255 -43.47 58.21 21.75
C VAL D 255 -42.61 59.37 21.26
N VAL D 256 -41.68 59.77 22.13
CA VAL D 256 -40.77 60.87 21.83
C VAL D 256 -39.33 60.42 22.02
N ILE D 257 -38.49 60.76 21.05
CA ILE D 257 -37.08 60.40 21.09
C ILE D 257 -36.24 61.66 21.26
N LYS D 258 -35.24 61.58 22.12
CA LYS D 258 -34.35 62.70 22.35
C LYS D 258 -32.95 62.38 21.87
N SER D 259 -32.43 63.17 20.92
CA SER D 259 -31.09 62.97 20.39
C SER D 259 -30.14 63.42 21.48
N ASN D 260 -29.10 62.64 21.72
CA ASN D 260 -28.17 62.99 22.77
C ASN D 260 -26.70 63.02 22.36
N PHE D 261 -26.27 64.16 21.84
CA PHE D 261 -24.88 64.36 21.44
C PHE D 261 -24.70 65.76 20.85
N LYS D 262 -23.45 66.21 20.73
CA LYS D 262 -23.16 67.54 20.18
C LYS D 262 -24.11 67.86 19.04
N PRO D 263 -24.78 69.02 19.14
CA PRO D 263 -25.74 69.49 18.13
C PRO D 263 -25.17 69.48 16.72
N SER D 264 -23.86 69.58 16.62
CA SER D 264 -23.17 69.59 15.34
C SER D 264 -23.18 68.26 14.57
N LEU D 265 -23.30 67.15 15.28
CA LEU D 265 -23.30 65.85 14.64
C LEU D 265 -24.71 65.34 14.35
N LEU D 266 -24.87 64.76 13.18
CA LEU D 266 -26.17 64.24 12.77
C LEU D 266 -26.18 62.72 12.61
N ALA D 267 -27.08 62.06 13.33
CA ALA D 267 -27.17 60.62 13.22
C ALA D 267 -28.11 60.38 12.06
N GLN D 268 -27.75 59.49 11.14
CA GLN D 268 -28.64 59.22 10.01
C GLN D 268 -29.19 57.81 10.06
N LYS D 269 -29.90 57.44 9.00
CA LYS D 269 -30.51 56.12 8.91
C LYS D 269 -31.10 55.76 10.26
N ILE D 270 -32.21 56.42 10.62
CA ILE D 270 -32.86 56.15 11.89
C ILE D 270 -34.11 55.33 11.66
N GLU D 271 -34.37 54.39 12.55
CA GLU D 271 -35.55 53.54 12.46
C GLU D 271 -36.14 53.26 13.83
N VAL D 272 -37.44 53.53 13.97
CA VAL D 272 -38.15 53.27 15.22
C VAL D 272 -39.23 52.24 14.95
N ARG D 273 -39.28 51.22 15.80
CA ARG D 273 -40.27 50.16 15.65
C ARG D 273 -41.18 50.04 16.88
N ILE D 274 -42.43 50.43 16.67
CA ILE D 274 -43.43 50.40 17.72
C ILE D 274 -44.39 49.24 17.47
N PRO D 275 -44.41 48.25 18.41
CA PRO D 275 -45.25 47.03 18.38
C PRO D 275 -46.74 47.21 18.67
N THR D 276 -47.60 46.88 17.69
CA THR D 276 -49.07 47.00 17.85
C THR D 276 -49.65 45.67 18.35
N PRO D 277 -50.80 45.72 19.06
CA PRO D 277 -51.39 44.48 19.58
C PRO D 277 -51.74 43.64 18.38
N LEU D 278 -52.11 42.39 18.62
CA LEU D 278 -52.47 41.47 17.55
C LEU D 278 -53.91 41.77 17.08
N ASN D 279 -54.75 42.18 18.03
CA ASN D 279 -56.15 42.51 17.78
C ASN D 279 -56.31 43.90 17.14
N THR D 280 -55.26 44.40 16.53
CA THR D 280 -55.31 45.71 15.88
C THR D 280 -56.29 45.69 14.71
N SER D 281 -57.26 46.59 14.71
CA SER D 281 -58.24 46.67 13.62
C SER D 281 -57.89 47.82 12.65
N GLY D 282 -57.50 48.95 13.22
CA GLY D 282 -57.13 50.13 12.44
C GLY D 282 -56.17 51.01 13.21
N VAL D 283 -55.17 51.58 12.53
CA VAL D 283 -54.19 52.44 13.20
C VAL D 283 -53.95 53.74 12.43
N GLN D 284 -53.97 54.84 13.18
CA GLN D 284 -53.75 56.18 12.64
C GLN D 284 -52.50 56.81 13.27
N VAL D 285 -51.56 57.24 12.43
CA VAL D 285 -50.32 57.82 12.91
C VAL D 285 -50.10 59.27 12.53
N ILE D 286 -49.34 59.96 13.36
CA ILE D 286 -48.99 61.36 13.13
C ILE D 286 -47.55 61.62 13.56
N CYS D 287 -46.82 62.28 12.67
CA CYS D 287 -45.42 62.62 12.91
C CYS D 287 -45.06 63.83 12.02
N MET D 288 -44.40 64.81 12.62
CA MET D 288 -44.02 66.01 11.89
C MET D 288 -42.74 65.81 11.10
N LYS D 289 -41.87 64.93 11.61
CA LYS D 289 -40.59 64.62 10.99
C LYS D 289 -40.50 63.18 10.43
N GLY D 290 -39.81 63.04 9.29
CA GLY D 290 -39.67 61.73 8.68
C GLY D 290 -41.02 61.19 8.24
N LYS D 291 -41.12 59.88 8.10
CA LYS D 291 -42.36 59.23 7.69
C LYS D 291 -42.55 57.91 8.47
N ALA D 292 -43.79 57.55 8.73
CA ALA D 292 -44.08 56.32 9.48
C ALA D 292 -45.28 55.54 8.96
N LYS D 293 -45.06 54.27 8.63
CA LYS D 293 -46.12 53.40 8.12
C LYS D 293 -46.45 52.34 9.16
N TYR D 294 -47.61 51.72 9.02
CA TYR D 294 -47.98 50.65 9.94
C TYR D 294 -48.01 49.33 9.19
N LYS D 295 -46.87 48.64 9.18
CA LYS D 295 -46.79 47.34 8.52
C LYS D 295 -47.41 46.33 9.48
N ALA D 296 -48.67 46.00 9.21
CA ALA D 296 -49.45 45.06 10.04
C ALA D 296 -48.86 43.65 9.91
N SER D 297 -48.30 43.39 8.73
CA SER D 297 -47.67 42.10 8.43
C SER D 297 -46.61 41.79 9.50
N GLU D 298 -46.23 42.81 10.27
CA GLU D 298 -45.22 42.69 11.31
C GLU D 298 -45.74 43.15 12.67
N ASN D 299 -47.01 43.58 12.69
CA ASN D 299 -47.65 44.05 13.92
C ASN D 299 -46.81 45.12 14.60
N ALA D 300 -46.50 46.17 13.84
CA ALA D 300 -45.70 47.28 14.35
C ALA D 300 -45.71 48.42 13.37
N ILE D 301 -45.49 49.62 13.90
CA ILE D 301 -45.45 50.81 13.08
C ILE D 301 -43.98 51.14 12.91
N VAL D 302 -43.58 51.32 11.66
CA VAL D 302 -42.19 51.62 11.36
C VAL D 302 -42.03 53.11 11.08
N TRP D 303 -41.15 53.77 11.84
CA TRP D 303 -40.90 55.18 11.67
C TRP D 303 -39.49 55.41 11.15
N LYS D 304 -39.39 55.94 9.94
CA LYS D 304 -38.08 56.20 9.34
C LYS D 304 -37.78 57.70 9.25
N ILE D 305 -36.64 58.11 9.79
CA ILE D 305 -36.21 59.50 9.79
C ILE D 305 -34.88 59.68 9.06
N LYS D 306 -34.90 60.38 7.92
CA LYS D 306 -33.69 60.62 7.12
C LYS D 306 -32.42 60.84 7.95
N ARG D 307 -32.48 61.77 8.91
CA ARG D 307 -31.34 62.06 9.78
C ARG D 307 -31.79 62.99 10.89
N MET D 308 -31.02 63.09 11.95
CA MET D 308 -31.42 63.96 13.04
C MET D 308 -30.21 64.53 13.77
N ALA D 309 -30.28 65.83 14.04
CA ALA D 309 -29.19 66.52 14.72
C ALA D 309 -29.09 66.14 16.17
N GLY D 310 -28.13 66.74 16.87
CA GLY D 310 -27.94 66.44 18.27
C GLY D 310 -28.84 67.31 19.11
N MET D 311 -28.93 67.01 20.40
CA MET D 311 -29.77 67.78 21.32
C MET D 311 -31.04 68.24 20.62
N LYS D 312 -31.98 67.33 20.44
CA LYS D 312 -33.23 67.63 19.77
C LYS D 312 -34.22 66.54 20.11
N GLU D 313 -35.50 66.83 19.96
CA GLU D 313 -36.52 65.85 20.24
C GLU D 313 -37.42 65.77 19.03
N SER D 314 -38.12 64.66 18.91
CA SER D 314 -39.04 64.47 17.82
C SER D 314 -40.13 63.58 18.37
N GLN D 315 -41.34 63.73 17.84
CA GLN D 315 -42.45 62.95 18.33
C GLN D 315 -43.29 62.29 17.25
N ILE D 316 -43.89 61.19 17.64
CA ILE D 316 -44.77 60.42 16.77
C ILE D 316 -45.86 59.91 17.69
N SER D 317 -47.11 60.07 17.24
CA SER D 317 -48.25 59.63 18.01
C SER D 317 -49.20 58.89 17.10
N ALA D 318 -49.96 57.96 17.68
CA ALA D 318 -50.94 57.19 16.91
C ALA D 318 -52.03 56.56 17.76
N GLU D 319 -53.21 56.43 17.16
CA GLU D 319 -54.35 55.81 17.83
C GLU D 319 -54.56 54.43 17.19
N ILE D 320 -54.59 53.40 18.05
CA ILE D 320 -54.80 52.03 17.59
C ILE D 320 -56.18 51.47 17.95
N GLU D 321 -56.89 51.04 16.91
CA GLU D 321 -58.22 50.46 17.04
C GLU D 321 -58.09 48.96 17.37
N LEU D 322 -58.93 48.50 18.30
CA LEU D 322 -58.87 47.11 18.71
C LEU D 322 -60.24 46.40 18.62
N LEU D 323 -60.21 45.16 18.09
CA LEU D 323 -61.41 44.33 17.97
C LEU D 323 -61.49 43.56 19.27
N PRO D 324 -62.67 43.57 19.92
CA PRO D 324 -62.89 42.85 21.19
C PRO D 324 -62.18 41.52 21.45
N THR D 325 -61.58 41.47 22.66
CA THR D 325 -60.81 40.34 23.20
C THR D 325 -61.67 39.26 23.84
N TRP D 331 -51.87 41.31 26.14
CA TRP D 331 -50.86 41.30 25.09
C TRP D 331 -49.58 41.99 25.55
N ALA D 332 -48.75 41.24 26.26
CA ALA D 332 -47.45 41.75 26.70
C ALA D 332 -46.79 42.52 25.57
N ARG D 333 -46.48 43.78 25.82
CA ARG D 333 -45.90 44.65 24.82
C ARG D 333 -44.40 44.47 24.47
N PRO D 334 -44.12 44.06 23.21
CA PRO D 334 -42.72 43.87 22.77
C PRO D 334 -42.03 45.25 22.86
N PRO D 335 -40.82 45.33 23.45
CA PRO D 335 -40.15 46.64 23.52
C PRO D 335 -39.99 47.34 22.16
N ILE D 336 -39.91 48.67 22.20
CA ILE D 336 -39.77 49.45 20.98
C ILE D 336 -38.30 49.45 20.55
N SER D 337 -38.04 48.83 19.41
CA SER D 337 -36.67 48.74 18.89
C SER D 337 -36.30 50.03 18.19
N MET D 338 -34.99 50.20 17.96
CA MET D 338 -34.47 51.39 17.32
C MET D 338 -33.14 51.09 16.63
N ASN D 339 -32.97 51.62 15.42
CA ASN D 339 -31.74 51.42 14.67
C ASN D 339 -31.26 52.76 14.15
N PHE D 340 -29.94 52.90 14.04
CA PHE D 340 -29.38 54.15 13.58
C PHE D 340 -27.91 54.05 13.22
N GLU D 341 -27.22 55.20 13.31
CA GLU D 341 -25.80 55.30 12.99
C GLU D 341 -25.33 56.68 13.39
N VAL D 342 -24.41 56.74 14.34
CA VAL D 342 -23.90 58.01 14.79
C VAL D 342 -22.41 58.10 14.51
N PRO D 343 -21.95 59.25 14.01
CA PRO D 343 -20.55 59.52 13.69
C PRO D 343 -19.60 59.65 14.85
N PHE D 344 -19.85 58.94 15.94
CA PHE D 344 -18.93 59.00 17.06
C PHE D 344 -18.84 57.69 17.80
N ALA D 345 -17.90 57.63 18.75
CA ALA D 345 -17.68 56.42 19.54
C ALA D 345 -18.61 56.32 20.74
N PRO D 346 -19.69 55.54 20.62
CA PRO D 346 -20.65 55.39 21.72
C PRO D 346 -20.02 55.03 23.04
N SER D 347 -18.80 54.52 23.01
CA SER D 347 -18.11 54.13 24.24
C SER D 347 -17.37 55.31 24.89
N GLY D 348 -17.11 56.33 24.10
CA GLY D 348 -16.38 57.47 24.63
C GLY D 348 -14.94 57.41 24.16
N LEU D 349 -14.58 56.32 23.49
CA LEU D 349 -13.23 56.15 22.99
C LEU D 349 -12.96 57.15 21.87
N LYS D 350 -11.81 57.80 21.96
CA LYS D 350 -11.42 58.76 20.94
C LYS D 350 -9.94 58.50 20.66
N VAL D 351 -9.56 58.56 19.39
CA VAL D 351 -8.16 58.34 19.01
C VAL D 351 -7.36 59.60 19.20
N ARG D 352 -6.30 59.51 19.97
CA ARG D 352 -5.46 60.67 20.25
C ARG D 352 -4.29 60.82 19.30
N TYR D 353 -3.75 59.71 18.80
CA TYR D 353 -2.62 59.80 17.90
C TYR D 353 -2.15 58.45 17.42
N LEU D 354 -1.46 58.46 16.28
CA LEU D 354 -0.89 57.24 15.71
C LEU D 354 0.48 57.56 15.10
N LYS D 355 1.51 57.50 15.93
CA LYS D 355 2.86 57.80 15.50
C LYS D 355 3.36 56.73 14.55
N VAL D 356 4.05 57.16 13.50
CA VAL D 356 4.62 56.27 12.49
C VAL D 356 6.09 56.63 12.27
N PHE D 357 6.97 55.64 12.34
CA PHE D 357 8.39 55.88 12.16
C PHE D 357 9.10 54.76 11.41
N GLU D 358 9.74 55.12 10.30
CA GLU D 358 10.50 54.16 9.51
C GLU D 358 11.98 54.41 9.74
N PRO D 359 12.68 53.39 10.24
CA PRO D 359 14.08 53.55 10.62
C PRO D 359 15.01 53.42 9.41
N LYS D 360 14.63 52.54 8.50
CA LYS D 360 15.39 52.31 7.28
C LYS D 360 15.19 53.47 6.32
N LEU D 361 13.95 53.65 5.88
CA LEU D 361 13.63 54.79 5.03
C LEU D 361 13.59 56.06 5.88
N ASN D 362 13.55 57.22 5.26
CA ASN D 362 13.61 58.49 5.97
C ASN D 362 12.35 59.02 6.69
N TYR D 363 11.15 58.66 6.22
CA TYR D 363 9.94 59.30 6.72
C TYR D 363 9.56 59.13 8.19
N SER D 364 8.99 60.20 8.71
CA SER D 364 8.49 60.31 10.07
C SER D 364 7.05 60.76 9.92
N ASP D 365 6.36 60.92 11.03
CA ASP D 365 4.96 61.35 10.99
C ASP D 365 4.73 62.43 9.95
N HIS D 366 5.53 63.49 10.02
CA HIS D 366 5.41 64.63 9.13
C HIS D 366 5.17 64.25 7.69
N ASP D 367 5.62 63.06 7.31
CA ASP D 367 5.47 62.60 5.94
C ASP D 367 4.22 61.71 5.71
N VAL D 368 3.55 61.33 6.79
CA VAL D 368 2.38 60.47 6.69
C VAL D 368 1.04 61.20 6.79
N ILE D 369 0.11 60.78 5.93
CA ILE D 369 -1.24 61.34 5.90
C ILE D 369 -2.14 60.42 6.69
N LYS D 370 -2.72 60.92 7.77
CA LYS D 370 -3.56 60.06 8.60
C LYS D 370 -5.05 60.40 8.57
N TRP D 371 -5.87 59.40 8.27
CA TRP D 371 -7.32 59.58 8.21
C TRP D 371 -8.08 58.73 9.25
N VAL D 372 -8.97 59.35 10.01
CA VAL D 372 -9.74 58.63 11.03
C VAL D 372 -11.21 58.70 10.69
N ARG D 373 -12.02 57.96 11.43
CA ARG D 373 -13.47 57.95 11.20
C ARG D 373 -14.18 57.06 12.19
N TYR D 374 -15.11 57.61 12.95
CA TYR D 374 -15.84 56.80 13.91
C TYR D 374 -17.20 56.49 13.32
N ILE D 375 -17.61 55.23 13.38
CA ILE D 375 -18.90 54.81 12.86
C ILE D 375 -19.65 53.94 13.87
N GLY D 376 -20.34 54.59 14.80
CA GLY D 376 -21.09 53.88 15.82
C GLY D 376 -22.48 53.52 15.32
N ARG D 377 -22.74 52.22 15.20
CA ARG D 377 -24.03 51.70 14.73
C ARG D 377 -24.83 51.21 15.93
N SER D 378 -26.04 50.72 15.71
CA SER D 378 -26.86 50.23 16.81
C SER D 378 -27.28 48.80 16.59
N GLY D 379 -27.26 48.02 17.67
CA GLY D 379 -27.67 46.64 17.60
C GLY D 379 -28.99 46.46 18.32
N ILE D 380 -28.95 45.78 19.45
CA ILE D 380 -30.13 45.53 20.26
C ILE D 380 -30.41 46.79 21.09
N TYR D 381 -31.05 47.78 20.47
CA TYR D 381 -31.39 49.04 21.15
C TYR D 381 -32.89 49.09 21.28
N GLU D 382 -33.38 48.66 22.44
CA GLU D 382 -34.82 48.61 22.70
C GLU D 382 -35.24 49.26 24.01
N THR D 383 -36.39 49.92 23.98
CA THR D 383 -36.90 50.54 25.19
C THR D 383 -38.21 49.86 25.57
N ARG D 384 -38.28 49.45 26.83
CA ARG D 384 -39.47 48.79 27.35
C ARG D 384 -40.67 49.68 27.13
N CYS D 385 -41.66 49.15 26.41
CA CYS D 385 -42.88 49.90 26.12
C CYS D 385 -43.53 50.31 27.46
N MET E 7 40.88 -30.34 12.54
CA MET E 7 40.96 -29.44 11.33
C MET E 7 40.00 -28.26 11.51
N ASP E 8 40.00 -27.32 10.56
CA ASP E 8 39.12 -26.14 10.62
C ASP E 8 37.73 -26.44 10.06
N MET E 9 36.71 -25.73 10.56
CA MET E 9 35.32 -25.92 10.09
C MET E 9 35.23 -25.72 8.57
N ALA E 10 35.76 -24.59 8.09
CA ALA E 10 35.74 -24.25 6.67
C ALA E 10 36.22 -25.42 5.80
N SER E 11 37.36 -26.00 6.16
CA SER E 11 37.90 -27.10 5.39
C SER E 11 36.98 -28.32 5.42
N VAL E 12 36.39 -28.58 6.59
CA VAL E 12 35.50 -29.72 6.75
C VAL E 12 34.35 -29.69 5.75
N THR E 13 33.62 -28.57 5.74
CA THR E 13 32.49 -28.41 4.84
C THR E 13 33.00 -28.57 3.41
N LYS E 14 34.12 -27.92 3.12
CA LYS E 14 34.73 -27.98 1.79
C LYS E 14 34.90 -29.42 1.35
N ALA E 15 34.89 -30.33 2.32
CA ALA E 15 35.05 -31.75 2.04
C ALA E 15 33.79 -32.30 1.38
N MET E 16 32.64 -32.00 2.00
CA MET E 16 31.35 -32.46 1.48
C MET E 16 31.21 -31.85 0.09
N ALA E 17 31.75 -30.64 -0.06
CA ALA E 17 31.73 -29.88 -1.30
C ALA E 17 32.08 -30.71 -2.54
N ALA E 18 33.27 -31.35 -2.53
CA ALA E 18 33.69 -32.17 -3.67
C ALA E 18 32.49 -32.99 -4.12
N PRO E 19 32.11 -32.88 -5.41
CA PRO E 19 30.96 -33.61 -5.98
C PRO E 19 31.07 -35.12 -5.83
N GLU E 20 32.27 -35.59 -5.52
CA GLU E 20 32.54 -37.01 -5.34
C GLU E 20 32.34 -37.46 -3.88
N SER E 21 32.48 -36.51 -2.95
CA SER E 21 32.29 -36.78 -1.52
C SER E 21 30.99 -37.55 -1.26
N GLY E 22 30.86 -38.09 -0.04
CA GLY E 22 29.69 -38.86 0.33
C GLY E 22 28.36 -38.12 0.25
N LEU E 23 28.28 -36.97 0.92
CA LEU E 23 27.07 -36.15 0.99
C LEU E 23 26.33 -35.95 -0.33
N GLU E 24 25.06 -36.37 -0.37
CA GLU E 24 24.26 -36.20 -1.57
C GLU E 24 23.72 -34.77 -1.61
N VAL E 25 23.94 -34.08 -2.74
CA VAL E 25 23.50 -32.70 -2.91
C VAL E 25 22.86 -32.51 -4.28
N ARG E 26 21.55 -32.32 -4.31
CA ARG E 26 20.85 -32.12 -5.58
C ARG E 26 19.78 -31.04 -5.50
N ASP E 27 19.24 -30.69 -6.66
CA ASP E 27 18.18 -29.68 -6.74
C ASP E 27 16.89 -30.29 -6.21
N ARG E 28 16.35 -29.71 -5.15
CA ARG E 28 15.11 -30.21 -4.57
C ARG E 28 14.00 -29.22 -4.89
N MET E 29 12.76 -29.69 -4.89
CA MET E 29 11.63 -28.82 -5.21
C MET E 29 10.62 -28.72 -4.05
N TRP E 30 10.50 -27.53 -3.47
CA TRP E 30 9.58 -27.29 -2.36
C TRP E 30 8.50 -26.31 -2.80
N LEU E 31 7.25 -26.71 -2.63
CA LEU E 31 6.15 -25.87 -3.06
C LEU E 31 6.35 -25.62 -4.55
N LYS E 32 6.19 -24.38 -4.99
CA LYS E 32 6.38 -24.06 -6.39
C LYS E 32 7.88 -23.96 -6.68
N ILE E 33 8.60 -23.34 -5.76
CA ILE E 33 10.04 -23.13 -5.89
C ILE E 33 10.83 -24.42 -6.14
N THR E 34 12.11 -24.25 -6.43
CA THR E 34 13.02 -25.35 -6.70
C THR E 34 14.40 -24.98 -6.15
N ILE E 35 14.70 -25.44 -4.95
CA ILE E 35 15.98 -25.13 -4.31
C ILE E 35 17.17 -25.79 -5.00
N PRO E 36 18.17 -24.99 -5.37
CA PRO E 36 19.39 -25.41 -6.06
C PRO E 36 20.42 -26.04 -5.14
N ASN E 37 21.00 -27.15 -5.59
CA ASN E 37 22.02 -27.85 -4.82
C ASN E 37 21.76 -27.78 -3.33
N ALA E 38 20.77 -28.55 -2.89
CA ALA E 38 20.39 -28.62 -1.49
C ALA E 38 20.48 -30.06 -0.99
N PHE E 39 20.71 -30.20 0.31
CA PHE E 39 20.86 -31.50 0.93
C PHE E 39 20.05 -31.56 2.22
N LEU E 40 19.70 -32.76 2.66
CA LEU E 40 18.92 -32.92 3.89
C LEU E 40 19.80 -32.75 5.14
N GLY E 41 19.26 -32.09 6.16
CA GLY E 41 19.98 -31.86 7.39
C GLY E 41 20.42 -33.11 8.11
N SER E 42 19.92 -34.26 7.65
CA SER E 42 20.25 -35.55 8.23
C SER E 42 21.55 -36.06 7.62
N ASP E 43 21.54 -36.17 6.29
CA ASP E 43 22.70 -36.64 5.53
C ASP E 43 23.96 -35.91 5.95
N VAL E 44 23.79 -34.73 6.54
CA VAL E 44 24.93 -33.94 6.99
C VAL E 44 25.52 -34.54 8.26
N VAL E 45 24.66 -34.94 9.19
CA VAL E 45 25.09 -35.55 10.43
C VAL E 45 25.66 -36.93 10.11
N ASP E 46 25.08 -37.59 9.12
CA ASP E 46 25.57 -38.91 8.69
C ASP E 46 27.00 -38.77 8.22
N TRP E 47 27.16 -38.14 7.06
CA TRP E 47 28.47 -37.89 6.47
C TRP E 47 29.44 -37.20 7.45
N LEU E 48 28.84 -36.40 8.33
CA LEU E 48 29.56 -35.60 9.31
C LEU E 48 30.21 -36.54 10.30
N TYR E 49 29.46 -37.52 10.77
CA TYR E 49 30.01 -38.52 11.70
C TYR E 49 30.77 -39.68 11.03
N HIS E 50 30.30 -40.12 9.87
CA HIS E 50 30.85 -41.29 9.19
C HIS E 50 32.27 -41.06 8.67
N HIS E 51 32.40 -40.08 7.79
CA HIS E 51 33.68 -39.77 7.16
C HIS E 51 34.53 -38.83 8.01
N VAL E 52 33.88 -38.06 8.87
CA VAL E 52 34.61 -37.11 9.70
C VAL E 52 34.94 -37.76 11.04
N GLU E 53 36.24 -37.91 11.31
CA GLU E 53 36.69 -38.54 12.56
C GLU E 53 37.01 -37.52 13.66
N GLY E 54 36.79 -37.99 14.90
CA GLY E 54 37.01 -37.18 16.08
C GLY E 54 35.66 -37.06 16.77
N PHE E 55 34.71 -37.87 16.27
CA PHE E 55 33.34 -37.90 16.78
C PHE E 55 33.04 -39.18 17.58
N PRO E 56 32.69 -39.01 18.88
CA PRO E 56 32.38 -40.18 19.72
C PRO E 56 31.07 -40.83 19.28
N GLU E 57 29.99 -40.06 19.32
CA GLU E 57 28.67 -40.54 18.93
C GLU E 57 28.04 -39.64 17.84
N ARG E 58 26.94 -40.12 17.26
CA ARG E 58 26.22 -39.38 16.22
C ARG E 58 25.53 -38.16 16.86
N ARG E 59 25.56 -38.11 18.19
CA ARG E 59 24.97 -37.01 18.95
C ARG E 59 25.99 -35.84 18.94
N GLU E 60 27.24 -36.17 18.62
CA GLU E 60 28.30 -35.18 18.55
C GLU E 60 28.45 -34.66 17.13
N ALA E 61 28.18 -35.53 16.17
CA ALA E 61 28.26 -35.21 14.74
C ALA E 61 27.15 -34.20 14.40
N ARG E 62 26.09 -34.22 15.20
CA ARG E 62 24.96 -33.33 15.01
C ARG E 62 25.23 -32.00 15.73
N LYS E 63 25.94 -32.07 16.85
CA LYS E 63 26.25 -30.86 17.59
C LYS E 63 27.17 -30.00 16.74
N TYR E 64 28.04 -30.67 15.98
CA TYR E 64 28.97 -29.97 15.10
C TYR E 64 28.17 -29.35 13.95
N ALA E 65 27.28 -30.16 13.35
CA ALA E 65 26.46 -29.68 12.24
C ALA E 65 25.75 -28.38 12.67
N SER E 66 25.22 -28.37 13.89
CA SER E 66 24.53 -27.19 14.39
C SER E 66 25.52 -26.04 14.49
N GLY E 67 26.80 -26.38 14.66
CA GLY E 67 27.83 -25.36 14.75
C GLY E 67 28.06 -24.70 13.39
N LEU E 68 28.04 -25.52 12.35
CA LEU E 68 28.21 -25.04 10.97
C LEU E 68 27.07 -24.11 10.55
N LEU E 69 25.87 -24.37 11.09
CA LEU E 69 24.70 -23.55 10.78
C LEU E 69 24.85 -22.17 11.38
N LYS E 70 25.33 -22.12 12.62
CA LYS E 70 25.52 -20.83 13.27
C LYS E 70 26.76 -20.21 12.64
N ALA E 71 27.65 -21.07 12.18
CA ALA E 71 28.91 -20.65 11.56
C ALA E 71 28.69 -19.99 10.20
N GLY E 72 27.67 -20.45 9.49
CA GLY E 72 27.37 -19.88 8.18
C GLY E 72 27.80 -20.78 7.05
N LEU E 73 28.73 -21.68 7.32
CA LEU E 73 29.19 -22.59 6.27
C LEU E 73 28.01 -23.34 5.65
N ILE E 74 26.91 -23.38 6.38
CA ILE E 74 25.70 -24.05 5.91
C ILE E 74 24.50 -23.14 6.23
N ARG E 75 23.76 -22.77 5.20
CA ARG E 75 22.62 -21.90 5.40
C ARG E 75 21.28 -22.60 5.37
N HIS E 76 20.39 -22.10 6.20
CA HIS E 76 19.07 -22.67 6.32
C HIS E 76 18.21 -22.25 5.14
N THR E 77 17.66 -23.24 4.43
CA THR E 77 16.83 -22.98 3.26
C THR E 77 15.75 -21.95 3.53
N VAL E 78 14.99 -22.17 4.59
CA VAL E 78 13.93 -21.24 4.95
C VAL E 78 14.17 -20.74 6.37
N ASN E 79 14.07 -19.43 6.55
CA ASN E 79 14.30 -18.78 7.85
C ASN E 79 13.95 -19.58 9.10
N LYS E 80 14.99 -20.06 9.78
CA LYS E 80 14.82 -20.83 11.01
C LYS E 80 16.12 -20.72 11.79
N ILE E 81 16.00 -20.50 13.08
CA ILE E 81 17.16 -20.34 13.94
C ILE E 81 17.81 -21.64 14.39
N THR E 82 16.98 -22.54 14.93
CA THR E 82 17.43 -23.83 15.43
C THR E 82 17.80 -24.81 14.31
N PHE E 83 18.85 -25.59 14.51
CA PHE E 83 19.28 -26.55 13.49
C PHE E 83 18.42 -27.80 13.48
N SER E 84 17.52 -27.91 12.51
CA SER E 84 16.66 -29.10 12.40
C SER E 84 17.39 -30.12 11.56
N GLU E 85 16.89 -31.34 11.54
CA GLU E 85 17.55 -32.36 10.74
C GLU E 85 16.64 -32.85 9.65
N GLN E 86 15.38 -32.41 9.68
CA GLN E 86 14.43 -32.86 8.67
C GLN E 86 14.06 -31.76 7.70
N CYS E 87 15.02 -30.86 7.46
CA CYS E 87 14.84 -29.75 6.53
C CYS E 87 16.09 -29.58 5.66
N TYR E 88 15.89 -29.13 4.42
CA TYR E 88 16.99 -28.92 3.48
C TYR E 88 17.90 -27.75 3.81
N TYR E 89 19.14 -27.81 3.32
CA TYR E 89 20.15 -26.77 3.52
C TYR E 89 20.98 -26.55 2.25
N VAL E 90 21.62 -25.39 2.18
CA VAL E 90 22.47 -25.05 1.05
C VAL E 90 23.74 -24.43 1.59
N PHE E 91 24.85 -24.67 0.91
CA PHE E 91 26.15 -24.15 1.34
C PHE E 91 26.23 -22.63 1.41
N GLY E 92 27.23 -22.16 2.13
CA GLY E 92 27.45 -20.72 2.25
C GLY E 92 28.72 -20.38 1.49
N ASP E 93 29.34 -19.24 1.78
CA ASP E 93 30.58 -18.89 1.07
C ASP E 93 31.76 -19.65 1.65
N LEU E 94 32.17 -20.69 0.93
CA LEU E 94 33.29 -21.51 1.39
C LEU E 94 34.64 -20.89 1.03
N SER E 95 34.62 -19.87 0.17
CA SER E 95 35.85 -19.18 -0.23
C SER E 95 36.26 -18.16 0.85
N GLY E 96 37.19 -17.28 0.49
CA GLY E 96 37.65 -16.28 1.43
C GLY E 96 36.59 -15.23 1.68
N PRO E 105 24.01 -0.04 -0.64
CA PRO E 105 23.40 0.86 -1.67
C PRO E 105 21.86 0.76 -1.77
N PRO E 106 21.12 1.86 -1.49
CA PRO E 106 19.64 1.89 -1.56
C PRO E 106 19.07 1.31 -2.86
N PRO E 107 18.26 0.24 -2.74
CA PRO E 107 17.60 -0.51 -3.82
C PRO E 107 16.60 0.24 -4.67
N TYR E 108 16.37 -0.29 -5.87
CA TYR E 108 15.40 0.28 -6.82
C TYR E 108 14.03 -0.23 -6.48
N HIS E 109 13.09 0.00 -7.39
CA HIS E 109 11.72 -0.42 -7.19
C HIS E 109 10.96 -0.35 -8.50
N GLU E 110 10.05 -1.28 -8.71
CA GLU E 110 9.27 -1.30 -9.93
C GLU E 110 8.38 -0.08 -9.95
N LEU E 111 8.40 0.66 -11.06
CA LEU E 111 7.59 1.85 -11.17
C LEU E 111 6.12 1.52 -11.32
N GLU E 112 5.32 1.95 -10.34
CA GLU E 112 3.89 1.75 -10.37
C GLU E 112 3.21 3.11 -10.35
N PHE E 113 1.90 3.12 -10.52
CA PHE E 113 1.17 4.39 -10.54
C PHE E 113 0.92 4.81 -9.11
N GLY E 114 1.96 5.35 -8.46
CA GLY E 114 1.82 5.57 -7.04
C GLY E 114 1.76 4.25 -6.29
N GLY E 115 2.82 3.46 -6.37
CA GLY E 115 2.85 2.17 -5.69
C GLY E 115 4.25 1.61 -5.51
N SER E 116 4.39 0.70 -4.54
CA SER E 116 5.69 0.09 -4.26
C SER E 116 5.89 -1.21 -5.03
N GLY E 117 6.53 -1.10 -6.20
CA GLY E 117 6.84 -2.25 -7.02
C GLY E 117 7.97 -3.04 -6.38
N GLY E 118 7.88 -4.36 -6.42
CA GLY E 118 8.88 -5.19 -5.76
C GLY E 118 10.31 -4.73 -6.00
N SER E 119 11.17 -4.85 -4.99
CA SER E 119 12.56 -4.47 -5.14
C SER E 119 13.18 -5.12 -6.38
N ARG E 120 14.14 -4.42 -7.01
CA ARG E 120 14.80 -4.93 -8.19
C ARG E 120 15.74 -6.08 -7.86
N ASN E 121 15.85 -7.15 -8.66
CA ASN E 121 16.88 -8.17 -8.52
C ASN E 121 17.17 -8.91 -9.84
N GLU E 122 17.80 -8.20 -10.78
CA GLU E 122 18.14 -8.78 -12.07
C GLU E 122 19.64 -9.07 -12.19
N LEU E 123 20.04 -9.67 -13.31
CA LEU E 123 21.43 -9.99 -13.55
C LEU E 123 21.70 -10.03 -15.04
N PHE E 124 22.96 -9.83 -15.42
CA PHE E 124 23.29 -9.84 -16.84
C PHE E 124 24.39 -10.84 -17.11
N LEU E 125 24.21 -11.63 -18.16
CA LEU E 125 25.19 -12.61 -18.56
C LEU E 125 25.73 -12.27 -19.92
N ASP E 126 27.05 -12.13 -20.02
CA ASP E 126 27.67 -11.83 -21.30
C ASP E 126 28.67 -12.93 -21.67
N VAL E 127 28.50 -13.52 -22.85
CA VAL E 127 29.41 -14.55 -23.32
C VAL E 127 30.25 -13.90 -24.41
N LEU E 128 31.52 -13.65 -24.13
CA LEU E 128 32.41 -13.00 -25.10
C LEU E 128 33.50 -13.90 -25.63
N GLU E 129 33.33 -14.41 -26.85
CA GLU E 129 34.34 -15.28 -27.43
C GLU E 129 35.00 -14.57 -28.60
N SER E 130 36.19 -15.04 -28.98
CA SER E 130 36.93 -14.47 -30.12
C SER E 130 37.46 -15.66 -30.94
N VAL E 131 37.04 -15.75 -32.20
CA VAL E 131 37.44 -16.85 -33.06
C VAL E 131 38.71 -16.50 -33.84
N ASN E 132 39.62 -17.47 -33.91
CA ASN E 132 40.88 -17.31 -34.62
C ASN E 132 41.08 -18.49 -35.55
N LEU E 133 41.22 -18.18 -36.84
CA LEU E 133 41.39 -19.22 -37.84
C LEU E 133 42.50 -18.86 -38.81
N LEU E 134 42.92 -19.86 -39.56
CA LEU E 134 43.96 -19.72 -40.58
C LEU E 134 43.69 -20.82 -41.60
N MET E 135 42.64 -20.62 -42.37
CA MET E 135 42.23 -21.59 -43.38
C MET E 135 43.14 -21.51 -44.59
N SER E 136 43.27 -22.64 -45.32
CA SER E 136 44.10 -22.71 -46.53
C SER E 136 43.28 -22.30 -47.76
N PRO E 137 43.96 -22.06 -48.90
CA PRO E 137 43.28 -21.67 -50.14
C PRO E 137 42.01 -22.47 -50.52
N GLN E 138 41.99 -23.77 -50.22
CA GLN E 138 40.84 -24.61 -50.58
C GLN E 138 39.85 -24.94 -49.46
N GLY E 139 40.04 -24.34 -48.29
CA GLY E 139 39.13 -24.62 -47.18
C GLY E 139 39.78 -25.39 -46.05
N GLN E 140 40.94 -25.99 -46.36
CA GLN E 140 41.72 -26.79 -45.40
C GLN E 140 42.08 -25.94 -44.19
N VAL E 141 41.30 -26.08 -43.12
CA VAL E 141 41.56 -25.31 -41.92
C VAL E 141 42.85 -25.78 -41.29
N LEU E 142 43.74 -24.83 -41.01
CA LEU E 142 45.02 -25.13 -40.40
C LEU E 142 44.98 -24.76 -38.92
N SER E 143 44.95 -23.47 -38.61
CA SER E 143 44.86 -23.00 -37.23
C SER E 143 43.39 -22.89 -36.88
N ALA E 144 43.05 -22.97 -35.59
CA ALA E 144 41.65 -22.87 -35.17
C ALA E 144 41.45 -23.00 -33.67
N HIS E 145 40.92 -21.96 -33.05
CA HIS E 145 40.64 -21.97 -31.61
C HIS E 145 39.84 -20.74 -31.20
N VAL E 146 39.06 -20.87 -30.13
CA VAL E 146 38.23 -19.78 -29.62
C VAL E 146 38.65 -19.40 -28.21
N SER E 147 38.87 -18.13 -27.97
CA SER E 147 39.27 -17.67 -26.65
C SER E 147 38.07 -16.94 -26.04
N GLY E 148 37.38 -17.60 -25.11
CA GLY E 148 36.21 -16.99 -24.50
C GLY E 148 36.24 -16.71 -23.00
N ARG E 149 35.22 -15.97 -22.54
CA ARG E 149 35.10 -15.58 -21.15
C ARG E 149 33.64 -15.22 -20.88
N VAL E 150 33.12 -15.61 -19.73
CA VAL E 150 31.73 -15.31 -19.39
C VAL E 150 31.71 -14.26 -18.29
N VAL E 151 31.26 -13.06 -18.62
CA VAL E 151 31.21 -11.99 -17.64
C VAL E 151 29.84 -11.90 -17.05
N MET E 152 29.73 -11.36 -15.83
CA MET E 152 28.43 -11.24 -15.21
C MET E 152 28.24 -10.00 -14.33
N LYS E 153 27.14 -9.28 -14.55
CA LYS E 153 26.81 -8.11 -13.76
C LYS E 153 25.77 -8.64 -12.79
N SER E 154 26.03 -8.55 -11.49
CA SER E 154 25.07 -9.04 -10.52
C SER E 154 24.39 -7.92 -9.77
N TYR E 155 23.07 -7.94 -9.80
CA TYR E 155 22.29 -6.95 -9.11
C TYR E 155 21.26 -7.74 -8.32
N LEU E 156 21.77 -8.63 -7.47
CA LEU E 156 20.94 -9.46 -6.63
C LEU E 156 21.11 -9.06 -5.16
N SER E 157 20.00 -8.97 -4.45
CA SER E 157 20.02 -8.55 -3.05
C SER E 157 20.50 -9.59 -2.06
N GLY E 158 21.54 -9.23 -1.30
CA GLY E 158 22.08 -10.16 -0.30
C GLY E 158 23.18 -11.08 -0.80
N MET E 159 22.98 -12.38 -0.61
CA MET E 159 23.94 -13.40 -1.03
C MET E 159 23.24 -14.65 -1.50
N PRO E 160 22.42 -14.53 -2.54
CA PRO E 160 21.69 -15.67 -3.08
C PRO E 160 22.63 -16.71 -3.69
N GLU E 161 22.32 -17.97 -3.46
CA GLU E 161 23.12 -19.06 -4.01
C GLU E 161 22.65 -19.27 -5.45
N CYS E 162 23.60 -19.35 -6.38
CA CYS E 162 23.26 -19.54 -7.78
C CYS E 162 23.88 -20.76 -8.43
N LYS E 163 23.19 -21.31 -9.43
CA LYS E 163 23.67 -22.48 -10.16
C LYS E 163 23.63 -22.17 -11.66
N PHE E 164 24.79 -22.04 -12.28
CA PHE E 164 24.91 -21.74 -13.70
C PHE E 164 25.04 -23.04 -14.48
N GLY E 165 24.26 -23.17 -15.54
CA GLY E 165 24.31 -24.37 -16.36
C GLY E 165 24.29 -24.14 -17.86
N MET E 166 25.07 -24.92 -18.59
CA MET E 166 25.11 -24.77 -20.03
C MET E 166 25.02 -26.10 -20.74
N ASN E 167 25.16 -26.03 -22.05
CA ASN E 167 25.16 -27.21 -22.90
C ASN E 167 26.59 -27.74 -22.91
N ASP E 168 26.73 -29.06 -22.75
CA ASP E 168 28.03 -29.74 -22.76
C ASP E 168 27.91 -31.03 -23.59
N ASP E 195 40.38 -26.63 -21.23
CA ASP E 195 40.77 -26.13 -19.92
C ASP E 195 39.95 -24.87 -19.62
N CYS E 196 40.07 -24.36 -18.40
CA CYS E 196 39.33 -23.17 -18.00
C CYS E 196 39.54 -22.85 -16.52
N THR E 197 39.37 -21.58 -16.19
CA THR E 197 39.54 -21.11 -14.82
C THR E 197 38.16 -20.70 -14.29
N PHE E 198 38.06 -20.38 -12.99
CA PHE E 198 36.79 -19.96 -12.40
C PHE E 198 37.01 -18.93 -11.32
N HIS E 199 36.10 -17.97 -11.19
CA HIS E 199 36.22 -16.95 -10.15
C HIS E 199 36.19 -17.66 -8.79
N GLN E 200 37.08 -17.24 -7.89
CA GLN E 200 37.18 -17.83 -6.56
C GLN E 200 35.85 -18.28 -5.96
N CYS E 201 34.88 -17.37 -5.95
CA CYS E 201 33.56 -17.65 -5.37
C CYS E 201 32.84 -18.86 -5.96
N VAL E 202 33.46 -19.55 -6.92
CA VAL E 202 32.83 -20.72 -7.52
C VAL E 202 33.13 -21.99 -6.75
N ARG E 203 32.07 -22.66 -6.28
CA ARG E 203 32.23 -23.91 -5.52
C ARG E 203 32.64 -24.94 -6.57
N LEU E 204 33.67 -25.74 -6.32
CA LEU E 204 34.09 -26.69 -7.35
C LEU E 204 33.35 -28.05 -7.39
N SER E 205 32.66 -28.28 -8.52
CA SER E 205 31.87 -29.51 -8.74
C SER E 205 31.60 -29.80 -10.22
N GLU E 210 30.14 -31.34 -14.12
CA GLU E 210 28.78 -31.77 -13.69
C GLU E 210 27.71 -31.27 -14.69
N ARG E 211 28.17 -30.59 -15.74
CA ARG E 211 27.32 -29.99 -16.76
C ARG E 211 26.77 -28.70 -16.15
N SER E 212 27.35 -28.28 -15.02
CA SER E 212 26.93 -27.07 -14.29
C SER E 212 27.85 -26.71 -13.13
N ILE E 213 27.84 -25.44 -12.71
CA ILE E 213 28.67 -24.98 -11.58
C ILE E 213 27.84 -24.15 -10.59
N SER E 214 28.21 -24.19 -9.31
CA SER E 214 27.49 -23.43 -8.28
C SER E 214 28.36 -22.32 -7.76
N PHE E 215 27.75 -21.35 -7.06
CA PHE E 215 28.51 -20.24 -6.50
C PHE E 215 27.69 -19.13 -5.85
N ILE E 216 28.36 -18.30 -5.07
CA ILE E 216 27.73 -17.16 -4.43
C ILE E 216 28.38 -15.96 -5.09
N PRO E 217 27.66 -15.34 -6.02
CA PRO E 217 28.06 -14.18 -6.82
C PRO E 217 28.47 -12.94 -6.06
N PRO E 218 29.71 -12.48 -6.28
CA PRO E 218 30.18 -11.27 -5.59
C PRO E 218 29.33 -10.19 -6.22
N ASP E 219 29.12 -9.08 -5.52
CA ASP E 219 28.30 -8.01 -6.06
C ASP E 219 29.05 -7.24 -7.16
N GLY E 220 28.33 -6.72 -8.12
CA GLY E 220 28.98 -5.98 -9.18
C GLY E 220 29.25 -6.85 -10.38
N GLU E 221 30.36 -6.59 -11.06
CA GLU E 221 30.72 -7.33 -12.25
C GLU E 221 31.98 -8.13 -12.06
N PHE E 222 32.03 -9.32 -12.63
CA PHE E 222 33.20 -10.18 -12.50
C PHE E 222 33.26 -11.22 -13.60
N GLU E 223 34.43 -11.81 -13.78
CA GLU E 223 34.59 -12.84 -14.79
C GLU E 223 34.28 -14.18 -14.16
N LEU E 224 33.02 -14.61 -14.26
CA LEU E 224 32.60 -15.89 -13.69
C LEU E 224 33.56 -17.00 -14.07
N MET E 225 33.86 -17.09 -15.35
CA MET E 225 34.76 -18.12 -15.80
C MET E 225 35.41 -17.75 -17.11
N ARG E 226 36.45 -18.49 -17.46
CA ARG E 226 37.18 -18.31 -18.69
C ARG E 226 37.32 -19.69 -19.30
N TYR E 227 37.66 -19.76 -20.57
CA TYR E 227 37.82 -21.05 -21.23
C TYR E 227 38.41 -20.87 -22.61
N ARG E 228 38.68 -21.99 -23.27
CA ARG E 228 39.25 -21.99 -24.61
C ARG E 228 38.95 -23.35 -25.25
N THR E 229 38.34 -23.34 -26.43
CA THR E 229 38.03 -24.59 -27.13
C THR E 229 38.65 -24.62 -28.50
N THR E 230 38.68 -25.81 -29.08
CA THR E 230 39.28 -26.01 -30.39
C THR E 230 38.48 -26.99 -31.23
N LYS E 231 37.64 -27.78 -30.58
CA LYS E 231 36.84 -28.76 -31.29
C LYS E 231 35.45 -28.24 -31.66
N ASP E 232 34.96 -28.68 -32.82
CA ASP E 232 33.62 -28.34 -33.30
C ASP E 232 33.29 -26.86 -33.40
N ILE E 233 34.30 -26.02 -33.59
CA ILE E 233 34.06 -24.58 -33.69
C ILE E 233 33.26 -24.19 -34.94
N ILE E 234 32.35 -23.24 -34.77
CA ILE E 234 31.52 -22.76 -35.88
C ILE E 234 32.29 -21.63 -36.53
N LEU E 235 32.52 -21.75 -37.83
CA LEU E 235 33.25 -20.70 -38.54
C LEU E 235 32.23 -19.77 -39.17
N PRO E 236 32.06 -18.56 -38.62
CA PRO E 236 31.10 -17.59 -39.13
C PRO E 236 31.11 -17.50 -40.66
N PHE E 237 32.21 -16.99 -41.21
CA PHE E 237 32.35 -16.84 -42.64
C PHE E 237 33.37 -17.83 -43.19
N ARG E 238 33.29 -18.06 -44.50
CA ARG E 238 34.23 -18.93 -45.21
C ARG E 238 34.68 -18.05 -46.36
N VAL E 239 35.97 -18.04 -46.65
CA VAL E 239 36.43 -17.19 -47.75
C VAL E 239 36.94 -18.00 -48.93
N ILE E 240 36.35 -17.73 -50.10
CA ILE E 240 36.73 -18.39 -51.34
C ILE E 240 37.57 -17.37 -52.13
N PRO E 241 38.91 -17.42 -51.99
CA PRO E 241 39.82 -16.51 -52.68
C PRO E 241 40.26 -17.06 -54.04
N LEU E 242 40.20 -16.22 -55.06
CA LEU E 242 40.62 -16.61 -56.40
C LEU E 242 41.41 -15.50 -57.09
N VAL E 243 42.73 -15.66 -57.12
CA VAL E 243 43.63 -14.69 -57.75
C VAL E 243 44.32 -15.31 -58.96
N ARG E 244 44.22 -14.64 -60.10
CA ARG E 244 44.84 -15.13 -61.32
C ARG E 244 45.82 -14.10 -61.89
N GLU E 245 46.82 -14.60 -62.63
CA GLU E 245 47.84 -13.74 -63.24
C GLU E 245 47.69 -13.68 -64.76
N VAL E 246 47.63 -12.46 -65.28
CA VAL E 246 47.49 -12.23 -66.72
C VAL E 246 48.68 -11.36 -67.19
N GLY E 247 49.80 -12.03 -67.51
CA GLY E 247 51.01 -11.33 -67.93
C GLY E 247 51.72 -10.75 -66.71
N ARG E 248 52.19 -9.52 -66.81
CA ARG E 248 52.85 -8.91 -65.67
C ARG E 248 52.03 -7.74 -65.11
N THR E 249 51.51 -6.89 -66.00
CA THR E 249 50.69 -5.74 -65.57
C THR E 249 49.34 -6.12 -64.96
N LYS E 250 48.76 -7.23 -65.46
CA LYS E 250 47.45 -7.68 -64.98
C LYS E 250 47.52 -8.78 -63.92
N LEU E 251 46.62 -8.62 -62.95
CA LEU E 251 46.46 -9.52 -61.82
C LEU E 251 44.99 -9.44 -61.42
N GLU E 252 44.24 -10.50 -61.75
CA GLU E 252 42.81 -10.55 -61.44
C GLU E 252 42.53 -11.11 -60.03
N VAL E 253 41.46 -10.62 -59.40
CA VAL E 253 41.08 -11.07 -58.07
C VAL E 253 39.57 -11.11 -57.86
N LYS E 254 39.09 -12.25 -57.41
CA LYS E 254 37.67 -12.42 -57.14
C LYS E 254 37.53 -13.19 -55.84
N VAL E 255 37.11 -12.50 -54.78
CA VAL E 255 36.93 -13.12 -53.48
C VAL E 255 35.47 -13.11 -53.12
N VAL E 256 34.99 -14.24 -52.62
CA VAL E 256 33.60 -14.40 -52.22
C VAL E 256 33.54 -14.92 -50.79
N ILE E 257 32.69 -14.30 -49.99
CA ILE E 257 32.52 -14.70 -48.61
C ILE E 257 31.13 -15.30 -48.43
N LYS E 258 31.06 -16.40 -47.68
CA LYS E 258 29.80 -17.05 -47.41
C LYS E 258 29.47 -16.96 -45.91
N SER E 259 28.33 -16.34 -45.59
CA SER E 259 27.92 -16.22 -44.19
C SER E 259 27.44 -17.60 -43.77
N ASN E 260 27.83 -18.02 -42.58
CA ASN E 260 27.47 -19.35 -42.12
C ASN E 260 26.82 -19.37 -40.74
N PHE E 261 25.50 -19.20 -40.72
CA PHE E 261 24.70 -19.24 -39.48
C PHE E 261 23.23 -18.97 -39.78
N LYS E 262 22.36 -19.27 -38.81
CA LYS E 262 20.93 -19.07 -39.00
C LYS E 262 20.69 -17.77 -39.76
N PRO E 263 19.89 -17.83 -40.85
CA PRO E 263 19.58 -16.66 -41.67
C PRO E 263 19.01 -15.51 -40.86
N SER E 264 18.43 -15.83 -39.71
CA SER E 264 17.83 -14.84 -38.85
C SER E 264 18.82 -13.90 -38.15
N LEU E 265 20.04 -14.37 -37.95
CA LEU E 265 21.06 -13.56 -37.27
C LEU E 265 21.93 -12.77 -38.23
N LEU E 266 22.21 -11.52 -37.88
CA LEU E 266 23.02 -10.68 -38.75
C LEU E 266 24.34 -10.32 -38.10
N ALA E 267 25.44 -10.60 -38.78
CA ALA E 267 26.74 -10.25 -38.25
C ALA E 267 27.01 -8.83 -38.75
N GLN E 268 27.43 -7.95 -37.87
CA GLN E 268 27.71 -6.59 -38.30
C GLN E 268 29.19 -6.23 -38.20
N LYS E 269 29.51 -4.98 -38.50
CA LYS E 269 30.89 -4.49 -38.46
C LYS E 269 31.77 -5.53 -39.13
N ILE E 270 31.64 -5.68 -40.44
CA ILE E 270 32.44 -6.65 -41.17
C ILE E 270 33.56 -5.93 -41.90
N GLU E 271 34.73 -6.55 -41.95
CA GLU E 271 35.88 -5.97 -42.62
C GLU E 271 36.72 -7.04 -43.30
N VAL E 272 36.98 -6.83 -44.59
CA VAL E 272 37.78 -7.76 -45.36
C VAL E 272 39.03 -7.02 -45.83
N ARG E 273 40.18 -7.67 -45.66
CA ARG E 273 41.45 -7.05 -46.06
C ARG E 273 42.17 -7.92 -47.09
N ILE E 274 42.21 -7.44 -48.32
CA ILE E 274 42.88 -8.15 -49.42
C ILE E 274 44.21 -7.44 -49.74
N PRO E 275 45.35 -8.14 -49.53
CA PRO E 275 46.72 -7.67 -49.76
C PRO E 275 47.18 -7.53 -51.23
N THR E 276 47.54 -6.31 -51.63
CA THR E 276 47.98 -6.08 -53.00
C THR E 276 49.50 -6.14 -53.09
N PRO E 277 50.05 -6.57 -54.25
CA PRO E 277 51.51 -6.63 -54.38
C PRO E 277 52.10 -5.24 -54.10
N LEU E 278 53.43 -5.17 -53.97
CA LEU E 278 54.09 -3.90 -53.70
C LEU E 278 54.19 -3.07 -54.99
N ASN E 279 54.39 -3.78 -56.11
CA ASN E 279 54.53 -3.18 -57.45
C ASN E 279 53.18 -2.75 -58.06
N THR E 280 52.18 -2.55 -57.20
CA THR E 280 50.86 -2.14 -57.63
C THR E 280 50.93 -0.72 -58.22
N SER E 281 50.46 -0.57 -59.45
CA SER E 281 50.45 0.72 -60.11
C SER E 281 49.04 1.34 -60.07
N GLY E 282 48.03 0.50 -60.32
CA GLY E 282 46.65 0.95 -60.30
C GLY E 282 45.72 -0.20 -59.95
N VAL E 283 44.67 0.07 -59.18
CA VAL E 283 43.72 -0.98 -58.82
C VAL E 283 42.27 -0.57 -58.99
N GLN E 284 41.47 -1.44 -59.62
CA GLN E 284 40.06 -1.20 -59.86
C GLN E 284 39.23 -2.25 -59.14
N VAL E 285 38.30 -1.80 -58.29
CA VAL E 285 37.44 -2.72 -57.54
C VAL E 285 35.95 -2.62 -57.88
N ILE E 286 35.26 -3.74 -57.66
CA ILE E 286 33.84 -3.84 -57.91
C ILE E 286 33.18 -4.68 -56.82
N CYS E 287 32.09 -4.17 -56.26
CA CYS E 287 31.36 -4.85 -55.20
C CYS E 287 29.93 -4.34 -55.19
N MET E 288 28.97 -5.25 -55.14
CA MET E 288 27.57 -4.86 -55.14
C MET E 288 27.11 -4.46 -53.75
N LYS E 289 27.72 -5.04 -52.73
CA LYS E 289 27.36 -4.78 -51.34
C LYS E 289 28.45 -4.09 -50.56
N GLY E 290 28.05 -3.20 -49.66
CA GLY E 290 29.02 -2.46 -48.85
C GLY E 290 29.88 -1.56 -49.73
N LYS E 291 31.06 -1.18 -49.23
CA LYS E 291 31.99 -0.31 -49.98
C LYS E 291 33.42 -0.81 -49.78
N ALA E 292 34.27 -0.63 -50.79
CA ALA E 292 35.66 -1.07 -50.71
C ALA E 292 36.65 -0.10 -51.35
N LYS E 293 37.62 0.34 -50.55
CA LYS E 293 38.66 1.28 -51.00
C LYS E 293 40.01 0.54 -51.08
N TYR E 294 40.95 1.12 -51.82
CA TYR E 294 42.29 0.54 -51.92
C TYR E 294 43.27 1.45 -51.22
N LYS E 295 43.49 1.21 -49.93
CA LYS E 295 44.43 2.01 -49.19
C LYS E 295 45.81 1.44 -49.54
N ALA E 296 46.50 2.12 -50.46
CA ALA E 296 47.84 1.71 -50.91
C ALA E 296 48.86 1.89 -49.79
N SER E 297 48.60 2.88 -48.94
CA SER E 297 49.46 3.19 -47.80
C SER E 297 49.63 1.93 -46.96
N GLU E 298 48.77 0.93 -47.21
CA GLU E 298 48.79 -0.34 -46.48
C GLU E 298 48.92 -1.53 -47.43
N ASN E 299 48.99 -1.24 -48.73
CA ASN E 299 49.11 -2.29 -49.75
C ASN E 299 48.02 -3.36 -49.58
N ALA E 300 46.77 -2.89 -49.57
CA ALA E 300 45.64 -3.78 -49.40
C ALA E 300 44.35 -3.03 -49.68
N ILE E 301 43.33 -3.78 -50.12
CA ILE E 301 42.03 -3.20 -50.40
C ILE E 301 41.16 -3.52 -49.18
N VAL E 302 40.53 -2.48 -48.65
CA VAL E 302 39.69 -2.65 -47.46
C VAL E 302 38.23 -2.69 -47.90
N TRP E 303 37.53 -3.77 -47.54
CA TRP E 303 36.12 -3.91 -47.89
C TRP E 303 35.29 -3.86 -46.61
N LYS E 304 34.44 -2.85 -46.50
CA LYS E 304 33.62 -2.71 -45.31
C LYS E 304 32.14 -2.93 -45.62
N ILE E 305 31.50 -3.83 -44.87
CA ILE E 305 30.10 -4.15 -45.06
C ILE E 305 29.27 -3.91 -43.81
N LYS E 306 28.36 -2.94 -43.88
CA LYS E 306 27.51 -2.58 -42.75
C LYS E 306 27.07 -3.77 -41.89
N ARG E 307 26.49 -4.78 -42.52
CA ARG E 307 26.03 -5.98 -41.82
C ARG E 307 25.64 -7.05 -42.83
N MET E 308 25.59 -8.30 -42.41
CA MET E 308 25.24 -9.37 -43.33
C MET E 308 24.47 -10.49 -42.67
N ALA E 309 23.40 -10.91 -43.32
CA ALA E 309 22.56 -11.97 -42.79
C ALA E 309 23.26 -13.31 -42.84
N GLY E 310 22.54 -14.34 -42.41
CA GLY E 310 23.09 -15.69 -42.41
C GLY E 310 22.85 -16.36 -43.75
N MET E 311 23.49 -17.50 -43.97
CA MET E 311 23.34 -18.23 -45.22
C MET E 311 23.18 -17.28 -46.39
N LYS E 312 24.29 -16.66 -46.79
CA LYS E 312 24.30 -15.71 -47.89
C LYS E 312 25.72 -15.57 -48.37
N GLU E 313 25.88 -15.09 -49.61
CA GLU E 313 27.21 -14.91 -50.15
C GLU E 313 27.29 -13.51 -50.68
N SER E 314 28.50 -12.99 -50.79
CA SER E 314 28.73 -11.66 -51.31
C SER E 314 30.06 -11.73 -52.03
N GLN E 315 30.22 -10.91 -53.06
CA GLN E 315 31.43 -10.94 -53.85
C GLN E 315 32.05 -9.57 -54.07
N ILE E 316 33.36 -9.57 -54.24
CA ILE E 316 34.10 -8.37 -54.52
C ILE E 316 35.19 -8.83 -55.47
N SER E 317 35.37 -8.08 -56.55
CA SER E 317 36.38 -8.41 -57.55
C SER E 317 37.18 -7.15 -57.91
N ALA E 318 38.42 -7.33 -58.34
CA ALA E 318 39.25 -6.19 -58.70
C ALA E 318 40.42 -6.56 -59.59
N GLU E 319 40.80 -5.63 -60.46
CA GLU E 319 41.94 -5.83 -61.34
C GLU E 319 43.09 -4.97 -60.83
N ILE E 320 44.26 -5.60 -60.63
CA ILE E 320 45.45 -4.93 -60.13
C ILE E 320 46.51 -4.75 -61.22
N GLU E 321 46.90 -3.49 -61.44
CA GLU E 321 47.93 -3.14 -62.42
C GLU E 321 49.31 -3.26 -61.75
N LEU E 322 50.27 -3.80 -62.48
CA LEU E 322 51.61 -3.98 -61.93
C LEU E 322 52.70 -3.37 -62.83
N LEU E 323 53.66 -2.71 -62.18
CA LEU E 323 54.81 -2.10 -62.88
C LEU E 323 55.86 -3.21 -62.93
N PRO E 324 56.52 -3.39 -64.09
CA PRO E 324 57.54 -4.43 -64.27
C PRO E 324 58.53 -4.60 -63.11
N THR E 325 58.69 -5.83 -62.61
CA THR E 325 59.64 -6.03 -61.53
C THR E 325 60.51 -7.26 -61.77
N ASN E 326 61.77 -7.10 -61.37
CA ASN E 326 62.76 -8.15 -61.51
C ASN E 326 62.71 -9.08 -60.30
N LYS E 330 58.52 -15.36 -55.92
CA LYS E 330 57.38 -14.57 -56.34
C LYS E 330 56.83 -13.71 -55.22
N TRP E 331 55.75 -13.00 -55.48
CA TRP E 331 55.13 -12.13 -54.48
C TRP E 331 54.36 -12.95 -53.45
N ALA E 332 55.03 -13.29 -52.36
CA ALA E 332 54.40 -14.06 -51.28
C ALA E 332 53.14 -13.29 -50.99
N ARG E 333 52.02 -13.99 -51.07
CA ARG E 333 50.73 -13.37 -50.83
C ARG E 333 50.26 -13.44 -49.36
N PRO E 334 50.25 -12.27 -48.66
CA PRO E 334 49.82 -12.23 -47.26
C PRO E 334 48.37 -12.73 -47.23
N PRO E 335 48.01 -13.60 -46.27
CA PRO E 335 46.63 -14.09 -46.24
C PRO E 335 45.59 -12.96 -46.14
N ILE E 336 44.38 -13.24 -46.60
CA ILE E 336 43.30 -12.27 -46.57
C ILE E 336 42.66 -12.27 -45.18
N SER E 337 42.85 -11.16 -44.46
CA SER E 337 42.31 -11.02 -43.11
C SER E 337 40.83 -10.66 -43.15
N MET E 338 40.15 -10.85 -42.02
CA MET E 338 38.73 -10.56 -41.92
C MET E 338 38.35 -10.24 -40.49
N ASN E 339 37.54 -9.21 -40.32
CA ASN E 339 37.08 -8.81 -38.98
C ASN E 339 35.56 -8.69 -38.99
N PHE E 340 34.93 -9.00 -37.86
CA PHE E 340 33.49 -8.93 -37.77
C PHE E 340 32.95 -8.97 -36.35
N GLU E 341 31.71 -9.43 -36.21
CA GLU E 341 31.05 -9.55 -34.92
C GLU E 341 29.72 -10.27 -35.14
N VAL E 342 29.60 -11.45 -34.56
CA VAL E 342 28.38 -12.21 -34.72
C VAL E 342 27.70 -12.39 -33.38
N PRO E 343 26.38 -12.21 -33.36
CA PRO E 343 25.54 -12.34 -32.17
C PRO E 343 25.37 -13.74 -31.59
N PHE E 344 26.39 -14.57 -31.70
CA PHE E 344 26.28 -15.92 -31.16
C PHE E 344 27.62 -16.45 -30.67
N ALA E 345 27.60 -17.60 -30.00
CA ALA E 345 28.80 -18.22 -29.47
C ALA E 345 29.52 -19.07 -30.50
N PRO E 346 30.58 -18.54 -31.12
CA PRO E 346 31.33 -19.29 -32.13
C PRO E 346 31.80 -20.68 -31.69
N SER E 347 31.80 -20.91 -30.38
CA SER E 347 32.22 -22.20 -29.85
C SER E 347 31.07 -23.18 -29.80
N GLY E 348 29.85 -22.67 -29.83
CA GLY E 348 28.69 -23.54 -29.75
C GLY E 348 28.10 -23.52 -28.36
N LEU E 349 28.78 -22.81 -27.46
CA LEU E 349 28.34 -22.69 -26.08
C LEU E 349 27.07 -21.87 -26.03
N LYS E 350 26.09 -22.38 -25.30
CA LYS E 350 24.82 -21.69 -25.15
C LYS E 350 24.45 -21.78 -23.66
N VAL E 351 23.94 -20.70 -23.08
CA VAL E 351 23.55 -20.72 -21.68
C VAL E 351 22.17 -21.31 -21.52
N ARG E 352 22.08 -22.35 -20.69
CA ARG E 352 20.81 -23.02 -20.47
C ARG E 352 19.99 -22.47 -19.31
N TYR E 353 20.67 -21.98 -18.28
CA TYR E 353 19.95 -21.45 -17.13
C TYR E 353 20.87 -20.92 -16.03
N LEU E 354 20.34 -20.04 -15.21
CA LEU E 354 21.09 -19.47 -14.10
C LEU E 354 20.15 -19.32 -12.91
N LYS E 355 20.04 -20.39 -12.14
CA LYS E 355 19.19 -20.42 -10.96
C LYS E 355 19.72 -19.50 -9.88
N VAL E 356 18.82 -18.78 -9.23
CA VAL E 356 19.16 -17.84 -8.17
C VAL E 356 18.27 -18.10 -6.98
N PHE E 357 18.87 -18.24 -5.80
CA PHE E 357 18.08 -18.49 -4.60
C PHE E 357 18.63 -17.81 -3.34
N GLU E 358 17.79 -17.03 -2.69
CA GLU E 358 18.19 -16.33 -1.47
C GLU E 358 17.49 -16.92 -0.27
N PRO E 359 18.34 -17.50 0.58
CA PRO E 359 17.83 -18.27 1.72
C PRO E 359 17.19 -17.37 2.76
N LYS E 360 17.96 -16.36 3.14
CA LYS E 360 17.60 -15.32 4.11
C LYS E 360 16.37 -14.57 3.61
N LEU E 361 16.53 -13.83 2.53
CA LEU E 361 15.41 -13.10 1.94
C LEU E 361 14.40 -14.11 1.44
N ASN E 362 13.36 -13.64 0.77
CA ASN E 362 12.32 -14.52 0.23
C ASN E 362 12.39 -14.92 -1.26
N TYR E 363 13.08 -14.13 -2.08
CA TYR E 363 13.07 -14.36 -3.52
C TYR E 363 13.74 -15.60 -4.08
N SER E 364 13.12 -16.11 -5.15
CA SER E 364 13.54 -17.28 -5.89
C SER E 364 13.61 -16.79 -7.34
N ASP E 365 13.99 -17.67 -8.25
CA ASP E 365 14.08 -17.31 -9.65
C ASP E 365 12.92 -16.45 -10.11
N HIS E 366 11.72 -16.91 -9.83
CA HIS E 366 10.53 -16.19 -10.25
C HIS E 366 10.60 -14.68 -10.03
N ASP E 367 11.39 -14.25 -9.05
CA ASP E 367 11.50 -12.84 -8.74
C ASP E 367 12.66 -12.15 -9.43
N VAL E 368 13.53 -12.92 -10.07
CA VAL E 368 14.70 -12.36 -10.74
C VAL E 368 14.55 -12.18 -12.24
N ILE E 369 15.06 -11.06 -12.73
CA ILE E 369 15.02 -10.71 -14.16
C ILE E 369 16.37 -11.08 -14.72
N LYS E 370 16.41 -12.01 -15.67
CA LYS E 370 17.67 -12.45 -16.23
C LYS E 370 17.91 -12.06 -17.69
N TRP E 371 19.04 -11.42 -17.95
CA TRP E 371 19.39 -10.96 -19.29
C TRP E 371 20.66 -11.61 -19.82
N VAL E 372 20.63 -12.15 -21.02
CA VAL E 372 21.81 -12.78 -21.61
C VAL E 372 22.19 -12.04 -22.89
N ARG E 373 23.35 -12.38 -23.46
CA ARG E 373 23.81 -11.76 -24.69
C ARG E 373 25.11 -12.35 -25.16
N TYR E 374 25.14 -12.90 -26.37
CA TYR E 374 26.37 -13.46 -26.89
C TYR E 374 26.99 -12.47 -27.84
N ILE E 375 28.29 -12.25 -27.72
CA ILE E 375 28.97 -11.32 -28.59
C ILE E 375 30.27 -11.91 -29.09
N GLY E 376 30.16 -12.68 -30.16
CA GLY E 376 31.34 -13.31 -30.75
C GLY E 376 32.02 -12.39 -31.72
N ARG E 377 33.26 -12.01 -31.40
CA ARG E 377 34.07 -11.14 -32.24
C ARG E 377 35.11 -11.96 -32.99
N SER E 378 35.93 -11.32 -33.82
CA SER E 378 36.94 -12.07 -34.56
C SER E 378 38.33 -11.51 -34.31
N GLY E 379 39.28 -12.42 -34.17
CA GLY E 379 40.66 -12.01 -33.95
C GLY E 379 41.49 -12.30 -35.20
N ILE E 380 42.37 -13.29 -35.11
CA ILE E 380 43.20 -13.68 -36.24
C ILE E 380 42.38 -14.59 -37.15
N TYR E 381 41.57 -13.98 -38.01
CA TYR E 381 40.73 -14.72 -38.95
C TYR E 381 41.27 -14.42 -40.35
N GLU E 382 42.13 -15.31 -40.84
CA GLU E 382 42.74 -15.13 -42.15
C GLU E 382 42.66 -16.37 -43.06
N THR E 383 42.43 -16.11 -44.35
CA THR E 383 42.36 -17.20 -45.31
C THR E 383 43.53 -17.10 -46.28
N ARG E 384 44.28 -18.19 -46.42
CA ARG E 384 45.43 -18.26 -47.32
C ARG E 384 44.99 -17.85 -48.70
N CYS E 385 45.63 -16.81 -49.24
CA CYS E 385 45.32 -16.31 -50.56
C CYS E 385 45.42 -17.41 -51.64
N MET F 7 31.61 -18.92 40.76
CA MET F 7 30.21 -18.92 41.29
C MET F 7 29.26 -18.91 40.09
N ASP F 8 27.96 -19.05 40.33
CA ASP F 8 26.94 -19.06 39.25
C ASP F 8 26.55 -17.63 38.85
N MET F 9 26.12 -17.46 37.59
CA MET F 9 25.71 -16.14 37.08
C MET F 9 24.58 -15.54 37.90
N ALA F 10 23.55 -16.35 38.15
CA ALA F 10 22.39 -15.93 38.93
C ALA F 10 22.78 -15.30 40.27
N SER F 11 23.66 -15.97 41.00
CA SER F 11 24.11 -15.46 42.30
C SER F 11 24.88 -14.14 42.16
N VAL F 12 25.72 -14.05 41.13
CA VAL F 12 26.51 -12.86 40.88
C VAL F 12 25.63 -11.63 40.81
N THR F 13 24.66 -11.66 39.90
CA THR F 13 23.73 -10.56 39.72
C THR F 13 23.02 -10.26 41.03
N LYS F 14 22.56 -11.32 41.69
CA LYS F 14 21.87 -11.21 42.96
C LYS F 14 22.71 -10.41 43.94
N ALA F 15 24.01 -10.31 43.66
CA ALA F 15 24.94 -9.56 44.51
C ALA F 15 24.69 -8.07 44.36
N MET F 16 24.63 -7.62 43.10
CA MET F 16 24.40 -6.21 42.80
C MET F 16 23.03 -5.86 43.38
N ALA F 17 22.15 -6.85 43.34
CA ALA F 17 20.78 -6.72 43.83
C ALA F 17 20.67 -6.04 45.21
N ALA F 18 21.38 -6.57 46.21
CA ALA F 18 21.36 -6.00 47.55
C ALA F 18 21.45 -4.49 47.41
N PRO F 19 20.47 -3.75 47.98
CA PRO F 19 20.44 -2.28 47.90
C PRO F 19 21.71 -1.62 48.46
N GLU F 20 22.47 -2.38 49.24
CA GLU F 20 23.71 -1.90 49.85
C GLU F 20 24.92 -2.11 48.94
N SER F 21 24.83 -3.09 48.04
CA SER F 21 25.91 -3.38 47.09
C SER F 21 26.43 -2.12 46.38
N GLY F 22 27.57 -2.24 45.70
CA GLY F 22 28.16 -1.11 45.00
C GLY F 22 27.31 -0.46 43.92
N LEU F 23 26.88 -1.29 42.97
CA LEU F 23 26.06 -0.83 41.83
C LEU F 23 24.93 0.15 42.15
N GLU F 24 24.96 1.32 41.51
CA GLU F 24 23.91 2.32 41.72
C GLU F 24 22.72 1.96 40.85
N VAL F 25 21.54 1.91 41.47
CA VAL F 25 20.32 1.58 40.75
C VAL F 25 19.17 2.49 41.18
N ARG F 26 18.74 3.37 40.28
CA ARG F 26 17.68 4.30 40.59
C ARG F 26 16.71 4.49 39.42
N ASP F 27 15.60 5.19 39.68
CA ASP F 27 14.60 5.47 38.67
C ASP F 27 15.14 6.55 37.74
N ARG F 28 15.30 6.23 36.47
CA ARG F 28 15.80 7.18 35.50
C ARG F 28 14.66 7.59 34.58
N MET F 29 14.75 8.78 33.99
CA MET F 29 13.71 9.25 33.10
C MET F 29 14.18 9.49 31.68
N TRP F 30 13.63 8.72 30.74
CA TRP F 30 13.99 8.83 29.32
C TRP F 30 12.77 9.28 28.52
N LEU F 31 12.92 10.37 27.77
CA LEU F 31 11.81 10.90 27.00
C LEU F 31 10.72 11.24 28.00
N LYS F 32 9.47 10.86 27.71
CA LYS F 32 8.39 11.15 28.64
C LYS F 32 8.40 10.09 29.75
N ILE F 33 8.68 8.85 29.37
CA ILE F 33 8.73 7.71 30.29
C ILE F 33 9.68 7.90 31.49
N THR F 34 9.61 6.97 32.43
CA THR F 34 10.42 6.98 33.63
C THR F 34 10.77 5.55 33.99
N ILE F 35 11.94 5.08 33.57
CA ILE F 35 12.34 3.70 33.84
C ILE F 35 12.60 3.45 35.30
N PRO F 36 11.96 2.43 35.88
CA PRO F 36 12.08 2.03 37.29
C PRO F 36 13.33 1.22 37.59
N ASN F 37 14.00 1.57 38.70
CA ASN F 37 15.19 0.88 39.16
C ASN F 37 16.06 0.41 37.98
N ALA F 38 16.71 1.38 37.37
CA ALA F 38 17.58 1.13 36.23
C ALA F 38 18.99 1.61 36.53
N PHE F 39 19.96 0.99 35.87
CA PHE F 39 21.35 1.34 36.06
C PHE F 39 22.07 1.44 34.73
N LEU F 40 23.18 2.17 34.70
CA LEU F 40 23.92 2.31 33.45
C LEU F 40 24.74 1.06 33.12
N GLY F 41 24.82 0.74 31.84
CA GLY F 41 25.56 -0.43 31.38
C GLY F 41 27.05 -0.39 31.70
N SER F 42 27.52 0.78 32.12
CA SER F 42 28.93 0.98 32.48
C SER F 42 29.15 0.53 33.93
N ASP F 43 28.40 1.15 34.84
CA ASP F 43 28.49 0.84 36.26
C ASP F 43 28.45 -0.65 36.50
N VAL F 44 27.90 -1.40 35.54
CA VAL F 44 27.81 -2.85 35.64
C VAL F 44 29.17 -3.48 35.40
N VAL F 45 29.89 -2.99 34.40
CA VAL F 45 31.23 -3.52 34.10
C VAL F 45 32.16 -3.08 35.25
N ASP F 46 31.92 -1.88 35.79
CA ASP F 46 32.71 -1.37 36.91
C ASP F 46 32.57 -2.35 38.06
N TRP F 47 31.40 -2.31 38.71
CA TRP F 47 31.09 -3.18 39.84
C TRP F 47 31.40 -4.65 39.53
N LEU F 48 31.32 -5.00 38.25
CA LEU F 48 31.58 -6.36 37.79
C LEU F 48 33.02 -6.73 38.01
N TYR F 49 33.94 -5.80 37.72
CA TYR F 49 35.35 -6.10 37.94
C TYR F 49 35.80 -5.72 39.35
N HIS F 50 35.42 -4.52 39.78
CA HIS F 50 35.80 -4.00 41.10
C HIS F 50 35.54 -4.98 42.25
N HIS F 51 34.30 -5.46 42.35
CA HIS F 51 33.90 -6.32 43.45
C HIS F 51 33.90 -7.80 43.06
N VAL F 52 33.79 -8.08 41.76
CA VAL F 52 33.74 -9.47 41.31
C VAL F 52 35.14 -9.91 40.91
N GLU F 53 35.66 -10.91 41.62
CA GLU F 53 37.00 -11.40 41.33
C GLU F 53 37.02 -12.64 40.41
N GLY F 54 38.10 -12.73 39.64
CA GLY F 54 38.28 -13.81 38.69
C GLY F 54 38.39 -13.15 37.33
N PHE F 55 38.47 -11.83 37.36
CA PHE F 55 38.57 -10.99 36.15
C PHE F 55 39.98 -10.41 35.93
N PRO F 56 40.59 -10.77 34.81
CA PRO F 56 41.92 -10.29 34.47
C PRO F 56 41.92 -8.79 34.15
N GLU F 57 41.09 -8.38 33.21
CA GLU F 57 40.99 -6.98 32.82
C GLU F 57 39.53 -6.54 32.75
N ARG F 58 39.33 -5.22 32.63
CA ARG F 58 37.97 -4.67 32.56
C ARG F 58 37.34 -5.07 31.23
N ARG F 59 38.16 -5.65 30.35
CA ARG F 59 37.71 -6.11 29.05
C ARG F 59 37.03 -7.46 29.23
N GLU F 60 37.31 -8.09 30.38
CA GLU F 60 36.70 -9.37 30.69
C GLU F 60 35.46 -9.19 31.55
N ALA F 61 35.44 -8.12 32.33
CA ALA F 61 34.32 -7.79 33.19
C ALA F 61 33.13 -7.37 32.31
N ARG F 62 33.45 -6.89 31.11
CA ARG F 62 32.45 -6.43 30.15
C ARG F 62 31.94 -7.64 29.34
N LYS F 63 32.85 -8.57 29.03
CA LYS F 63 32.47 -9.78 28.27
C LYS F 63 31.46 -10.57 29.09
N TYR F 64 31.62 -10.52 30.40
CA TYR F 64 30.71 -11.22 31.30
C TYR F 64 29.38 -10.49 31.33
N ALA F 65 29.44 -9.17 31.46
CA ALA F 65 28.21 -8.36 31.49
C ALA F 65 27.39 -8.70 30.25
N SER F 66 28.05 -8.81 29.11
CA SER F 66 27.37 -9.13 27.86
C SER F 66 26.74 -10.53 27.97
N GLY F 67 27.36 -11.38 28.79
CA GLY F 67 26.83 -12.72 28.99
C GLY F 67 25.54 -12.69 29.78
N LEU F 68 25.48 -11.79 30.76
CA LEU F 68 24.29 -11.64 31.60
C LEU F 68 23.13 -11.08 30.77
N LEU F 69 23.45 -10.29 29.74
CA LEU F 69 22.42 -9.71 28.88
C LEU F 69 21.80 -10.81 28.03
N LYS F 70 22.63 -11.69 27.47
CA LYS F 70 22.10 -12.77 26.67
C LYS F 70 21.45 -13.79 27.63
N ALA F 71 21.97 -13.82 28.86
CA ALA F 71 21.49 -14.73 29.92
C ALA F 71 20.09 -14.37 30.41
N GLY F 72 19.79 -13.08 30.41
CA GLY F 72 18.48 -12.65 30.87
C GLY F 72 18.51 -12.01 32.24
N LEU F 73 19.53 -12.33 33.02
CA LEU F 73 19.66 -11.77 34.37
C LEU F 73 19.57 -10.24 34.31
N ILE F 74 19.89 -9.69 33.13
CA ILE F 74 19.86 -8.25 32.92
C ILE F 74 19.17 -7.97 31.58
N ARG F 75 18.08 -7.20 31.63
CA ARG F 75 17.32 -6.90 30.42
C ARG F 75 17.61 -5.52 29.86
N HIS F 76 17.59 -5.44 28.55
CA HIS F 76 17.84 -4.21 27.84
C HIS F 76 16.62 -3.30 27.91
N THR F 77 16.79 -2.09 28.43
CA THR F 77 15.70 -1.12 28.56
C THR F 77 14.89 -0.98 27.28
N VAL F 78 15.57 -0.73 26.18
CA VAL F 78 14.89 -0.59 24.90
C VAL F 78 15.48 -1.60 23.93
N ASN F 79 14.60 -2.32 23.24
CA ASN F 79 14.99 -3.34 22.28
C ASN F 79 16.33 -3.16 21.57
N LYS F 80 17.32 -3.96 21.96
CA LYS F 80 18.64 -3.91 21.36
C LYS F 80 19.29 -5.25 21.65
N ILE F 81 19.92 -5.80 20.61
CA ILE F 81 20.55 -7.11 20.71
C ILE F 81 21.95 -7.10 21.35
N THR F 82 22.81 -6.22 20.84
CA THR F 82 24.18 -6.08 21.31
C THR F 82 24.25 -5.38 22.68
N PHE F 83 25.17 -5.82 23.53
CA PHE F 83 25.33 -5.20 24.85
C PHE F 83 26.11 -3.87 24.80
N SER F 84 25.40 -2.76 24.88
CA SER F 84 26.05 -1.45 24.86
C SER F 84 26.43 -1.12 26.28
N GLU F 85 27.23 -0.09 26.47
CA GLU F 85 27.62 0.27 27.82
C GLU F 85 27.11 1.67 28.17
N GLN F 86 26.57 2.37 27.17
CA GLN F 86 26.07 3.72 27.39
C GLN F 86 24.56 3.79 27.38
N CYS F 87 23.91 2.70 27.78
CA CYS F 87 22.46 2.62 27.83
C CYS F 87 22.01 1.95 29.13
N TYR F 88 20.85 2.36 29.65
CA TYR F 88 20.32 1.82 30.89
C TYR F 88 19.82 0.38 30.79
N TYR F 89 19.79 -0.30 31.93
CA TYR F 89 19.32 -1.69 32.00
C TYR F 89 18.49 -1.91 33.28
N VAL F 90 17.70 -2.97 33.30
CA VAL F 90 16.90 -3.31 34.46
C VAL F 90 17.01 -4.81 34.68
N PHE F 91 16.96 -5.24 35.94
CA PHE F 91 17.09 -6.64 36.28
C PHE F 91 16.03 -7.56 35.68
N GLY F 92 16.34 -8.85 35.64
CA GLY F 92 15.41 -9.85 35.14
C GLY F 92 14.90 -10.66 36.32
N ASP F 93 14.35 -11.84 36.07
CA ASP F 93 13.84 -12.68 37.15
C ASP F 93 15.01 -13.37 37.84
N LEU F 94 15.41 -12.84 39.00
CA LEU F 94 16.52 -13.42 39.73
C LEU F 94 16.08 -14.61 40.61
N SER F 95 14.77 -14.79 40.76
CA SER F 95 14.25 -15.91 41.55
C SER F 95 14.23 -17.19 40.70
N GLY F 96 13.50 -18.20 41.15
CA GLY F 96 13.40 -19.46 40.40
C GLY F 96 12.57 -19.35 39.12
N PRO F 105 -1.96 -18.01 26.51
CA PRO F 105 -3.32 -17.49 26.88
C PRO F 105 -3.76 -16.40 25.90
N PRO F 106 -4.52 -16.77 24.84
CA PRO F 106 -4.96 -15.72 23.88
C PRO F 106 -5.54 -14.49 24.58
N PRO F 107 -4.91 -13.31 24.39
CA PRO F 107 -5.26 -12.01 24.96
C PRO F 107 -6.60 -11.43 24.56
N TYR F 108 -7.10 -10.52 25.39
CA TYR F 108 -8.38 -9.85 25.14
C TYR F 108 -8.12 -8.68 24.23
N HIS F 109 -9.11 -7.82 24.10
CA HIS F 109 -9.03 -6.64 23.25
C HIS F 109 -10.14 -5.67 23.59
N GLU F 110 -9.85 -4.38 23.50
CA GLU F 110 -10.84 -3.37 23.78
C GLU F 110 -11.93 -3.45 22.72
N LEU F 111 -13.18 -3.50 23.16
CA LEU F 111 -14.29 -3.59 22.22
C LEU F 111 -14.52 -2.28 21.49
N GLU F 112 -14.35 -2.31 20.18
CA GLU F 112 -14.57 -1.14 19.34
C GLU F 112 -15.70 -1.45 18.37
N PHE F 113 -16.11 -0.46 17.58
CA PHE F 113 -17.18 -0.71 16.63
C PHE F 113 -16.57 -1.30 15.37
N GLY F 114 -16.28 -2.61 15.40
CA GLY F 114 -15.50 -3.17 14.31
C GLY F 114 -14.08 -2.59 14.31
N GLY F 115 -13.33 -2.87 15.37
CA GLY F 115 -11.96 -2.36 15.47
C GLY F 115 -11.12 -3.09 16.49
N SER F 116 -9.81 -3.00 16.32
CA SER F 116 -8.84 -3.67 17.21
C SER F 116 -8.40 -2.75 18.37
N GLY F 117 -9.10 -2.84 19.48
CA GLY F 117 -8.77 -2.08 20.68
C GLY F 117 -7.52 -2.66 21.30
N GLY F 118 -6.67 -1.81 21.87
CA GLY F 118 -5.41 -2.27 22.42
C GLY F 118 -5.53 -3.48 23.33
N SER F 119 -4.58 -4.41 23.25
CA SER F 119 -4.60 -5.58 24.13
C SER F 119 -4.84 -5.17 25.58
N ARG F 120 -5.51 -6.02 26.35
CA ARG F 120 -5.80 -5.72 27.74
C ARG F 120 -4.56 -5.89 28.62
N ASN F 121 -4.33 -4.91 29.49
CA ASN F 121 -3.18 -4.95 30.39
C ASN F 121 -3.48 -4.25 31.72
N GLU F 122 -4.32 -4.88 32.53
CA GLU F 122 -4.70 -4.31 33.82
C GLU F 122 -4.20 -5.18 34.98
N LEU F 123 -4.43 -4.71 36.20
CA LEU F 123 -4.02 -5.43 37.40
C LEU F 123 -4.93 -5.10 38.55
N PHE F 124 -5.02 -5.98 39.53
CA PHE F 124 -5.88 -5.73 40.67
C PHE F 124 -5.12 -5.85 41.97
N LEU F 125 -5.29 -4.86 42.84
CA LEU F 125 -4.64 -4.84 44.13
C LEU F 125 -5.65 -4.94 45.24
N ASP F 126 -5.48 -5.95 46.09
CA ASP F 126 -6.39 -6.13 47.21
C ASP F 126 -5.61 -6.08 48.52
N VAL F 127 -6.05 -5.20 49.41
CA VAL F 127 -5.44 -5.04 50.73
C VAL F 127 -6.42 -5.65 51.73
N LEU F 128 -6.09 -6.83 52.24
CA LEU F 128 -6.94 -7.55 53.19
C LEU F 128 -6.40 -7.60 54.63
N GLU F 129 -6.92 -6.74 55.50
CA GLU F 129 -6.47 -6.73 56.89
C GLU F 129 -7.59 -7.21 57.79
N SER F 130 -7.21 -7.67 58.98
CA SER F 130 -8.17 -8.13 59.98
C SER F 130 -7.78 -7.52 61.32
N VAL F 131 -8.67 -6.72 61.90
CA VAL F 131 -8.38 -6.08 63.18
C VAL F 131 -8.82 -6.95 64.36
N ASN F 132 -7.96 -6.98 65.38
CA ASN F 132 -8.22 -7.74 66.60
C ASN F 132 -8.00 -6.84 67.81
N LEU F 133 -9.04 -6.65 68.60
CA LEU F 133 -8.98 -5.80 69.78
C LEU F 133 -9.62 -6.48 70.98
N LEU F 134 -9.34 -5.92 72.15
CA LEU F 134 -9.85 -6.41 73.41
C LEU F 134 -9.84 -5.21 74.34
N MET F 135 -10.76 -4.29 74.08
CA MET F 135 -10.88 -3.07 74.85
C MET F 135 -11.52 -3.37 76.22
N SER F 136 -11.20 -2.54 77.22
CA SER F 136 -11.76 -2.69 78.57
C SER F 136 -13.06 -1.88 78.69
N PRO F 137 -13.84 -2.12 79.75
CA PRO F 137 -15.11 -1.41 79.95
C PRO F 137 -15.13 0.10 79.71
N GLN F 138 -14.02 0.78 80.01
CA GLN F 138 -13.96 2.25 79.86
C GLN F 138 -13.22 2.79 78.64
N GLY F 139 -12.79 1.89 77.76
CA GLY F 139 -12.08 2.31 76.56
C GLY F 139 -10.62 1.88 76.57
N GLN F 140 -10.13 1.54 77.76
CA GLN F 140 -8.75 1.12 77.93
C GLN F 140 -8.42 -0.07 77.04
N VAL F 141 -7.80 0.20 75.90
CA VAL F 141 -7.45 -0.87 75.00
C VAL F 141 -6.35 -1.74 75.59
N LEU F 142 -6.63 -3.04 75.60
CA LEU F 142 -5.70 -4.00 76.15
C LEU F 142 -4.96 -4.68 74.99
N SER F 143 -5.66 -5.56 74.27
CA SER F 143 -5.07 -6.25 73.14
C SER F 143 -5.41 -5.55 71.83
N ALA F 144 -4.44 -5.45 70.93
CA ALA F 144 -4.64 -4.79 69.65
C ALA F 144 -3.56 -5.13 68.63
N HIS F 145 -3.99 -5.50 67.43
CA HIS F 145 -3.08 -5.79 66.33
C HIS F 145 -3.87 -6.11 65.06
N VAL F 146 -3.24 -5.84 63.92
CA VAL F 146 -3.83 -6.10 62.61
C VAL F 146 -3.02 -7.11 61.81
N SER F 147 -3.70 -8.12 61.28
CA SER F 147 -3.02 -9.12 60.49
C SER F 147 -3.44 -8.92 59.05
N GLY F 148 -2.53 -8.36 58.25
CA GLY F 148 -2.83 -8.10 56.85
C GLY F 148 -2.02 -8.82 55.78
N ARG F 149 -2.45 -8.64 54.54
CA ARG F 149 -1.80 -9.28 53.40
C ARG F 149 -2.26 -8.55 52.14
N VAL F 150 -1.35 -8.32 51.21
CA VAL F 150 -1.67 -7.64 49.97
C VAL F 150 -1.67 -8.65 48.83
N VAL F 151 -2.83 -8.92 48.27
CA VAL F 151 -2.92 -9.87 47.18
C VAL F 151 -2.96 -9.14 45.86
N MET F 152 -2.53 -9.80 44.78
CA MET F 152 -2.52 -9.15 43.47
C MET F 152 -2.84 -10.06 42.30
N LYS F 153 -3.77 -9.60 41.45
CA LYS F 153 -4.13 -10.34 40.25
C LYS F 153 -3.37 -9.63 39.14
N SER F 154 -2.49 -10.32 38.44
CA SER F 154 -1.74 -9.69 37.37
C SER F 154 -2.18 -10.13 36.00
N TYR F 155 -2.51 -9.16 35.17
CA TYR F 155 -2.92 -9.43 33.81
C TYR F 155 -2.09 -8.49 32.97
N LEU F 156 -0.77 -8.63 33.10
CA LEU F 156 0.16 -7.80 32.36
C LEU F 156 0.91 -8.70 31.36
N SER F 157 1.08 -8.18 30.14
CA SER F 157 1.73 -8.92 29.07
C SER F 157 3.23 -9.00 29.17
N GLY F 158 3.76 -10.22 29.21
CA GLY F 158 5.19 -10.41 29.28
C GLY F 158 5.77 -10.50 30.68
N MET F 159 6.76 -9.64 30.94
CA MET F 159 7.41 -9.59 32.24
C MET F 159 7.78 -8.16 32.58
N PRO F 160 6.79 -7.28 32.69
CA PRO F 160 7.05 -5.88 33.01
C PRO F 160 7.61 -5.73 34.42
N GLU F 161 8.59 -4.85 34.58
CA GLU F 161 9.14 -4.61 35.90
C GLU F 161 8.22 -3.61 36.61
N CYS F 162 7.90 -3.90 37.87
CA CYS F 162 6.99 -3.05 38.62
C CYS F 162 7.55 -2.54 39.93
N LYS F 163 7.08 -1.37 40.36
CA LYS F 163 7.51 -0.76 41.62
C LYS F 163 6.28 -0.39 42.44
N PHE F 164 6.06 -1.12 43.54
CA PHE F 164 4.91 -0.86 44.42
C PHE F 164 5.32 0.10 45.53
N GLY F 165 4.51 1.12 45.77
CA GLY F 165 4.82 2.08 46.83
C GLY F 165 3.64 2.47 47.69
N MET F 166 3.87 2.62 48.99
CA MET F 166 2.80 2.99 49.90
C MET F 166 3.20 4.12 50.80
N ASN F 167 2.23 4.55 51.61
CA ASN F 167 2.42 5.64 52.55
C ASN F 167 3.49 5.22 53.55
N ASP F 168 4.50 6.08 53.71
CA ASP F 168 5.63 5.85 54.62
C ASP F 168 6.07 4.36 54.67
N ASP F 195 6.93 -6.26 61.45
CA ASP F 195 7.55 -7.34 60.67
C ASP F 195 6.69 -7.58 59.44
N CYS F 196 7.18 -8.42 58.53
CA CYS F 196 6.47 -8.75 57.30
C CYS F 196 7.26 -9.63 56.37
N THR F 197 6.56 -10.35 55.52
CA THR F 197 7.18 -11.26 54.56
C THR F 197 6.94 -10.68 53.17
N PHE F 198 7.55 -11.28 52.15
CA PHE F 198 7.37 -10.82 50.76
C PHE F 198 7.43 -11.99 49.78
N HIS F 199 6.64 -11.92 48.73
CA HIS F 199 6.65 -13.01 47.75
C HIS F 199 8.05 -13.09 47.15
N GLN F 200 8.54 -14.32 46.96
CA GLN F 200 9.88 -14.54 46.42
C GLN F 200 10.32 -13.55 45.34
N CYS F 201 9.47 -13.37 44.34
CA CYS F 201 9.76 -12.47 43.22
C CYS F 201 10.08 -11.03 43.62
N VAL F 202 10.03 -10.73 44.91
CA VAL F 202 10.34 -9.38 45.35
C VAL F 202 11.83 -9.15 45.56
N ARG F 203 12.37 -8.17 44.86
CA ARG F 203 13.78 -7.83 45.00
C ARG F 203 13.94 -7.12 46.33
N LEU F 204 14.95 -7.50 47.11
CA LEU F 204 15.19 -6.88 48.42
C LEU F 204 15.53 -5.37 48.30
N SER F 205 14.65 -4.48 48.78
CA SER F 205 14.89 -3.02 48.72
C SER F 205 13.89 -2.13 49.50
N ARG F 211 8.68 4.70 51.13
CA ARG F 211 9.57 3.67 50.51
C ARG F 211 8.77 2.87 49.49
N SER F 212 9.46 2.01 48.74
CA SER F 212 8.81 1.20 47.71
C SER F 212 9.58 -0.08 47.33
N ILE F 213 8.85 -1.15 47.06
CA ILE F 213 9.47 -2.42 46.68
C ILE F 213 9.34 -2.66 45.17
N SER F 214 10.32 -3.36 44.59
CA SER F 214 10.30 -3.65 43.16
C SER F 214 10.11 -5.15 42.93
N PHE F 215 9.71 -5.53 41.71
CA PHE F 215 9.50 -6.94 41.40
C PHE F 215 8.96 -7.22 39.99
N ILE F 216 9.06 -8.48 39.58
CA ILE F 216 8.54 -8.94 38.30
C ILE F 216 7.39 -9.87 38.68
N PRO F 217 6.15 -9.39 38.59
CA PRO F 217 4.91 -10.09 38.93
C PRO F 217 4.65 -11.38 38.20
N PRO F 218 4.49 -12.47 38.95
CA PRO F 218 4.23 -13.78 38.34
C PRO F 218 2.85 -13.58 37.75
N ASP F 219 2.47 -14.35 36.74
CA ASP F 219 1.14 -14.16 36.19
C ASP F 219 0.08 -14.81 37.04
N GLY F 220 -1.11 -14.23 37.02
CA GLY F 220 -2.19 -14.77 37.82
C GLY F 220 -2.33 -14.01 39.13
N GLU F 221 -2.69 -14.73 40.18
CA GLU F 221 -2.90 -14.14 41.50
C GLU F 221 -1.88 -14.65 42.50
N PHE F 222 -1.38 -13.76 43.37
CA PHE F 222 -0.41 -14.16 44.38
C PHE F 222 -0.40 -13.18 45.54
N GLU F 223 0.18 -13.60 46.66
CA GLU F 223 0.26 -12.74 47.82
C GLU F 223 1.55 -11.96 47.72
N LEU F 224 1.46 -10.76 47.17
CA LEU F 224 2.64 -9.90 47.00
C LEU F 224 3.41 -9.82 48.31
N MET F 225 2.70 -9.49 49.38
CA MET F 225 3.33 -9.39 50.67
C MET F 225 2.36 -9.60 51.82
N ARG F 226 2.92 -9.82 53.00
CA ARG F 226 2.15 -10.02 54.21
C ARG F 226 2.75 -9.09 55.23
N TYR F 227 2.06 -8.85 56.32
CA TYR F 227 2.56 -7.97 57.37
C TYR F 227 1.66 -7.99 58.59
N ARG F 228 2.08 -7.28 59.62
CA ARG F 228 1.32 -7.21 60.86
C ARG F 228 1.76 -5.97 61.62
N THR F 229 0.79 -5.14 62.02
CA THR F 229 1.10 -3.92 62.75
C THR F 229 0.36 -3.87 64.06
N THR F 230 0.82 -2.99 64.94
CA THR F 230 0.23 -2.82 66.26
C THR F 230 0.17 -1.35 66.68
N LYS F 231 0.98 -0.52 66.02
CA LYS F 231 1.01 0.90 66.34
C LYS F 231 0.04 1.72 65.49
N ASP F 232 -0.53 2.76 66.10
CA ASP F 232 -1.43 3.68 65.40
C ASP F 232 -2.63 3.09 64.68
N ILE F 233 -3.09 1.92 65.12
CA ILE F 233 -4.22 1.29 64.48
C ILE F 233 -5.51 2.10 64.64
N ILE F 234 -6.32 2.13 63.57
CA ILE F 234 -7.59 2.82 63.59
C ILE F 234 -8.64 1.81 64.04
N LEU F 235 -9.37 2.15 65.09
CA LEU F 235 -10.42 1.28 65.60
C LEU F 235 -11.75 1.70 64.97
N PRO F 236 -12.27 0.91 64.03
CA PRO F 236 -13.53 1.22 63.37
C PRO F 236 -14.60 1.69 64.34
N PHE F 237 -15.04 0.78 65.20
CA PHE F 237 -16.07 1.11 66.18
C PHE F 237 -15.49 1.16 67.60
N ARG F 238 -16.23 1.80 68.50
CA ARG F 238 -15.86 1.93 69.90
C ARG F 238 -17.14 1.50 70.60
N VAL F 239 -17.02 0.64 71.60
CA VAL F 239 -18.22 0.18 72.31
C VAL F 239 -18.33 0.71 73.75
N ILE F 240 -19.43 1.39 74.02
CA ILE F 240 -19.69 1.93 75.34
C ILE F 240 -20.73 1.02 75.99
N PRO F 241 -20.27 0.02 76.75
CA PRO F 241 -21.15 -0.94 77.43
C PRO F 241 -21.56 -0.46 78.82
N LEU F 242 -22.85 -0.55 79.11
CA LEU F 242 -23.36 -0.14 80.42
C LEU F 242 -24.41 -1.12 80.96
N VAL F 243 -23.99 -1.95 81.91
CA VAL F 243 -24.85 -2.94 82.51
C VAL F 243 -25.06 -2.64 84.00
N ARG F 244 -26.32 -2.58 84.40
CA ARG F 244 -26.66 -2.30 85.79
C ARG F 244 -27.50 -3.43 86.39
N GLU F 245 -27.40 -3.59 87.71
CA GLU F 245 -28.15 -4.62 88.44
C GLU F 245 -29.26 -4.02 89.33
N VAL F 246 -30.48 -4.51 89.13
CA VAL F 246 -31.64 -4.04 89.90
C VAL F 246 -32.26 -5.26 90.63
N GLY F 247 -31.74 -5.55 91.82
CA GLY F 247 -32.23 -6.69 92.58
C GLY F 247 -31.63 -7.96 92.02
N ARG F 248 -32.45 -9.00 91.90
CA ARG F 248 -31.96 -10.26 91.35
C ARG F 248 -32.60 -10.56 90.00
N THR F 249 -33.92 -10.36 89.91
CA THR F 249 -34.65 -10.60 88.65
C THR F 249 -34.32 -9.60 87.53
N LYS F 250 -34.03 -8.35 87.92
CA LYS F 250 -33.69 -7.32 86.94
C LYS F 250 -32.19 -7.07 86.71
N LEU F 251 -31.86 -6.87 85.43
CA LEU F 251 -30.51 -6.62 84.94
C LEU F 251 -30.68 -5.75 83.69
N GLU F 252 -30.34 -4.47 83.82
CA GLU F 252 -30.45 -3.51 82.71
C GLU F 252 -29.19 -3.47 81.84
N VAL F 253 -29.38 -3.19 80.55
CA VAL F 253 -28.24 -3.13 79.65
C VAL F 253 -28.46 -2.11 78.57
N LYS F 254 -27.47 -1.24 78.40
CA LYS F 254 -27.53 -0.21 77.37
C LYS F 254 -26.16 -0.12 76.72
N VAL F 255 -26.05 -0.62 75.50
CA VAL F 255 -24.79 -0.57 74.79
C VAL F 255 -24.91 0.35 73.58
N VAL F 256 -23.90 1.20 73.42
CA VAL F 256 -23.88 2.15 72.32
C VAL F 256 -22.58 2.01 71.54
N ILE F 257 -22.68 1.98 70.22
CA ILE F 257 -21.51 1.84 69.38
C ILE F 257 -21.30 3.12 68.59
N LYS F 258 -20.04 3.55 68.49
CA LYS F 258 -19.71 4.75 67.75
C LYS F 258 -18.87 4.41 66.53
N SER F 259 -19.37 4.76 65.34
CA SER F 259 -18.65 4.50 64.11
C SER F 259 -17.50 5.51 64.08
N ASN F 260 -16.32 5.05 63.71
CA ASN F 260 -15.17 5.93 63.70
C ASN F 260 -14.38 5.95 62.38
N PHE F 261 -14.82 6.81 61.45
CA PHE F 261 -14.17 6.95 60.15
C PHE F 261 -14.93 7.96 59.30
N LYS F 262 -14.31 8.41 58.21
CA LYS F 262 -14.92 9.40 57.34
C LYS F 262 -16.38 9.07 57.15
N PRO F 263 -17.26 10.05 57.40
CA PRO F 263 -18.71 9.89 57.27
C PRO F 263 -19.15 9.33 55.91
N SER F 264 -18.30 9.53 54.91
CA SER F 264 -18.58 9.08 53.55
C SER F 264 -18.52 7.57 53.38
N LEU F 265 -17.74 6.89 54.21
CA LEU F 265 -17.59 5.44 54.11
C LEU F 265 -18.58 4.69 55.00
N LEU F 266 -19.17 3.63 54.46
CA LEU F 266 -20.12 2.83 55.20
C LEU F 266 -19.61 1.42 55.48
N ALA F 267 -19.62 1.03 56.74
CA ALA F 267 -19.17 -0.30 57.10
C ALA F 267 -20.43 -1.14 57.04
N GLN F 268 -20.36 -2.29 56.38
CA GLN F 268 -21.54 -3.15 56.29
C GLN F 268 -21.34 -4.45 57.06
N LYS F 269 -22.33 -5.33 56.93
CA LYS F 269 -22.30 -6.60 57.63
C LYS F 269 -21.79 -6.39 59.04
N ILE F 270 -22.62 -5.77 59.88
CA ILE F 270 -22.24 -5.52 61.27
C ILE F 270 -22.94 -6.49 62.18
N GLU F 271 -22.24 -6.94 63.21
CA GLU F 271 -22.80 -7.90 64.15
C GLU F 271 -22.29 -7.60 65.56
N VAL F 272 -23.23 -7.45 66.49
CA VAL F 272 -22.91 -7.20 67.89
C VAL F 272 -23.43 -8.38 68.72
N ARG F 273 -22.57 -8.91 69.58
CA ARG F 273 -22.93 -10.04 70.44
C ARG F 273 -22.85 -9.70 71.93
N ILE F 274 -24.01 -9.55 72.55
CA ILE F 274 -24.09 -9.25 73.97
C ILE F 274 -24.49 -10.52 74.77
N PRO F 275 -23.57 -11.02 75.62
CA PRO F 275 -23.72 -12.22 76.48
C PRO F 275 -24.67 -12.08 77.68
N THR F 276 -25.71 -12.92 77.70
CA THR F 276 -26.69 -12.92 78.79
C THR F 276 -26.33 -13.94 79.87
N PRO F 277 -26.66 -13.66 81.14
CA PRO F 277 -26.35 -14.62 82.20
C PRO F 277 -26.98 -15.97 81.84
N LEU F 278 -26.63 -17.01 82.58
CA LEU F 278 -27.17 -18.35 82.32
C LEU F 278 -28.59 -18.46 82.91
N ASN F 279 -28.80 -17.78 84.04
CA ASN F 279 -30.06 -17.76 84.77
C ASN F 279 -31.10 -16.84 84.12
N THR F 280 -30.90 -16.55 82.84
CA THR F 280 -31.82 -15.69 82.11
C THR F 280 -33.18 -16.35 81.99
N SER F 281 -34.23 -15.65 82.44
CA SER F 281 -35.60 -16.16 82.38
C SER F 281 -36.35 -15.52 81.20
N GLY F 282 -36.19 -14.20 81.05
CA GLY F 282 -36.84 -13.47 79.97
C GLY F 282 -36.04 -12.24 79.60
N VAL F 283 -35.93 -11.94 78.31
CA VAL F 283 -35.18 -10.77 77.86
C VAL F 283 -35.97 -9.91 76.86
N GLN F 284 -35.96 -8.59 77.11
CA GLN F 284 -36.66 -7.61 76.26
C GLN F 284 -35.66 -6.62 75.65
N VAL F 285 -35.63 -6.51 74.32
CA VAL F 285 -34.69 -5.63 73.64
C VAL F 285 -35.33 -4.49 72.90
N ILE F 286 -34.56 -3.42 72.74
CA ILE F 286 -35.01 -2.23 72.04
C ILE F 286 -33.85 -1.67 71.22
N CYS F 287 -34.12 -1.38 69.95
CA CYS F 287 -33.11 -0.81 69.07
C CYS F 287 -33.83 -0.09 67.92
N MET F 288 -33.40 1.13 67.62
CA MET F 288 -34.02 1.92 66.56
C MET F 288 -33.49 1.52 65.19
N LYS F 289 -32.24 1.05 65.16
CA LYS F 289 -31.58 0.67 63.93
C LYS F 289 -31.29 -0.82 63.83
N GLY F 290 -31.39 -1.38 62.62
CA GLY F 290 -31.13 -2.80 62.44
C GLY F 290 -32.12 -3.64 63.22
N LYS F 291 -31.76 -4.88 63.50
CA LYS F 291 -32.65 -5.78 64.25
C LYS F 291 -31.80 -6.60 65.22
N ALA F 292 -32.41 -6.98 66.35
CA ALA F 292 -31.70 -7.76 67.37
C ALA F 292 -32.58 -8.82 68.04
N LYS F 293 -32.12 -10.07 67.98
CA LYS F 293 -32.83 -11.19 68.60
C LYS F 293 -32.05 -11.72 69.79
N TYR F 294 -32.71 -12.49 70.66
CA TYR F 294 -32.02 -13.06 71.80
C TYR F 294 -31.95 -14.56 71.62
N LYS F 295 -30.88 -15.04 70.98
CA LYS F 295 -30.70 -16.48 70.78
C LYS F 295 -30.21 -17.03 72.14
N ALA F 296 -31.13 -17.59 72.93
CA ALA F 296 -30.80 -18.13 74.25
C ALA F 296 -29.93 -19.37 74.10
N SER F 297 -30.10 -20.06 72.97
CA SER F 297 -29.35 -21.27 72.67
C SER F 297 -27.85 -20.96 72.73
N GLU F 298 -27.53 -19.67 72.74
CA GLU F 298 -26.15 -19.20 72.79
C GLU F 298 -25.91 -18.26 73.97
N ASN F 299 -26.95 -17.99 74.73
CA ASN F 299 -26.88 -17.09 75.88
C ASN F 299 -26.30 -15.74 75.49
N ALA F 300 -26.93 -15.12 74.51
CA ALA F 300 -26.47 -13.83 74.03
C ALA F 300 -27.49 -13.24 73.08
N ILE F 301 -27.51 -11.91 73.02
CA ILE F 301 -28.41 -11.21 72.12
C ILE F 301 -27.58 -10.82 70.90
N VAL F 302 -28.10 -11.18 69.72
CA VAL F 302 -27.43 -10.87 68.48
C VAL F 302 -28.07 -9.66 67.80
N TRP F 303 -27.26 -8.65 67.55
CA TRP F 303 -27.72 -7.42 66.92
C TRP F 303 -27.12 -7.29 65.54
N LYS F 304 -27.96 -7.33 64.52
CA LYS F 304 -27.48 -7.24 63.15
C LYS F 304 -27.91 -5.92 62.51
N ILE F 305 -26.92 -5.18 61.98
CA ILE F 305 -27.16 -3.88 61.33
C ILE F 305 -26.71 -3.91 59.88
N LYS F 306 -27.65 -3.77 58.96
CA LYS F 306 -27.37 -3.78 57.52
C LYS F 306 -26.06 -3.08 57.13
N ARG F 307 -25.91 -1.83 57.57
CA ARG F 307 -24.71 -1.06 57.31
C ARG F 307 -24.75 0.21 58.15
N MET F 308 -23.59 0.85 58.32
CA MET F 308 -23.55 2.07 59.11
C MET F 308 -22.51 3.03 58.61
N ALA F 309 -22.90 4.30 58.53
CA ALA F 309 -22.01 5.36 58.05
C ALA F 309 -20.92 5.68 59.06
N GLY F 310 -20.07 6.65 58.70
CA GLY F 310 -19.00 7.07 59.59
C GLY F 310 -19.49 8.10 60.58
N MET F 311 -18.69 8.38 61.60
CA MET F 311 -19.06 9.35 62.61
C MET F 311 -20.55 9.32 62.90
N LYS F 312 -20.96 8.29 63.63
CA LYS F 312 -22.35 8.12 63.99
C LYS F 312 -22.43 7.18 65.18
N GLU F 313 -23.53 7.23 65.90
CA GLU F 313 -23.71 6.36 67.03
C GLU F 313 -25.04 5.65 66.87
N SER F 314 -25.16 4.50 67.52
CA SER F 314 -26.39 3.72 67.48
C SER F 314 -26.49 3.05 68.84
N GLN F 315 -27.71 2.81 69.28
CA GLN F 315 -27.90 2.24 70.60
C GLN F 315 -28.87 1.07 70.59
N ILE F 316 -28.66 0.18 71.55
CA ILE F 316 -29.48 -0.98 71.75
C ILE F 316 -29.54 -1.16 73.26
N SER F 317 -30.75 -1.35 73.78
CA SER F 317 -30.93 -1.52 75.22
C SER F 317 -31.87 -2.71 75.47
N ALA F 318 -31.71 -3.36 76.62
CA ALA F 318 -32.53 -4.50 76.94
C ALA F 318 -32.57 -4.81 78.44
N GLU F 319 -33.71 -5.33 78.89
CA GLU F 319 -33.91 -5.71 80.28
C GLU F 319 -33.89 -7.24 80.34
N ILE F 320 -33.02 -7.75 81.21
CA ILE F 320 -32.86 -9.20 81.39
C ILE F 320 -33.47 -9.69 82.71
N GLU F 321 -34.40 -10.65 82.60
CA GLU F 321 -35.05 -11.27 83.75
C GLU F 321 -34.18 -12.43 84.26
N LEU F 322 -34.05 -12.53 85.57
CA LEU F 322 -33.22 -13.59 86.16
C LEU F 322 -33.98 -14.43 87.19
N LEU F 323 -33.76 -15.75 87.13
CA LEU F 323 -34.37 -16.68 88.08
C LEU F 323 -33.36 -16.77 89.23
N PRO F 324 -33.83 -16.69 90.50
CA PRO F 324 -32.98 -16.75 91.70
C PRO F 324 -31.84 -17.80 91.68
N THR F 325 -30.66 -17.41 92.15
CA THR F 325 -29.51 -18.33 92.13
C THR F 325 -29.41 -19.28 93.33
N ASN F 326 -28.95 -20.50 93.02
CA ASN F 326 -28.72 -21.58 93.98
C ASN F 326 -27.19 -21.82 94.20
N ASP F 327 -26.42 -20.77 93.94
CA ASP F 327 -24.95 -20.73 94.12
C ASP F 327 -24.62 -19.27 94.49
N LYS F 328 -23.44 -18.80 94.08
CA LYS F 328 -23.05 -17.41 94.34
C LYS F 328 -23.89 -16.43 93.48
N LYS F 329 -24.34 -15.33 94.11
CA LYS F 329 -25.11 -14.31 93.41
C LYS F 329 -24.10 -13.54 92.53
N LYS F 330 -23.40 -14.27 91.64
CA LYS F 330 -22.37 -13.72 90.73
C LYS F 330 -22.40 -14.33 89.30
N TRP F 331 -22.06 -13.49 88.31
CA TRP F 331 -21.99 -13.90 86.89
C TRP F 331 -20.77 -13.22 86.21
N ALA F 332 -19.74 -14.04 85.95
CA ALA F 332 -18.54 -13.57 85.26
C ALA F 332 -19.06 -13.21 83.87
N ARG F 333 -18.71 -12.02 83.39
CA ARG F 333 -19.22 -11.57 82.10
C ARG F 333 -18.31 -11.71 80.87
N PRO F 334 -18.68 -12.63 79.95
CA PRO F 334 -17.87 -12.84 78.73
C PRO F 334 -17.86 -11.51 77.96
N PRO F 335 -16.69 -11.05 77.47
CA PRO F 335 -16.69 -9.77 76.73
C PRO F 335 -17.67 -9.71 75.55
N ILE F 336 -18.11 -8.51 75.20
CA ILE F 336 -19.04 -8.32 74.10
C ILE F 336 -18.28 -8.35 72.77
N SER F 337 -18.52 -9.40 71.98
CA SER F 337 -17.84 -9.54 70.69
C SER F 337 -18.51 -8.66 69.64
N MET F 338 -17.80 -8.47 68.52
CA MET F 338 -18.31 -7.66 67.43
C MET F 338 -17.67 -8.08 66.12
N ASN F 339 -18.49 -8.12 65.08
CA ASN F 339 -17.99 -8.47 63.76
C ASN F 339 -18.48 -7.47 62.74
N PHE F 340 -17.67 -7.24 61.70
CA PHE F 340 -18.02 -6.27 60.68
C PHE F 340 -17.17 -6.34 59.42
N GLU F 341 -17.07 -5.21 58.74
CA GLU F 341 -16.28 -5.10 57.52
C GLU F 341 -16.27 -3.64 57.10
N VAL F 342 -15.09 -3.05 57.10
CA VAL F 342 -14.94 -1.66 56.71
C VAL F 342 -14.09 -1.54 55.45
N PRO F 343 -14.51 -0.67 54.53
CA PRO F 343 -13.86 -0.43 53.26
C PRO F 343 -12.54 0.30 53.33
N PHE F 344 -11.77 0.09 54.38
CA PHE F 344 -10.49 0.78 54.48
C PHE F 344 -9.46 -0.06 55.21
N ALA F 345 -8.22 0.44 55.24
CA ALA F 345 -7.11 -0.25 55.90
C ALA F 345 -7.02 0.11 57.38
N PRO F 346 -7.52 -0.77 58.26
CA PRO F 346 -7.49 -0.52 59.70
C PRO F 346 -6.11 -0.20 60.24
N SER F 347 -5.07 -0.52 59.49
CA SER F 347 -3.72 -0.25 59.93
C SER F 347 -3.27 1.16 59.54
N GLY F 348 -3.96 1.74 58.57
CA GLY F 348 -3.59 3.08 58.13
C GLY F 348 -2.84 3.00 56.82
N LEU F 349 -2.55 1.78 56.39
CA LEU F 349 -1.83 1.55 55.15
C LEU F 349 -2.69 1.97 53.98
N LYS F 350 -2.11 2.73 53.06
CA LYS F 350 -2.80 3.18 51.88
C LYS F 350 -1.85 3.00 50.71
N VAL F 351 -2.35 2.53 49.57
CA VAL F 351 -1.51 2.31 48.40
C VAL F 351 -1.33 3.62 47.65
N ARG F 352 -0.08 3.99 47.42
CA ARG F 352 0.19 5.24 46.75
C ARG F 352 0.40 5.09 45.25
N TYR F 353 0.90 3.94 44.83
CA TYR F 353 1.14 3.76 43.42
C TYR F 353 1.72 2.41 43.07
N LEU F 354 1.50 1.98 41.82
CA LEU F 354 2.08 0.72 41.35
C LEU F 354 2.51 0.92 39.91
N LYS F 355 3.76 1.34 39.75
CA LYS F 355 4.35 1.57 38.42
C LYS F 355 4.56 0.24 37.69
N VAL F 356 4.24 0.23 36.40
CA VAL F 356 4.39 -0.95 35.56
C VAL F 356 5.16 -0.55 34.31
N PHE F 357 6.18 -1.32 33.96
CA PHE F 357 6.98 -1.00 32.80
C PHE F 357 7.48 -2.23 32.06
N GLU F 358 7.12 -2.33 30.79
CA GLU F 358 7.54 -3.45 29.95
C GLU F 358 8.65 -2.97 29.01
N PRO F 359 9.82 -3.60 29.12
CA PRO F 359 10.99 -3.14 28.36
C PRO F 359 10.90 -3.61 26.92
N LYS F 360 10.62 -4.90 26.78
CA LYS F 360 10.43 -5.56 25.49
C LYS F 360 9.27 -4.97 24.73
N LEU F 361 8.06 -5.17 25.26
CA LEU F 361 6.88 -4.59 24.66
C LEU F 361 6.94 -3.07 24.80
N ASN F 362 5.94 -2.39 24.24
CA ASN F 362 5.90 -0.92 24.29
C ASN F 362 5.24 -0.21 25.50
N TYR F 363 4.30 -0.86 26.19
CA TYR F 363 3.50 -0.20 27.21
C TYR F 363 4.19 0.26 28.50
N SER F 364 3.66 1.37 28.99
CA SER F 364 4.09 2.03 30.22
C SER F 364 2.81 2.21 31.03
N ASP F 365 2.93 2.75 32.23
CA ASP F 365 1.76 2.95 33.07
C ASP F 365 0.55 3.44 32.27
N HIS F 366 0.76 4.51 31.50
CA HIS F 366 -0.31 5.10 30.70
C HIS F 366 -1.21 4.07 30.03
N ASP F 367 -0.65 2.91 29.72
CA ASP F 367 -1.40 1.86 29.05
C ASP F 367 -2.07 0.86 29.98
N VAL F 368 -1.73 0.91 31.28
CA VAL F 368 -2.28 -0.03 32.24
C VAL F 368 -3.44 0.48 33.08
N ILE F 369 -4.44 -0.38 33.26
CA ILE F 369 -5.62 -0.06 34.04
C ILE F 369 -5.42 -0.65 35.42
N LYS F 370 -5.38 0.21 36.43
CA LYS F 370 -5.14 -0.27 37.79
C LYS F 370 -6.34 -0.15 38.71
N TRP F 371 -6.70 -1.26 39.36
CA TRP F 371 -7.83 -1.29 40.30
C TRP F 371 -7.40 -1.67 41.73
N VAL F 372 -7.82 -0.90 42.72
CA VAL F 372 -7.47 -1.18 44.11
C VAL F 372 -8.73 -1.41 44.90
N ARG F 373 -8.58 -1.87 46.13
CA ARG F 373 -9.72 -2.12 47.01
C ARG F 373 -9.29 -2.57 48.38
N TYR F 374 -9.71 -1.83 49.41
CA TYR F 374 -9.35 -2.20 50.76
C TYR F 374 -10.53 -2.89 51.40
N ILE F 375 -10.27 -4.03 52.05
CA ILE F 375 -11.32 -4.79 52.72
C ILE F 375 -10.91 -5.21 54.12
N GLY F 376 -11.12 -4.30 55.06
CA GLY F 376 -10.76 -4.57 56.44
C GLY F 376 -11.89 -5.29 57.14
N ARG F 377 -11.61 -6.51 57.59
CA ARG F 377 -12.60 -7.30 58.30
C ARG F 377 -12.26 -7.32 59.79
N SER F 378 -13.05 -7.99 60.60
CA SER F 378 -12.75 -8.02 62.03
C SER F 378 -12.62 -9.44 62.52
N GLY F 379 -11.66 -9.64 63.42
CA GLY F 379 -11.46 -10.95 64.01
C GLY F 379 -11.89 -10.94 65.47
N ILE F 380 -10.93 -11.02 66.36
CA ILE F 380 -11.20 -11.02 67.78
C ILE F 380 -11.37 -9.56 68.23
N TYR F 381 -12.58 -9.04 68.04
CA TYR F 381 -12.90 -7.66 68.40
C TYR F 381 -13.88 -7.72 69.56
N GLU F 382 -13.36 -7.64 70.79
CA GLU F 382 -14.22 -7.73 71.95
C GLU F 382 -13.98 -6.63 72.97
N THR F 383 -15.06 -6.18 73.59
CA THR F 383 -14.99 -5.14 74.61
C THR F 383 -15.40 -5.74 75.94
N ARG F 384 -14.54 -5.56 76.94
CA ARG F 384 -14.80 -6.06 78.30
C ARG F 384 -16.13 -5.49 78.77
N CYS F 385 -17.04 -6.38 79.14
CA CYS F 385 -18.37 -5.99 79.62
C CYS F 385 -18.29 -5.01 80.79
#